data_4I8D
#
_entry.id   4I8D
#
_cell.length_a   130.410
_cell.length_b   107.860
_cell.length_c   125.860
_cell.angle_alpha   90.000
_cell.angle_beta   115.590
_cell.angle_gamma   90.000
#
_symmetry.space_group_name_H-M   'C 1 2 1'
#
loop_
_entity.id
_entity.type
_entity.pdbx_description
1 polymer 'Beta-D-glucoside glucohydrolase'
2 branched alpha-D-mannopyranose-(1-2)-alpha-D-mannopyranose-(1-3)-[alpha-D-mannopyranose-(1-3)-[alpha-D-mannopyranose-(1-6)]alpha-D-mannopyranose-(1-6)]beta-D-mannopyranose-(1-4)-2-acetamido-2-deoxy-beta-D-glucopyranose-(1-4)-2-acetamido-2-deoxy-beta-D-glucopyranose
3 branched alpha-D-mannopyranose-(1-3)-beta-D-mannopyranose-(1-4)-2-acetamido-2-deoxy-beta-D-glucopyranose-(1-4)-2-acetamido-2-deoxy-beta-D-glucopyranose
4 non-polymer 2-acetamido-2-deoxy-beta-D-glucopyranose
5 non-polymer beta-D-glucopyranose
6 water water
#
_entity_poly.entity_id   1
_entity_poly.type   'polypeptide(L)'
_entity_poly.pdbx_seq_one_letter_code
;AVVPPAGTPWGTAYDKAKAALAKLNLQDKVGIVSGVGWNGGPCVGNTSPASKISYPSLCLQDGPLGVRYSTGSTAFTPGV
QAASTWDVNLIRERGQFIGEEVKASGIHVILGPVAGPLGKTPQGGRNWEGFGVDPYLTGIAMGQTINGIQSVGVQATAKH
YILNEQELNRETISSNPDDRTLHELYTWPFADAVQANVASVMCSYNKVNTTWACEDQYTLQTVLKDQLGFPGYVMTDWNA
QHTTVQSANSGLDMSMPGTDFNGNNRLWGPALTNAVNSNQVPTSRVDDMVTRILAAWYLTGQDQAGYPSFNISRNVQGNH
KTNVRAIARDGIVLLKNDANILPLKKPASIAVVGSAAIIGNHARNSPSCNDKGCDDGALGMGWGSGAVNYPYFVAPYDAI
NTRASSQGTQVTLSNTDNTSSGASAARGKDVAIVFITADSGEGYITVEGNAGDRNNLDPWHNGNALVQAVAGANSNVIVV
VHSVGAIILEQILALPQVKAVVWAGLPSQESGNALVDVLWGDVSPSGKLVYTIAKSPNDYNTRIVSGGSDSFSEGLFIDY
KHFDDANITPRYEFGYGLSYTKFNYSRLSVLSTAKSGPATGAVVPGGPSDLFQNVATVTVDIANSGQVTGAEVAQLYITY
PSSAPRTPPKQLRGFAKLNLTPGQSGTATFNIRRRDLSYWDTASQKWVVPSGSFGISVGASSRDIRLTSTLSVA
;
_entity_poly.pdbx_strand_id   A,B
#
# COMPACT_ATOMS: atom_id res chain seq x y z
N PRO A 4 17.96 -3.33 41.15
CA PRO A 4 18.64 -2.06 40.88
C PRO A 4 19.76 -1.79 41.90
N PRO A 5 21.00 -1.53 41.42
CA PRO A 5 22.16 -1.37 42.30
C PRO A 5 22.07 -0.12 43.19
N ALA A 6 22.65 -0.21 44.38
CA ALA A 6 22.69 0.92 45.31
C ALA A 6 23.74 1.95 44.87
N GLY A 7 23.60 3.17 45.38
CA GLY A 7 24.47 4.28 44.97
C GLY A 7 23.96 4.95 43.71
N THR A 8 23.14 4.22 42.96
CA THR A 8 22.51 4.73 41.74
C THR A 8 21.12 5.30 42.06
N PRO A 9 20.64 6.27 41.27
CA PRO A 9 19.38 6.97 41.57
C PRO A 9 18.19 6.06 41.89
N TRP A 10 17.98 5.01 41.08
CA TRP A 10 16.89 4.04 41.29
C TRP A 10 17.03 3.29 42.61
N GLY A 11 18.24 2.82 42.90
CA GLY A 11 18.55 2.06 44.12
C GLY A 11 18.09 2.79 45.38
N THR A 12 18.44 4.07 45.44
CA THR A 12 18.07 4.97 46.53
C THR A 12 16.55 5.10 46.70
N ALA A 13 15.85 5.14 45.57
CA ALA A 13 14.39 5.32 45.56
C ALA A 13 13.67 4.07 46.06
N TYR A 14 14.21 2.91 45.76
CA TYR A 14 13.64 1.63 46.19
C TYR A 14 13.68 1.45 47.71
N ASP A 15 14.73 1.98 48.33
CA ASP A 15 14.87 1.96 49.79
C ASP A 15 13.73 2.74 50.43
N LYS A 16 13.49 3.95 49.94
CA LYS A 16 12.36 4.78 50.39
C LYS A 16 11.00 4.15 50.06
N ALA A 17 10.94 3.43 48.93
CA ALA A 17 9.71 2.79 48.48
C ALA A 17 9.34 1.57 49.31
N LYS A 18 10.34 0.77 49.66
CA LYS A 18 10.13 -0.40 50.53
C LYS A 18 9.70 0.02 51.94
N ALA A 19 10.34 1.07 52.45
CA ALA A 19 10.05 1.63 53.77
C ALA A 19 8.63 2.19 53.87
N ALA A 20 8.15 2.80 52.79
CA ALA A 20 6.80 3.38 52.79
C ALA A 20 5.73 2.29 52.69
N LEU A 21 6.09 1.15 52.09
CA LEU A 21 5.17 0.04 51.86
C LEU A 21 4.68 -0.62 53.15
N ALA A 22 5.52 -0.57 54.18
CA ALA A 22 5.23 -1.17 55.49
C ALA A 22 3.99 -0.58 56.18
N LYS A 23 3.83 0.73 56.09
CA LYS A 23 2.72 1.46 56.73
C LYS A 23 1.34 1.19 56.13
N LEU A 24 1.30 0.49 54.99
CA LEU A 24 0.10 0.39 54.15
C LEU A 24 -0.67 -0.92 54.27
N ASN A 25 -1.99 -0.80 54.29
CA ASN A 25 -2.90 -1.94 54.20
C ASN A 25 -3.18 -2.27 52.73
N LEU A 26 -3.77 -3.44 52.50
CA LEU A 26 -4.23 -3.84 51.17
C LEU A 26 -5.16 -2.80 50.54
N GLN A 27 -6.03 -2.22 51.36
CA GLN A 27 -6.94 -1.16 50.91
C GLN A 27 -6.19 0.07 50.42
N ASP A 28 -5.06 0.37 51.05
CA ASP A 28 -4.18 1.46 50.62
C ASP A 28 -3.46 1.08 49.32
N LYS A 29 -3.02 -0.19 49.24
CA LYS A 29 -2.25 -0.69 48.09
C LYS A 29 -3.03 -0.71 46.78
N VAL A 30 -4.24 -1.27 46.80
CA VAL A 30 -5.07 -1.35 45.57
C VAL A 30 -5.61 0.03 45.15
N GLY A 31 -5.67 0.97 46.09
CA GLY A 31 -6.05 2.34 45.78
C GLY A 31 -4.92 3.10 45.12
N ILE A 32 -3.69 2.64 45.37
CA ILE A 32 -2.51 3.22 44.73
C ILE A 32 -2.44 2.78 43.27
N VAL A 33 -2.85 1.54 43.01
CA VAL A 33 -2.71 0.93 41.69
C VAL A 33 -3.98 1.03 40.82
N SER A 34 -5.10 1.32 41.44
CA SER A 34 -6.37 1.40 40.72
C SER A 34 -6.76 2.83 40.38
N GLY A 35 -7.01 3.06 39.09
CA GLY A 35 -7.54 4.33 38.64
C GLY A 35 -8.95 4.48 39.17
N VAL A 36 -9.30 5.70 39.56
CA VAL A 36 -10.62 6.00 40.12
C VAL A 36 -11.75 5.77 39.09
N GLY A 37 -11.41 5.88 37.80
CA GLY A 37 -12.35 5.64 36.71
C GLY A 37 -12.12 6.58 35.56
N TRP A 38 -12.82 6.35 34.46
CA TRP A 38 -12.79 7.26 33.33
C TRP A 38 -13.39 8.62 33.74
N ASN A 39 -12.52 9.63 33.79
CA ASN A 39 -12.89 10.98 34.26
C ASN A 39 -13.42 10.99 35.70
N GLY A 40 -12.88 10.11 36.53
CA GLY A 40 -13.27 10.03 37.94
C GLY A 40 -12.63 11.12 38.77
N GLY A 41 -11.44 11.56 38.36
CA GLY A 41 -10.72 12.62 39.03
C GLY A 41 -10.58 13.88 38.18
N PRO A 42 -9.89 14.91 38.71
CA PRO A 42 -9.72 16.19 38.01
C PRO A 42 -8.71 16.14 36.87
N CYS A 43 -7.92 15.06 36.82
CA CYS A 43 -6.92 14.88 35.78
C CYS A 43 -7.38 13.80 34.79
N VAL A 44 -6.58 13.61 33.73
CA VAL A 44 -6.81 12.54 32.76
C VAL A 44 -6.73 11.17 33.45
N GLY A 45 -5.76 11.04 34.36
CA GLY A 45 -5.66 9.85 35.21
C GLY A 45 -5.59 10.26 36.66
N ASN A 46 -6.18 9.44 37.53
CA ASN A 46 -6.11 9.63 38.99
C ASN A 46 -6.24 8.32 39.74
N THR A 47 -5.44 8.15 40.79
CA THR A 47 -5.58 7.00 41.72
C THR A 47 -6.01 7.47 43.12
N SER A 48 -6.38 6.53 43.98
CA SER A 48 -6.71 6.85 45.37
C SER A 48 -5.45 7.19 46.17
N PRO A 49 -5.57 8.19 47.07
CA PRO A 49 -4.44 8.57 47.92
C PRO A 49 -4.19 7.58 49.05
N ALA A 50 -2.98 7.62 49.59
CA ALA A 50 -2.64 6.88 50.80
C ALA A 50 -2.11 7.86 51.83
N SER A 51 -3.03 8.36 52.67
CA SER A 51 -2.71 9.41 53.65
C SER A 51 -1.71 8.99 54.74
N LYS A 52 -1.59 7.68 54.98
CA LYS A 52 -0.64 7.13 55.95
C LYS A 52 0.82 7.43 55.61
N ILE A 53 1.11 7.56 54.33
CA ILE A 53 2.47 7.87 53.86
C ILE A 53 2.51 9.19 53.10
N SER A 54 1.46 10.00 53.27
CA SER A 54 1.32 11.32 52.64
C SER A 54 1.41 11.24 51.12
N TYR A 55 1.01 10.09 50.60
CA TYR A 55 0.97 9.87 49.16
C TYR A 55 -0.36 10.41 48.62
N PRO A 56 -0.29 11.34 47.66
CA PRO A 56 -1.50 12.00 47.21
C PRO A 56 -2.26 11.18 46.16
N SER A 57 -3.43 11.69 45.77
CA SER A 57 -4.11 11.20 44.58
C SER A 57 -3.20 11.55 43.42
N LEU A 58 -2.65 10.53 42.78
CA LEU A 58 -1.69 10.72 41.69
C LEU A 58 -2.36 11.28 40.43
N CYS A 59 -1.85 12.42 39.96
CA CYS A 59 -2.43 13.14 38.83
C CYS A 59 -1.60 12.89 37.58
N LEU A 60 -2.24 12.27 36.58
CA LEU A 60 -1.58 11.93 35.32
C LEU A 60 -2.26 12.66 34.17
N GLN A 61 -1.45 13.24 33.29
CA GLN A 61 -1.96 14.09 32.22
C GLN A 61 -1.20 13.89 30.89
N ASP A 62 -1.93 14.05 29.78
CA ASP A 62 -1.35 14.16 28.45
C ASP A 62 -0.68 15.55 28.33
N GLY A 63 0.42 15.64 27.61
CA GLY A 63 1.08 14.50 26.97
C GLY A 63 2.44 14.87 26.41
N PRO A 64 2.87 14.17 25.34
CA PRO A 64 4.21 14.27 24.75
C PRO A 64 4.67 15.67 24.34
N LEU A 65 3.76 16.59 24.04
CA LEU A 65 4.15 17.93 23.60
C LEU A 65 3.61 19.08 24.47
N GLY A 66 3.14 18.74 25.67
CA GLY A 66 2.67 19.73 26.62
C GLY A 66 1.45 19.32 27.44
N VAL A 67 1.00 20.23 28.30
CA VAL A 67 -0.11 20.00 29.23
C VAL A 67 -1.44 20.09 28.51
N ARG A 68 -2.20 18.99 28.54
CA ARG A 68 -3.51 18.94 27.85
C ARG A 68 -4.66 19.54 28.67
N TYR A 69 -5.63 20.11 27.95
CA TYR A 69 -6.80 20.80 28.53
C TYR A 69 -6.43 22.02 29.40
N SER A 70 -5.23 22.57 29.21
CA SER A 70 -4.79 23.71 30.02
C SER A 70 -4.98 25.04 29.29
N THR A 71 -5.40 26.06 30.05
CA THR A 71 -5.68 27.37 29.46
C THR A 71 -4.51 28.37 29.55
N GLY A 72 -3.44 27.97 30.21
CA GLY A 72 -2.25 28.83 30.32
C GLY A 72 -0.97 28.08 30.00
N SER A 73 -1.03 27.28 28.94
CA SER A 73 0.02 26.32 28.63
C SER A 73 0.72 26.52 27.29
N THR A 74 1.97 26.08 27.22
CA THR A 74 2.72 26.08 25.97
C THR A 74 2.40 24.82 25.14
N ALA A 75 2.21 25.03 23.84
CA ALA A 75 2.09 23.94 22.88
C ALA A 75 3.46 23.73 22.23
N PHE A 76 4.21 22.78 22.75
CA PHE A 76 5.54 22.47 22.20
C PHE A 76 5.40 21.75 20.88
N THR A 77 6.41 21.88 20.02
CA THR A 77 6.40 21.17 18.75
C THR A 77 6.25 19.68 19.03
N PRO A 78 5.61 18.94 18.10
CA PRO A 78 5.65 17.49 18.22
C PRO A 78 7.07 16.96 18.25
N GLY A 79 7.25 15.80 18.86
CA GLY A 79 8.55 15.13 18.93
C GLY A 79 9.25 15.07 17.59
N VAL A 80 8.49 14.76 16.54
CA VAL A 80 9.09 14.59 15.21
C VAL A 80 9.82 15.85 14.72
N GLN A 81 9.30 17.03 15.08
CA GLN A 81 10.01 18.27 14.75
C GLN A 81 11.33 18.38 15.52
N ALA A 82 11.30 18.05 16.81
CA ALA A 82 12.51 18.08 17.65
C ALA A 82 13.58 17.19 17.05
N ALA A 83 13.21 15.96 16.69
CA ALA A 83 14.14 15.02 16.08
C ALA A 83 14.70 15.56 14.76
N SER A 84 13.87 16.32 14.04
CA SER A 84 14.30 16.88 12.74
C SER A 84 15.37 17.95 12.88
N THR A 85 15.54 18.50 14.09
CA THR A 85 16.61 19.45 14.37
C THR A 85 17.94 18.72 14.41
N TRP A 86 17.90 17.43 14.80
CA TRP A 86 19.08 16.62 15.04
C TRP A 86 19.96 17.23 16.13
N ASP A 87 19.33 17.90 17.08
CA ASP A 87 20.02 18.72 18.06
C ASP A 87 19.65 18.34 19.48
N VAL A 88 20.51 17.56 20.11
CA VAL A 88 20.22 16.99 21.42
C VAL A 88 19.99 18.07 22.49
N ASN A 89 20.72 19.17 22.37
CA ASN A 89 20.55 20.29 23.30
C ASN A 89 19.15 20.89 23.27
N LEU A 90 18.58 21.05 22.07
CA LEU A 90 17.19 21.50 21.91
C LEU A 90 16.20 20.44 22.36
N ILE A 91 16.59 19.18 22.23
CA ILE A 91 15.72 18.06 22.61
C ILE A 91 15.61 17.95 24.13
N ARG A 92 16.77 17.97 24.81
CA ARG A 92 16.81 17.98 26.26
CA ARG A 92 16.83 18.01 26.26
C ARG A 92 16.02 19.18 26.80
N GLU A 93 16.26 20.35 26.23
CA GLU A 93 15.60 21.58 26.66
C GLU A 93 14.10 21.45 26.58
N ARG A 94 13.63 20.93 25.44
CA ARG A 94 12.20 20.69 25.18
C ARG A 94 11.57 19.87 26.31
N GLY A 95 12.24 18.77 26.67
CA GLY A 95 11.79 17.94 27.79
C GLY A 95 11.82 18.66 29.14
N GLN A 96 12.86 19.45 29.37
CA GLN A 96 12.93 20.28 30.58
C GLN A 96 11.73 21.24 30.63
N PHE A 97 11.49 21.93 29.52
CA PHE A 97 10.45 22.96 29.47
C PHE A 97 9.06 22.38 29.64
N ILE A 98 8.82 21.20 29.08
CA ILE A 98 7.55 20.50 29.27
C ILE A 98 7.40 20.19 30.77
N GLY A 99 8.46 19.63 31.35
CA GLY A 99 8.47 19.23 32.76
C GLY A 99 8.13 20.34 33.73
N GLU A 100 8.69 21.52 33.48
CA GLU A 100 8.43 22.70 34.32
C GLU A 100 6.95 23.06 34.35
N GLU A 101 6.32 23.04 33.18
CA GLU A 101 4.90 23.38 33.06
C GLU A 101 4.01 22.34 33.70
N VAL A 102 4.52 21.11 33.78
CA VAL A 102 3.82 19.97 34.38
C VAL A 102 3.86 20.01 35.91
N LYS A 103 5.04 20.32 36.46
CA LYS A 103 5.19 20.53 37.90
C LYS A 103 4.34 21.72 38.36
N ALA A 104 4.48 22.86 37.68
CA ALA A 104 3.76 24.08 38.05
C ALA A 104 2.24 23.97 37.92
N SER A 105 1.76 23.12 37.01
CA SER A 105 0.33 22.86 36.87
C SER A 105 -0.16 21.79 37.84
N GLY A 106 0.75 21.28 38.68
CA GLY A 106 0.41 20.35 39.75
C GLY A 106 0.14 18.91 39.32
N ILE A 107 0.72 18.53 38.18
CA ILE A 107 0.61 17.17 37.64
C ILE A 107 1.87 16.36 37.96
N HIS A 108 1.70 15.13 38.43
CA HIS A 108 2.83 14.26 38.77
C HIS A 108 3.46 13.56 37.56
N VAL A 109 2.60 13.03 36.67
CA VAL A 109 3.07 12.21 35.54
C VAL A 109 2.65 12.78 34.20
N ILE A 110 3.64 13.01 33.35
CA ILE A 110 3.38 13.35 31.96
C ILE A 110 3.39 12.06 31.13
N LEU A 111 2.37 11.90 30.31
CA LEU A 111 2.21 10.68 29.52
C LEU A 111 3.00 10.79 28.22
N GLY A 112 4.32 10.62 28.34
CA GLY A 112 5.23 10.80 27.20
C GLY A 112 6.67 10.73 27.66
N PRO A 113 7.63 10.71 26.72
CA PRO A 113 7.49 10.87 25.29
C PRO A 113 7.27 9.52 24.56
N VAL A 114 7.33 9.55 23.23
CA VAL A 114 6.91 8.42 22.38
C VAL A 114 8.05 7.72 21.62
N ALA A 115 8.19 6.40 21.84
CA ALA A 115 9.11 5.55 21.08
C ALA A 115 8.33 4.48 20.30
N GLY A 116 7.03 4.40 20.57
CA GLY A 116 6.14 3.45 19.94
C GLY A 116 4.83 4.17 19.66
N PRO A 117 4.45 4.30 18.38
CA PRO A 117 5.13 3.71 17.23
C PRO A 117 6.49 4.33 16.92
N LEU A 118 7.44 3.49 16.56
CA LEU A 118 8.66 3.95 15.91
C LEU A 118 8.35 4.66 14.61
N GLY A 119 7.49 4.05 13.78
CA GLY A 119 6.98 4.71 12.56
C GLY A 119 7.33 4.00 11.26
N LYS A 120 7.04 2.70 11.19
CA LYS A 120 7.45 1.89 10.04
C LYS A 120 6.67 2.16 8.75
N THR A 121 5.44 2.66 8.89
CA THR A 121 4.58 2.95 7.75
C THR A 121 4.27 4.45 7.69
N PRO A 122 4.60 5.10 6.56
CA PRO A 122 4.40 6.54 6.48
C PRO A 122 2.96 6.98 6.70
N GLN A 123 1.99 6.08 6.47
CA GLN A 123 0.58 6.43 6.65
C GLN A 123 0.17 6.38 8.12
N GLY A 124 0.99 5.71 8.94
CA GLY A 124 0.74 5.58 10.38
C GLY A 124 0.33 6.92 10.95
N GLY A 125 -0.85 6.96 11.57
CA GLY A 125 -1.45 8.23 12.02
C GLY A 125 -0.75 8.96 13.16
N ARG A 126 -0.01 8.21 13.98
CA ARG A 126 0.60 8.73 15.22
C ARG A 126 2.13 8.91 15.17
N ASN A 127 2.76 8.61 14.03
CA ASN A 127 4.23 8.65 13.93
C ASN A 127 4.82 10.00 14.37
N TRP A 128 4.13 11.09 14.02
CA TRP A 128 4.58 12.46 14.30
C TRP A 128 4.82 12.70 15.79
N GLU A 129 4.10 11.98 16.64
CA GLU A 129 4.28 12.08 18.09
C GLU A 129 5.63 11.54 18.54
N GLY A 130 6.25 10.72 17.68
CA GLY A 130 7.52 10.04 18.00
C GLY A 130 8.75 10.82 17.60
N PHE A 131 9.79 10.11 17.18
CA PHE A 131 11.06 10.78 16.87
C PHE A 131 11.64 10.43 15.51
N GLY A 132 10.82 9.84 14.63
CA GLY A 132 11.29 9.44 13.32
C GLY A 132 11.52 7.94 13.33
N VAL A 133 12.01 7.43 12.22
CA VAL A 133 11.97 5.99 11.95
C VAL A 133 13.16 5.22 12.49
N ASP A 134 14.23 5.93 12.83
CA ASP A 134 15.48 5.27 13.19
C ASP A 134 15.57 5.01 14.70
N PRO A 135 15.76 3.73 15.10
CA PRO A 135 15.77 3.37 16.51
C PRO A 135 16.87 4.07 17.30
N TYR A 136 18.00 4.32 16.63
CA TYR A 136 19.13 5.00 17.27
C TYR A 136 18.80 6.46 17.59
N LEU A 137 18.36 7.22 16.58
CA LEU A 137 18.02 8.63 16.78
C LEU A 137 16.92 8.75 17.82
N THR A 138 15.85 8.00 17.59
CA THR A 138 14.72 7.94 18.51
C THR A 138 15.21 7.57 19.92
N GLY A 139 16.12 6.61 19.99
CA GLY A 139 16.73 6.22 21.25
C GLY A 139 17.39 7.37 22.00
N ILE A 140 18.32 8.06 21.32
CA ILE A 140 19.00 9.22 21.89
C ILE A 140 18.00 10.27 22.35
N ALA A 141 17.04 10.56 21.49
CA ALA A 141 15.99 11.56 21.75
C ALA A 141 15.09 11.17 22.92
N MET A 142 14.90 9.87 23.13
CA MET A 142 14.14 9.39 24.28
C MET A 142 14.96 9.69 25.54
N GLY A 143 16.23 9.28 25.50
CA GLY A 143 17.16 9.54 26.59
C GLY A 143 17.19 11.01 26.95
N GLN A 144 17.49 11.86 25.95
CA GLN A 144 17.62 13.30 26.16
C GLN A 144 16.36 13.92 26.73
N THR A 145 15.20 13.61 26.12
CA THR A 145 13.91 14.13 26.56
C THR A 145 13.58 13.73 28.00
N ILE A 146 13.76 12.47 28.32
CA ILE A 146 13.46 11.93 29.65
C ILE A 146 14.32 12.56 30.76
N ASN A 147 15.63 12.67 30.55
CA ASN A 147 16.48 13.42 31.46
C ASN A 147 15.92 14.82 31.72
N GLY A 148 15.65 15.55 30.63
CA GLY A 148 15.09 16.89 30.69
C GLY A 148 13.83 16.96 31.52
N ILE A 149 12.87 16.09 31.20
CA ILE A 149 11.61 16.02 31.93
C ILE A 149 11.81 15.71 33.42
N GLN A 150 12.53 14.64 33.72
CA GLN A 150 12.60 14.12 35.08
C GLN A 150 13.49 14.91 36.02
N SER A 151 14.51 15.58 35.48
CA SER A 151 15.38 16.43 36.27
C SER A 151 14.59 17.58 36.90
N VAL A 152 13.41 17.88 36.35
CA VAL A 152 12.56 18.94 36.85
C VAL A 152 11.68 18.43 38.02
N GLY A 153 11.73 17.12 38.27
CA GLY A 153 10.94 16.51 39.33
C GLY A 153 9.59 15.94 38.90
N VAL A 154 9.42 15.69 37.60
CA VAL A 154 8.19 15.07 37.11
C VAL A 154 8.44 13.65 36.56
N GLN A 155 7.42 12.81 36.64
CA GLN A 155 7.47 11.43 36.14
C GLN A 155 7.20 11.35 34.64
N ALA A 156 8.08 10.67 33.91
CA ALA A 156 7.89 10.47 32.47
C ALA A 156 7.29 9.08 32.19
N THR A 157 6.63 8.95 31.03
CA THR A 157 6.07 7.66 30.60
C THR A 157 6.53 7.31 29.19
N ALA A 158 7.41 6.31 29.09
CA ALA A 158 7.76 5.70 27.80
C ALA A 158 6.52 5.00 27.23
N LYS A 159 6.29 5.18 25.93
CA LYS A 159 4.98 4.98 25.29
C LYS A 159 5.18 4.78 23.78
N HIS A 160 4.48 3.84 23.11
CA HIS A 160 3.61 2.82 23.67
C HIS A 160 4.32 1.50 23.50
N TYR A 161 4.32 0.69 24.55
CA TYR A 161 5.01 -0.58 24.54
C TYR A 161 3.95 -1.66 24.33
N ILE A 162 4.00 -2.39 23.21
CA ILE A 162 4.96 -2.18 22.13
C ILE A 162 4.29 -2.59 20.79
N LEU A 163 4.89 -2.18 19.66
CA LEU A 163 4.47 -2.59 18.32
C LEU A 163 3.08 -2.07 17.91
N ASN A 164 2.74 -0.88 18.39
CA ASN A 164 1.52 -0.17 17.99
C ASN A 164 1.83 0.69 16.77
N GLU A 165 2.17 0.03 15.65
CA GLU A 165 2.65 0.74 14.45
C GLU A 165 1.54 1.17 13.48
N GLN A 166 0.28 1.06 13.92
CA GLN A 166 -0.84 1.59 13.13
C GLN A 166 -2.06 1.90 14.00
N GLU A 167 -2.91 2.79 13.51
CA GLU A 167 -4.16 3.15 14.21
C GLU A 167 -5.35 2.23 13.96
N LEU A 168 -5.42 1.68 12.73
CA LEU A 168 -6.53 0.82 12.32
C LEU A 168 -6.55 -0.45 13.17
N ASN A 169 -7.69 -0.70 13.80
CA ASN A 169 -7.89 -1.86 14.68
C ASN A 169 -6.79 -2.06 15.72
N ARG A 170 -6.20 -0.94 16.16
CA ARG A 170 -5.13 -0.95 17.16
C ARG A 170 -5.51 -1.76 18.41
N GLU A 171 -6.80 -1.83 18.70
CA GLU A 171 -7.29 -2.54 19.88
C GLU A 171 -7.57 -4.02 19.66
N THR A 172 -7.45 -4.50 18.42
CA THR A 172 -7.69 -5.92 18.09
C THR A 172 -6.58 -6.60 17.28
N ILE A 173 -5.84 -5.83 16.48
CA ILE A 173 -4.77 -6.37 15.62
C ILE A 173 -3.60 -6.95 16.42
N SER A 174 -2.98 -8.01 15.89
CA SER A 174 -1.81 -8.62 16.53
C SER A 174 -0.51 -8.37 15.76
N SER A 175 0.51 -7.91 16.50
CA SER A 175 1.87 -7.64 15.98
C SER A 175 2.78 -8.80 16.34
N ASN A 176 3.32 -9.47 15.33
CA ASN A 176 3.99 -10.77 15.53
C ASN A 176 5.41 -10.91 14.96
N PRO A 177 6.31 -9.92 15.22
CA PRO A 177 7.66 -10.01 14.64
C PRO A 177 8.49 -11.12 15.27
N ASP A 178 9.56 -11.52 14.58
CA ASP A 178 10.50 -12.50 15.11
C ASP A 178 11.34 -11.83 16.21
N ASP A 179 12.01 -12.64 17.04
CA ASP A 179 12.65 -12.15 18.26
C ASP A 179 13.68 -11.04 18.01
N ARG A 180 14.53 -11.24 17.02
CA ARG A 180 15.58 -10.25 16.69
C ARG A 180 15.00 -8.89 16.26
N THR A 181 13.92 -8.90 15.48
CA THR A 181 13.23 -7.67 15.07
C THR A 181 12.73 -6.93 16.31
N LEU A 182 12.12 -7.67 17.22
CA LEU A 182 11.61 -7.15 18.49
C LEU A 182 12.70 -6.50 19.35
N HIS A 183 13.85 -7.15 19.47
CA HIS A 183 14.94 -6.66 20.31
C HIS A 183 15.74 -5.54 19.66
N GLU A 184 16.09 -5.72 18.38
CA GLU A 184 17.05 -4.87 17.71
C GLU A 184 16.44 -3.62 17.06
N LEU A 185 15.13 -3.64 16.87
CA LEU A 185 14.48 -2.52 16.22
C LEU A 185 13.53 -1.77 17.14
N TYR A 186 12.45 -2.42 17.55
CA TYR A 186 11.36 -1.70 18.24
C TYR A 186 11.60 -1.46 19.73
N THR A 187 12.33 -2.38 20.36
CA THR A 187 12.66 -2.28 21.79
C THR A 187 13.87 -1.37 22.03
N TRP A 188 14.79 -1.34 21.06
CA TRP A 188 16.01 -0.55 21.17
C TRP A 188 15.78 0.86 21.75
N PRO A 189 14.87 1.67 21.15
CA PRO A 189 14.62 3.00 21.72
C PRO A 189 14.09 2.95 23.17
N PHE A 190 13.34 1.91 23.49
CA PHE A 190 12.82 1.74 24.86
C PHE A 190 13.94 1.46 25.88
N ALA A 191 14.99 0.77 25.45
CA ALA A 191 16.16 0.57 26.29
C ALA A 191 16.74 1.92 26.70
N ASP A 192 16.93 2.81 25.72
CA ASP A 192 17.46 4.15 25.99
C ASP A 192 16.63 4.88 27.04
N ALA A 193 15.32 4.69 26.98
CA ALA A 193 14.40 5.31 27.94
C ALA A 193 14.62 4.75 29.35
N VAL A 194 14.67 3.42 29.45
CA VAL A 194 14.90 2.75 30.74
C VAL A 194 16.24 3.19 31.33
N GLN A 195 17.24 3.32 30.46
CA GLN A 195 18.60 3.67 30.85
C GLN A 195 18.72 5.10 31.37
N ALA A 196 17.92 6.00 30.82
CA ALA A 196 17.81 7.35 31.34
C ALA A 196 16.90 7.39 32.58
N ASN A 197 16.64 6.21 33.16
CA ASN A 197 15.87 6.07 34.40
C ASN A 197 14.42 6.58 34.29
N VAL A 198 13.71 6.14 33.27
CA VAL A 198 12.33 6.60 33.05
C VAL A 198 11.39 6.07 34.14
N ALA A 199 10.55 6.96 34.67
CA ALA A 199 9.62 6.63 35.76
C ALA A 199 8.64 5.50 35.45
N SER A 200 8.13 5.48 34.21
CA SER A 200 6.96 4.69 33.88
C SER A 200 7.01 4.22 32.43
N VAL A 201 6.27 3.15 32.14
CA VAL A 201 6.08 2.66 30.77
C VAL A 201 4.61 2.31 30.55
N MET A 202 4.06 2.79 29.42
CA MET A 202 2.69 2.49 29.05
C MET A 202 2.63 1.30 28.13
N CYS A 203 1.84 0.29 28.47
CA CYS A 203 1.63 -0.83 27.57
C CYS A 203 0.51 -0.50 26.59
N SER A 204 0.65 -1.00 25.37
CA SER A 204 -0.15 -0.57 24.23
C SER A 204 -1.48 -1.30 24.06
N TYR A 205 -2.36 -0.72 23.24
CA TYR A 205 -3.69 -1.25 22.97
C TYR A 205 -3.70 -2.59 22.22
N ASN A 206 -2.66 -2.84 21.42
CA ASN A 206 -2.63 -4.00 20.51
C ASN A 206 -2.29 -5.33 21.16
N LYS A 207 -2.38 -6.40 20.37
CA LYS A 207 -1.90 -7.72 20.78
C LYS A 207 -0.49 -7.94 20.29
N VAL A 208 0.22 -8.84 20.94
CA VAL A 208 1.56 -9.24 20.53
C VAL A 208 1.62 -10.75 20.62
N ASN A 209 1.90 -11.39 19.48
CA ASN A 209 1.73 -12.84 19.31
C ASN A 209 0.42 -13.34 19.91
N THR A 210 -0.66 -12.61 19.60
CA THR A 210 -2.05 -12.93 20.00
C THR A 210 -2.44 -12.54 21.42
N THR A 211 -1.46 -12.10 22.21
CA THR A 211 -1.64 -11.72 23.61
C THR A 211 -1.68 -10.21 23.77
N TRP A 212 -2.73 -9.69 24.41
CA TRP A 212 -2.85 -8.25 24.68
C TRP A 212 -1.57 -7.77 25.37
N ALA A 213 -1.10 -6.58 24.97
CA ALA A 213 0.17 -6.04 25.42
C ALA A 213 0.22 -5.85 26.94
N CYS A 214 -0.94 -5.49 27.51
CA CYS A 214 -1.07 -5.25 28.95
C CYS A 214 -1.41 -6.52 29.73
N GLU A 215 -1.16 -7.67 29.09
CA GLU A 215 -1.42 -8.98 29.68
C GLU A 215 -0.34 -9.97 29.26
N ASP A 216 0.70 -9.48 28.62
CA ASP A 216 1.69 -10.35 28.03
C ASP A 216 2.90 -10.53 28.94
N GLN A 217 3.04 -11.73 29.49
CA GLN A 217 4.14 -12.10 30.36
C GLN A 217 5.51 -11.83 29.71
N TYR A 218 5.64 -12.21 28.44
CA TYR A 218 6.95 -12.20 27.78
C TYR A 218 7.54 -10.80 27.54
N THR A 219 6.70 -9.87 27.05
CA THR A 219 7.17 -8.51 26.78
C THR A 219 7.36 -7.68 28.05
N LEU A 220 6.37 -7.76 28.95
CA LEU A 220 6.44 -7.02 30.21
C LEU A 220 7.49 -7.57 31.16
N GLN A 221 7.35 -8.84 31.56
CA GLN A 221 8.26 -9.45 32.53
C GLN A 221 9.64 -9.75 31.96
N THR A 222 9.72 -10.74 31.09
CA THR A 222 11.00 -11.25 30.58
C THR A 222 11.87 -10.18 29.88
N VAL A 223 11.24 -9.35 29.04
CA VAL A 223 12.00 -8.43 28.17
C VAL A 223 12.22 -7.06 28.80
N LEU A 224 11.13 -6.30 29.02
CA LEU A 224 11.23 -4.96 29.59
C LEU A 224 11.79 -5.00 31.02
N LYS A 225 11.04 -5.60 31.94
CA LYS A 225 11.42 -5.63 33.37
C LYS A 225 12.72 -6.40 33.64
N ASP A 226 12.80 -7.64 33.17
CA ASP A 226 13.95 -8.51 33.44
C ASP A 226 15.18 -8.18 32.58
N GLN A 227 15.04 -8.25 31.26
CA GLN A 227 16.18 -8.08 30.35
C GLN A 227 16.69 -6.64 30.25
N LEU A 228 15.77 -5.69 30.22
CA LEU A 228 16.15 -4.27 30.20
C LEU A 228 16.23 -3.64 31.60
N GLY A 229 15.96 -4.45 32.64
CA GLY A 229 16.13 -4.06 34.03
C GLY A 229 15.36 -2.83 34.45
N PHE A 230 14.09 -2.76 34.02
CA PHE A 230 13.24 -1.61 34.29
C PHE A 230 12.66 -1.68 35.70
N PRO A 231 13.15 -0.80 36.61
CA PRO A 231 12.73 -0.80 38.00
C PRO A 231 11.41 -0.07 38.20
N GLY A 232 11.01 0.74 37.23
CA GLY A 232 9.77 1.52 37.32
C GLY A 232 8.52 0.70 37.06
N TYR A 233 7.41 1.38 36.86
CA TYR A 233 6.11 0.74 36.72
C TYR A 233 5.48 0.81 35.32
N VAL A 234 4.63 -0.17 35.02
CA VAL A 234 3.89 -0.23 33.77
C VAL A 234 2.41 0.06 33.98
N MET A 235 1.91 1.08 33.29
CA MET A 235 0.49 1.38 33.28
C MET A 235 -0.18 0.98 31.96
N THR A 236 -1.48 0.73 31.99
CA THR A 236 -2.26 0.45 30.77
C THR A 236 -2.58 1.74 30.02
N ASP A 237 -2.73 1.61 28.70
CA ASP A 237 -3.39 2.65 27.95
C ASP A 237 -4.87 2.64 28.35
N TRP A 238 -5.57 3.75 28.13
CA TRP A 238 -6.91 3.94 28.67
C TRP A 238 -7.89 2.84 28.26
N ASN A 239 -8.14 1.91 29.19
CA ASN A 239 -8.99 0.72 29.00
C ASN A 239 -8.31 -0.36 28.14
N ALA A 240 -6.97 -0.42 28.21
CA ALA A 240 -6.19 -1.45 27.51
C ALA A 240 -5.98 -2.74 28.33
N GLN A 241 -6.62 -2.79 29.50
CA GLN A 241 -6.62 -3.98 30.35
C GLN A 241 -7.87 -4.80 30.03
N HIS A 242 -7.73 -6.13 30.03
CA HIS A 242 -8.85 -7.01 29.66
C HIS A 242 -9.18 -8.02 30.76
N THR A 243 -8.27 -8.16 31.72
CA THR A 243 -8.42 -9.13 32.82
C THR A 243 -8.10 -8.54 34.18
N THR A 244 -8.72 -9.11 35.21
CA THR A 244 -8.39 -8.80 36.61
C THR A 244 -7.14 -9.54 37.03
N VAL A 245 -7.12 -10.85 36.80
CA VAL A 245 -6.06 -11.74 37.30
C VAL A 245 -4.84 -11.75 36.37
N GLN A 246 -5.04 -12.13 35.12
CA GLN A 246 -3.95 -12.35 34.16
C GLN A 246 -3.01 -11.15 34.04
N SER A 247 -3.59 -9.95 33.93
CA SER A 247 -2.80 -8.72 33.84
C SER A 247 -1.87 -8.49 35.04
N ALA A 248 -2.39 -8.74 36.25
CA ALA A 248 -1.63 -8.55 37.48
C ALA A 248 -0.42 -9.48 37.55
N ASN A 249 -0.61 -10.76 37.23
CA ASN A 249 0.45 -11.76 37.24
C ASN A 249 1.52 -11.55 36.15
N SER A 250 1.10 -10.96 35.03
CA SER A 250 1.97 -10.73 33.89
C SER A 250 3.07 -9.71 34.16
N GLY A 251 2.71 -8.59 34.78
CA GLY A 251 3.69 -7.53 35.06
C GLY A 251 3.08 -6.14 35.13
N LEU A 252 1.79 -6.04 34.82
CA LEU A 252 1.06 -4.77 34.92
C LEU A 252 1.02 -4.20 36.34
N ASP A 253 1.25 -2.89 36.44
CA ASP A 253 1.33 -2.21 37.73
C ASP A 253 0.18 -1.23 37.97
N MET A 254 -0.43 -0.73 36.91
CA MET A 254 -1.46 0.29 37.06
C MET A 254 -2.60 0.21 36.03
N SER A 255 -3.83 0.16 36.54
CA SER A 255 -5.03 0.12 35.73
C SER A 255 -5.58 1.53 35.44
N MET A 256 -5.24 2.05 34.26
CA MET A 256 -5.66 3.39 33.87
C MET A 256 -6.73 3.38 32.76
N PRO A 257 -7.79 4.20 32.92
CA PRO A 257 -8.03 5.14 34.04
C PRO A 257 -8.83 4.53 35.19
N GLY A 258 -9.14 3.23 35.09
CA GLY A 258 -9.94 2.54 36.10
C GLY A 258 -11.15 1.82 35.53
N THR A 259 -11.88 2.51 34.65
CA THR A 259 -13.05 1.94 33.98
C THR A 259 -13.01 2.24 32.50
N ASP A 260 -13.94 1.67 31.74
CA ASP A 260 -14.19 2.11 30.38
C ASP A 260 -14.96 3.43 30.42
N PHE A 261 -15.21 4.03 29.24
CA PHE A 261 -15.91 5.31 29.16
C PHE A 261 -17.31 5.30 29.78
N ASN A 262 -18.01 4.17 29.67
CA ASN A 262 -19.34 4.01 30.26
C ASN A 262 -19.30 3.75 31.76
N GLY A 263 -18.09 3.53 32.29
CA GLY A 263 -17.89 3.24 33.71
C GLY A 263 -18.03 1.77 34.04
N ASN A 264 -17.79 0.91 33.06
CA ASN A 264 -17.79 -0.54 33.27
C ASN A 264 -16.38 -1.08 33.15
N ASN A 265 -16.25 -2.42 33.12
CA ASN A 265 -14.95 -3.09 32.98
C ASN A 265 -13.94 -2.66 34.05
N ARG A 266 -14.43 -2.46 35.28
CA ARG A 266 -13.56 -2.16 36.41
C ARG A 266 -12.91 -3.46 36.87
N LEU A 267 -11.76 -3.77 36.28
CA LEU A 267 -11.13 -5.08 36.45
C LEU A 267 -10.19 -5.12 37.65
N TRP A 268 -9.75 -3.96 38.09
CA TRP A 268 -9.01 -3.85 39.34
C TRP A 268 -9.85 -3.13 40.38
N GLY A 269 -9.20 -2.64 41.43
CA GLY A 269 -9.90 -2.04 42.55
C GLY A 269 -10.60 -3.11 43.35
N PRO A 270 -11.94 -2.97 43.53
CA PRO A 270 -12.73 -3.90 44.32
C PRO A 270 -12.56 -5.34 43.85
N ALA A 271 -12.46 -5.51 42.53
CA ALA A 271 -12.21 -6.82 41.92
C ALA A 271 -10.81 -7.35 42.24
N LEU A 272 -9.83 -6.46 42.29
CA LEU A 272 -8.48 -6.82 42.69
C LEU A 272 -8.40 -7.15 44.19
N THR A 273 -9.25 -6.51 44.98
CA THR A 273 -9.34 -6.79 46.41
C THR A 273 -9.89 -8.20 46.62
N ASN A 274 -10.81 -8.60 45.77
CA ASN A 274 -11.33 -9.98 45.75
C ASN A 274 -10.27 -10.98 45.34
N ALA A 275 -9.55 -10.64 44.26
CA ALA A 275 -8.61 -11.56 43.62
C ALA A 275 -7.43 -11.91 44.52
N VAL A 276 -6.96 -10.93 45.28
CA VAL A 276 -5.86 -11.15 46.22
C VAL A 276 -6.29 -12.09 47.36
N ASN A 277 -7.52 -11.94 47.83
CA ASN A 277 -8.07 -12.71 48.93
C ASN A 277 -8.14 -14.21 48.63
N SER A 278 -8.49 -14.53 47.39
CA SER A 278 -8.56 -15.91 46.93
C SER A 278 -7.18 -16.45 46.58
N ASN A 279 -6.18 -15.58 46.65
CA ASN A 279 -4.82 -15.88 46.20
C ASN A 279 -4.70 -16.25 44.72
N GLN A 280 -5.63 -15.75 43.92
CA GLN A 280 -5.49 -15.75 42.47
C GLN A 280 -4.32 -14.84 42.14
N VAL A 281 -4.26 -13.72 42.85
CA VAL A 281 -3.12 -12.82 42.82
C VAL A 281 -2.40 -12.92 44.18
N PRO A 282 -1.12 -13.33 44.16
CA PRO A 282 -0.33 -13.36 45.40
C PRO A 282 -0.15 -11.96 45.99
N THR A 283 0.42 -11.88 47.18
CA THR A 283 0.63 -10.60 47.85
C THR A 283 1.93 -9.91 47.41
N SER A 284 2.96 -10.71 47.15
CA SER A 284 4.26 -10.20 46.69
C SER A 284 4.17 -9.46 45.35
N ARG A 285 3.22 -9.88 44.51
CA ARG A 285 2.97 -9.24 43.22
C ARG A 285 2.38 -7.82 43.40
N VAL A 286 1.38 -7.69 44.28
CA VAL A 286 0.76 -6.40 44.57
C VAL A 286 1.71 -5.47 45.33
N ASP A 287 2.55 -6.05 46.18
CA ASP A 287 3.59 -5.29 46.87
C ASP A 287 4.56 -4.67 45.86
N ASP A 288 4.90 -5.45 44.84
CA ASP A 288 5.86 -5.04 43.82
C ASP A 288 5.38 -3.85 42.98
N MET A 289 4.12 -3.90 42.55
CA MET A 289 3.49 -2.79 41.84
C MET A 289 3.65 -1.51 42.65
N VAL A 290 3.18 -1.56 43.89
CA VAL A 290 3.23 -0.43 44.81
C VAL A 290 4.67 0.03 45.08
N THR A 291 5.62 -0.92 45.14
CA THR A 291 7.04 -0.61 45.24
C THR A 291 7.44 0.27 44.06
N ARG A 292 7.23 -0.25 42.84
CA ARG A 292 7.62 0.42 41.61
C ARG A 292 6.98 1.80 41.47
N ILE A 293 5.68 1.88 41.73
CA ILE A 293 4.94 3.14 41.67
C ILE A 293 5.55 4.18 42.61
N LEU A 294 5.71 3.79 43.88
CA LEU A 294 6.26 4.70 44.90
C LEU A 294 7.71 5.09 44.63
N ALA A 295 8.50 4.12 44.15
CA ALA A 295 9.89 4.39 43.78
C ALA A 295 10.01 5.49 42.72
N ALA A 296 9.04 5.58 41.82
CA ALA A 296 8.99 6.66 40.83
C ALA A 296 8.79 8.00 41.53
N TRP A 297 7.76 8.04 42.38
CA TRP A 297 7.41 9.18 43.22
C TRP A 297 8.60 9.65 44.07
N TYR A 298 9.46 8.71 44.45
CA TYR A 298 10.68 9.04 45.21
C TYR A 298 11.85 9.42 44.32
N LEU A 299 11.97 8.77 43.16
CA LEU A 299 12.99 9.11 42.16
C LEU A 299 12.88 10.57 41.72
N THR A 300 11.66 11.04 41.52
CA THR A 300 11.41 12.40 41.06
C THR A 300 11.23 13.39 42.21
N GLY A 301 11.43 12.93 43.44
CA GLY A 301 11.42 13.78 44.64
C GLY A 301 10.10 14.50 44.86
N GLN A 302 9.02 13.85 44.42
CA GLN A 302 7.69 14.43 44.51
C GLN A 302 7.10 14.32 45.92
N ASP A 303 7.78 13.57 46.78
CA ASP A 303 7.42 13.49 48.21
C ASP A 303 7.77 14.81 48.90
N GLN A 304 8.95 15.33 48.57
CA GLN A 304 9.52 16.54 49.15
C GLN A 304 8.62 17.77 49.08
N ALA A 305 8.87 18.70 50.01
CA ALA A 305 8.43 20.10 49.96
C ALA A 305 6.97 20.36 49.59
N GLY A 306 6.74 21.42 48.82
CA GLY A 306 5.42 21.80 48.35
C GLY A 306 5.29 21.61 46.85
N TYR A 307 4.94 20.39 46.44
CA TYR A 307 4.60 20.11 45.06
C TYR A 307 3.27 20.84 44.77
N PRO A 308 3.27 21.74 43.77
CA PRO A 308 2.08 22.55 43.50
C PRO A 308 0.81 21.69 43.31
N SER A 309 -0.33 22.20 43.75
CA SER A 309 -1.61 21.51 43.60
C SER A 309 -2.09 21.56 42.15
N PHE A 310 -2.96 20.63 41.76
CA PHE A 310 -3.48 20.60 40.40
C PHE A 310 -4.31 21.84 40.04
N ASN A 311 -3.72 22.74 39.26
CA ASN A 311 -4.45 23.88 38.72
C ASN A 311 -4.11 24.13 37.25
N ILE A 312 -5.04 23.73 36.39
CA ILE A 312 -4.81 23.68 34.95
C ILE A 312 -5.09 25.01 34.24
N SER A 313 -5.60 25.99 34.99
CA SER A 313 -5.83 27.34 34.46
C SER A 313 -4.69 28.31 34.79
N ARG A 314 -3.67 27.81 35.48
CA ARG A 314 -2.46 28.59 35.79
C ARG A 314 -1.65 28.89 34.54
N ASN A 315 -1.23 30.15 34.40
CA ASN A 315 -0.34 30.52 33.32
C ASN A 315 1.08 30.09 33.67
N VAL A 316 1.51 29.00 33.05
CA VAL A 316 2.83 28.41 33.32
C VAL A 316 3.79 28.52 32.13
N GLN A 317 3.35 29.23 31.09
CA GLN A 317 4.10 29.39 29.84
C GLN A 317 5.52 29.91 30.02
N GLY A 318 5.66 31.04 30.73
CA GLY A 318 6.95 31.69 30.92
C GLY A 318 7.51 32.21 29.60
N ASN A 319 8.75 31.85 29.31
CA ASN A 319 9.39 32.22 28.05
C ASN A 319 9.79 30.98 27.24
N HIS A 320 9.06 29.89 27.45
CA HIS A 320 9.32 28.60 26.80
C HIS A 320 9.16 28.62 25.27
N LYS A 321 8.33 29.55 24.78
CA LYS A 321 8.21 29.78 23.35
C LYS A 321 9.55 29.81 22.61
N THR A 322 10.64 30.10 23.32
CA THR A 322 11.97 30.13 22.74
C THR A 322 12.37 28.75 22.24
N ASN A 323 12.05 27.72 23.01
CA ASN A 323 12.32 26.34 22.59
C ASN A 323 11.46 25.95 21.39
N VAL A 324 10.19 26.33 21.41
CA VAL A 324 9.26 26.13 20.30
C VAL A 324 9.73 26.89 19.07
N ARG A 325 10.29 28.07 19.26
CA ARG A 325 10.79 28.86 18.16
C ARG A 325 11.99 28.18 17.52
N ALA A 326 12.95 27.81 18.35
CA ALA A 326 14.20 27.25 17.89
C ALA A 326 14.01 25.90 17.19
N ILE A 327 13.18 25.04 17.76
CA ILE A 327 12.91 23.72 17.18
C ILE A 327 12.07 23.80 15.89
N ALA A 328 11.07 24.69 15.87
CA ALA A 328 10.27 24.85 14.67
C ALA A 328 11.12 25.40 13.54
N ARG A 329 12.12 26.21 13.90
CA ARG A 329 12.99 26.85 12.93
C ARG A 329 14.14 25.92 12.48
N ASP A 330 14.79 25.26 13.43
CA ASP A 330 15.95 24.44 13.10
C ASP A 330 15.54 23.03 12.68
N GLY A 331 14.26 22.74 12.77
CA GLY A 331 13.70 21.46 12.32
C GLY A 331 13.16 21.50 10.90
N ILE A 332 13.19 22.69 10.27
CA ILE A 332 12.75 22.84 8.89
C ILE A 332 13.79 22.22 7.97
N VAL A 333 13.34 21.44 6.99
CA VAL A 333 14.23 20.83 6.01
C VAL A 333 14.06 21.53 4.68
N LEU A 334 15.19 21.94 4.09
CA LEU A 334 15.18 22.52 2.75
C LEU A 334 15.43 21.38 1.76
N LEU A 335 14.39 21.03 1.01
CA LEU A 335 14.49 19.92 0.08
C LEU A 335 15.06 20.33 -1.27
N LYS A 336 14.65 21.51 -1.76
CA LYS A 336 15.07 22.00 -3.09
C LYS A 336 15.28 23.51 -3.03
N ASN A 337 16.27 23.99 -3.77
CA ASN A 337 16.56 25.43 -3.89
C ASN A 337 17.44 25.74 -5.11
N ASP A 338 16.79 25.97 -6.25
CA ASP A 338 17.48 26.26 -7.51
C ASP A 338 17.66 27.76 -7.76
N ALA A 339 18.80 28.10 -8.36
CA ALA A 339 19.13 29.48 -8.80
C ALA A 339 19.04 30.51 -7.68
N ASN A 340 19.40 30.10 -6.48
CA ASN A 340 19.42 30.97 -5.29
C ASN A 340 18.15 31.77 -5.05
N ILE A 341 17.01 31.23 -5.49
CA ILE A 341 15.72 31.87 -5.27
C ILE A 341 15.55 32.20 -3.79
N LEU A 342 16.12 31.33 -2.96
CA LEU A 342 16.02 31.43 -1.53
C LEU A 342 17.46 31.52 -1.02
N PRO A 343 17.71 32.30 0.05
CA PRO A 343 16.75 33.13 0.78
C PRO A 343 16.23 34.30 -0.06
N LEU A 344 15.04 34.77 0.28
CA LEU A 344 14.48 35.97 -0.32
C LEU A 344 15.26 37.20 0.12
N LYS A 345 15.58 38.07 -0.84
CA LYS A 345 16.31 39.30 -0.56
C LYS A 345 15.60 40.51 -1.17
N LYS A 346 14.54 40.96 -0.50
CA LYS A 346 13.78 42.16 -0.88
C LYS A 346 13.26 42.19 -2.34
N PRO A 347 12.28 41.32 -2.67
CA PRO A 347 11.64 41.40 -3.98
C PRO A 347 10.52 42.45 -3.98
N ALA A 348 10.07 42.87 -5.15
CA ALA A 348 9.01 43.88 -5.26
C ALA A 348 7.66 43.36 -4.76
N SER A 349 7.33 42.12 -5.12
CA SER A 349 6.02 41.52 -4.84
C SER A 349 6.12 40.05 -4.42
N ILE A 350 5.15 39.61 -3.60
CA ILE A 350 5.06 38.23 -3.15
C ILE A 350 3.61 37.74 -3.15
N ALA A 351 3.37 36.59 -3.79
CA ALA A 351 2.08 35.92 -3.71
C ALA A 351 2.12 34.78 -2.71
N VAL A 352 1.17 34.78 -1.78
CA VAL A 352 1.01 33.73 -0.78
C VAL A 352 -0.31 33.04 -1.09
N VAL A 353 -0.27 31.73 -1.29
CA VAL A 353 -1.44 30.99 -1.76
C VAL A 353 -1.70 29.74 -0.92
N GLY A 354 -2.95 29.56 -0.49
CA GLY A 354 -3.36 28.33 0.20
C GLY A 354 -4.05 28.59 1.51
N SER A 355 -4.99 27.72 1.86
CA SER A 355 -5.71 27.84 3.12
C SER A 355 -4.83 27.52 4.31
N ALA A 356 -3.73 26.80 4.06
CA ALA A 356 -2.76 26.46 5.10
C ALA A 356 -1.87 27.64 5.44
N ALA A 357 -1.97 28.70 4.62
CA ALA A 357 -1.23 29.94 4.85
C ALA A 357 -1.76 30.77 6.01
N ILE A 358 -3.07 30.65 6.29
CA ILE A 358 -3.75 31.54 7.25
C ILE A 358 -4.33 30.79 8.45
N ILE A 359 -4.70 31.55 9.48
CA ILE A 359 -5.37 31.04 10.67
C ILE A 359 -6.70 30.36 10.29
N GLY A 360 -6.87 29.11 10.73
CA GLY A 360 -8.14 28.40 10.56
C GLY A 360 -8.62 27.77 11.86
N ASN A 361 -9.52 26.80 11.75
CA ASN A 361 -10.09 26.15 12.93
C ASN A 361 -9.11 25.33 13.76
N HIS A 362 -8.11 24.77 13.10
CA HIS A 362 -7.06 24.03 13.78
C HIS A 362 -6.30 24.95 14.74
N ALA A 363 -5.86 26.09 14.21
CA ALA A 363 -5.08 27.06 14.99
C ALA A 363 -5.93 27.87 15.98
N ARG A 364 -7.25 27.83 15.82
CA ARG A 364 -8.14 28.61 16.69
C ARG A 364 -8.58 27.87 17.95
N ASN A 365 -8.27 26.58 18.04
CA ASN A 365 -8.83 25.72 19.10
C ASN A 365 -10.35 25.74 19.03
N SER A 366 -10.84 25.65 17.81
CA SER A 366 -12.27 25.70 17.52
C SER A 366 -12.99 24.53 18.20
N PRO A 367 -14.21 24.78 18.70
CA PRO A 367 -15.10 23.77 19.31
C PRO A 367 -15.42 22.58 18.40
N SER A 368 -15.51 22.81 17.09
CA SER A 368 -15.69 21.72 16.13
C SER A 368 -14.37 20.93 16.01
N CYS A 369 -13.27 21.66 15.92
CA CYS A 369 -11.94 21.08 15.77
C CYS A 369 -11.35 20.60 17.10
N ASN A 370 -12.11 19.81 17.86
CA ASN A 370 -11.65 19.28 19.14
C ASN A 370 -10.49 18.28 19.02
N ASP A 371 -9.58 18.34 19.99
CA ASP A 371 -8.34 17.54 20.03
C ASP A 371 -7.48 17.76 18.78
N LYS A 372 -7.58 18.97 18.22
CA LYS A 372 -6.97 19.33 16.92
C LYS A 372 -7.46 18.42 15.78
N GLY A 373 -8.66 17.86 15.94
CA GLY A 373 -9.22 16.92 14.98
C GLY A 373 -9.76 17.58 13.73
N CYS A 374 -8.91 18.37 13.07
CA CYS A 374 -9.21 18.96 11.76
C CYS A 374 -7.95 19.51 11.08
N ASP A 375 -8.03 19.65 9.77
CA ASP A 375 -6.97 20.29 8.98
C ASP A 375 -7.54 21.52 8.27
N ASP A 376 -8.03 22.47 9.06
CA ASP A 376 -8.50 23.74 8.53
C ASP A 376 -7.54 24.86 8.91
N GLY A 377 -7.06 25.57 7.90
CA GLY A 377 -6.07 26.63 8.08
C GLY A 377 -4.66 26.10 8.33
N ALA A 378 -3.82 26.95 8.94
CA ALA A 378 -2.44 26.61 9.22
C ALA A 378 -2.32 25.40 10.16
N LEU A 379 -1.34 24.53 9.88
CA LEU A 379 -1.16 23.30 10.64
C LEU A 379 0.14 23.26 11.47
N GLY A 380 0.03 22.81 12.72
CA GLY A 380 1.17 22.77 13.62
C GLY A 380 1.39 21.44 14.32
N MET A 381 0.40 20.54 14.20
CA MET A 381 0.47 19.20 14.80
C MET A 381 -0.63 18.27 14.29
N GLY A 382 -0.54 16.99 14.62
CA GLY A 382 -1.61 16.05 14.32
C GLY A 382 -2.72 16.06 15.37
N TRP A 383 -3.66 15.12 15.26
CA TRP A 383 -4.77 15.05 16.19
C TRP A 383 -4.70 13.88 17.19
N GLY A 384 -5.66 13.87 18.12
CA GLY A 384 -5.77 12.84 19.14
C GLY A 384 -5.28 13.27 20.51
N SER A 385 -4.98 12.28 21.34
CA SER A 385 -4.55 12.50 22.72
C SER A 385 -3.27 13.35 22.85
N GLY A 386 -2.39 13.25 21.85
CA GLY A 386 -1.13 13.99 21.84
C GLY A 386 -1.21 15.42 21.31
N ALA A 387 -2.42 15.94 21.19
CA ALA A 387 -2.59 17.36 20.85
C ALA A 387 -2.92 18.16 22.13
N VAL A 388 -2.65 19.46 22.10
CA VAL A 388 -3.07 20.37 23.17
C VAL A 388 -3.66 21.63 22.54
N ASN A 389 -4.21 22.52 23.36
CA ASN A 389 -4.65 23.83 22.91
C ASN A 389 -3.47 24.77 22.63
N TYR A 390 -3.63 25.62 21.60
CA TYR A 390 -2.69 26.71 21.31
C TYR A 390 -2.99 27.93 22.19
N PRO A 391 -1.96 28.46 22.88
CA PRO A 391 -2.14 29.72 23.61
C PRO A 391 -2.25 30.89 22.64
N TYR A 392 -1.50 30.80 21.54
CA TYR A 392 -1.57 31.72 20.40
C TYR A 392 -1.11 30.91 19.19
N PHE A 393 -1.29 31.47 18.00
CA PHE A 393 -0.77 30.85 16.80
C PHE A 393 -0.33 31.89 15.79
N VAL A 394 0.90 31.76 15.31
CA VAL A 394 1.44 32.69 14.32
C VAL A 394 1.33 32.08 12.93
N ALA A 395 0.31 32.50 12.18
CA ALA A 395 0.06 32.00 10.83
C ALA A 395 1.12 32.48 9.86
N PRO A 396 1.57 31.60 8.96
CA PRO A 396 2.55 31.97 7.94
C PRO A 396 2.25 33.29 7.24
N TYR A 397 1.02 33.47 6.73
CA TYR A 397 0.66 34.71 6.05
C TYR A 397 0.97 35.95 6.87
N ASP A 398 0.55 35.94 8.14
CA ASP A 398 0.72 37.10 9.00
C ASP A 398 2.19 37.48 9.19
N ALA A 399 3.02 36.50 9.52
CA ALA A 399 4.46 36.72 9.68
C ALA A 399 5.14 37.15 8.38
N ILE A 400 4.74 36.55 7.25
CA ILE A 400 5.26 36.97 5.93
C ILE A 400 4.84 38.42 5.67
N ASN A 401 3.56 38.71 5.91
CA ASN A 401 3.01 40.05 5.72
C ASN A 401 3.81 41.14 6.44
N THR A 402 3.88 41.05 7.76
CA THR A 402 4.66 41.98 8.60
C THR A 402 6.08 42.21 8.07
N ARG A 403 6.82 41.11 7.86
CA ARG A 403 8.21 41.17 7.40
C ARG A 403 8.38 41.77 6.00
N ALA A 404 7.58 41.27 5.05
CA ALA A 404 7.63 41.78 3.68
C ALA A 404 7.27 43.26 3.59
N SER A 405 6.19 43.66 4.26
CA SER A 405 5.72 45.04 4.29
C SER A 405 6.80 45.97 4.84
N SER A 406 7.37 45.59 5.98
CA SER A 406 8.42 46.37 6.63
C SER A 406 9.54 46.79 5.69
N GLN A 407 9.82 45.95 4.69
CA GLN A 407 10.91 46.22 3.75
C GLN A 407 10.43 46.67 2.36
N GLY A 408 9.15 47.05 2.27
CA GLY A 408 8.62 47.64 1.04
C GLY A 408 7.88 46.70 0.10
N THR A 409 8.06 45.40 0.30
CA THR A 409 7.43 44.39 -0.55
C THR A 409 5.92 44.37 -0.37
N GLN A 410 5.19 44.27 -1.48
CA GLN A 410 3.75 44.13 -1.46
C GLN A 410 3.36 42.65 -1.45
N VAL A 411 2.25 42.34 -0.80
CA VAL A 411 1.78 40.97 -0.67
C VAL A 411 0.37 40.79 -1.21
N THR A 412 0.16 39.74 -1.98
CA THR A 412 -1.17 39.37 -2.45
C THR A 412 -1.50 38.00 -1.87
N LEU A 413 -2.67 37.91 -1.23
CA LEU A 413 -3.12 36.69 -0.60
C LEU A 413 -4.27 36.03 -1.37
N SER A 414 -4.11 34.74 -1.64
CA SER A 414 -5.20 33.89 -2.11
C SER A 414 -5.36 32.78 -1.08
N ASN A 415 -6.24 33.03 -0.11
CA ASN A 415 -6.27 32.25 1.13
C ASN A 415 -7.17 31.02 1.11
N THR A 416 -7.59 30.59 -0.08
CA THR A 416 -8.29 29.31 -0.23
C THR A 416 -7.40 28.34 -1.02
N ASP A 417 -7.97 27.20 -1.39
CA ASP A 417 -7.25 26.25 -2.22
C ASP A 417 -7.76 26.23 -3.65
N ASN A 418 -8.55 27.25 -3.99
CA ASN A 418 -9.06 27.44 -5.34
C ASN A 418 -7.94 27.73 -6.34
N THR A 419 -7.95 27.02 -7.47
CA THR A 419 -6.88 27.15 -8.46
C THR A 419 -6.88 28.47 -9.25
N SER A 420 -8.07 28.97 -9.59
CA SER A 420 -8.20 30.25 -10.30
C SER A 420 -7.68 31.43 -9.49
N SER A 421 -8.13 31.52 -8.23
CA SER A 421 -7.67 32.57 -7.30
C SER A 421 -6.19 32.42 -7.05
N GLY A 422 -5.73 31.18 -6.94
CA GLY A 422 -4.34 30.86 -6.71
C GLY A 422 -3.47 31.38 -7.83
N ALA A 423 -3.91 31.16 -9.06
CA ALA A 423 -3.14 31.57 -10.24
C ALA A 423 -3.16 33.10 -10.45
N SER A 424 -4.31 33.72 -10.20
CA SER A 424 -4.48 35.17 -10.35
C SER A 424 -3.49 35.91 -9.45
N ALA A 425 -3.54 35.57 -8.18
CA ALA A 425 -2.65 36.13 -7.16
C ALA A 425 -1.17 35.94 -7.50
N ALA A 426 -0.84 34.81 -8.12
CA ALA A 426 0.53 34.49 -8.50
C ALA A 426 1.03 35.30 -9.70
N ARG A 427 0.21 35.37 -10.75
CA ARG A 427 0.56 36.03 -12.01
C ARG A 427 1.06 37.45 -11.80
N GLY A 428 2.27 37.71 -12.30
CA GLY A 428 2.89 39.05 -12.20
C GLY A 428 3.91 39.21 -11.08
N LYS A 429 3.68 38.56 -9.95
CA LYS A 429 4.52 38.73 -8.76
C LYS A 429 5.92 38.14 -8.95
N ASP A 430 6.88 38.63 -8.17
CA ASP A 430 8.28 38.19 -8.31
C ASP A 430 8.54 36.75 -7.86
N VAL A 431 7.90 36.36 -6.76
CA VAL A 431 7.85 34.95 -6.31
C VAL A 431 6.42 34.60 -5.92
N ALA A 432 6.12 33.30 -5.92
CA ALA A 432 4.82 32.83 -5.43
C ALA A 432 5.05 31.70 -4.45
N ILE A 433 4.53 31.86 -3.25
CA ILE A 433 4.72 30.88 -2.18
C ILE A 433 3.40 30.20 -1.88
N VAL A 434 3.35 28.89 -2.06
CA VAL A 434 2.10 28.13 -1.95
C VAL A 434 2.18 27.09 -0.81
N PHE A 435 1.08 26.95 -0.07
CA PHE A 435 1.06 26.18 1.18
C PHE A 435 0.18 24.96 1.10
N ILE A 436 0.79 23.78 1.20
CA ILE A 436 0.07 22.52 1.20
C ILE A 436 0.31 21.74 2.49
N THR A 437 -0.62 20.87 2.86
CA THR A 437 -0.48 20.08 4.09
C THR A 437 -0.79 18.60 3.88
N ALA A 438 -0.62 17.83 4.94
CA ALA A 438 -1.21 16.50 5.09
C ALA A 438 -1.29 16.22 6.60
N ASP A 439 -2.38 15.62 7.03
CA ASP A 439 -2.67 15.48 8.45
C ASP A 439 -2.94 14.03 8.80
N SER A 440 -2.83 13.70 10.08
CA SER A 440 -3.17 12.39 10.61
C SER A 440 -3.29 12.49 12.13
N GLY A 441 -3.70 11.41 12.78
CA GLY A 441 -3.73 11.41 14.23
C GLY A 441 -4.06 10.07 14.84
N GLU A 442 -4.46 10.11 16.10
CA GLU A 442 -4.93 8.93 16.81
C GLU A 442 -6.27 8.46 16.22
N GLY A 443 -6.41 7.15 16.12
CA GLY A 443 -7.50 6.53 15.38
C GLY A 443 -8.78 6.32 16.15
N TYR A 444 -9.33 7.40 16.70
CA TYR A 444 -10.69 7.40 17.24
C TYR A 444 -11.45 8.63 16.68
N ILE A 445 -10.71 9.48 15.96
CA ILE A 445 -11.26 10.65 15.28
C ILE A 445 -11.03 10.47 13.78
N THR A 446 -12.11 10.52 13.00
CA THR A 446 -11.97 10.47 11.54
C THR A 446 -12.09 11.89 10.98
N VAL A 447 -11.00 12.38 10.40
CA VAL A 447 -10.98 13.70 9.77
C VAL A 447 -10.82 13.55 8.27
N GLU A 448 -11.77 14.14 7.53
CA GLU A 448 -11.80 14.13 6.06
C GLU A 448 -11.68 12.72 5.45
N GLY A 449 -12.24 11.74 6.16
CA GLY A 449 -12.21 10.35 5.72
C GLY A 449 -11.04 9.54 6.24
N ASN A 450 -10.06 10.20 6.84
CA ASN A 450 -8.87 9.51 7.37
C ASN A 450 -9.09 9.08 8.81
N ALA A 451 -9.19 7.77 9.02
CA ALA A 451 -9.54 7.21 10.33
C ALA A 451 -8.32 7.03 11.24
N GLY A 452 -7.58 8.13 11.44
CA GLY A 452 -6.31 8.10 12.19
C GLY A 452 -5.13 8.05 11.23
N ASP A 453 -4.86 6.87 10.69
CA ASP A 453 -3.90 6.69 9.59
C ASP A 453 -4.39 7.40 8.34
N ARG A 454 -3.44 7.81 7.49
CA ARG A 454 -3.75 8.43 6.21
C ARG A 454 -4.25 7.41 5.19
N ASN A 455 -5.21 7.82 4.36
CA ASN A 455 -5.67 6.97 3.26
C ASN A 455 -4.61 6.91 2.17
N ASN A 456 -3.89 8.01 1.98
CA ASN A 456 -2.86 8.09 0.95
C ASN A 456 -1.71 9.03 1.30
N LEU A 457 -0.70 9.08 0.43
CA LEU A 457 0.50 9.89 0.66
C LEU A 457 0.54 11.14 -0.23
N ASP A 458 -0.64 11.66 -0.55
CA ASP A 458 -0.76 12.85 -1.38
C ASP A 458 -1.08 14.06 -0.52
N PRO A 459 -0.88 15.29 -1.07
CA PRO A 459 -1.30 16.49 -0.34
C PRO A 459 -2.81 16.48 -0.08
N TRP A 460 -3.20 17.09 1.03
CA TRP A 460 -4.61 17.26 1.38
C TRP A 460 -5.23 18.36 0.52
N HIS A 461 -6.56 18.49 0.59
CA HIS A 461 -7.33 19.51 -0.14
C HIS A 461 -6.80 19.81 -1.55
N ASN A 462 -6.55 18.75 -2.31
CA ASN A 462 -6.07 18.87 -3.70
C ASN A 462 -4.87 19.81 -3.85
N GLY A 463 -3.94 19.71 -2.92
CA GLY A 463 -2.69 20.48 -2.94
C GLY A 463 -1.93 20.36 -4.24
N ASN A 464 -1.95 19.16 -4.82
CA ASN A 464 -1.28 18.94 -6.12
C ASN A 464 -1.77 19.85 -7.25
N ALA A 465 -3.10 20.01 -7.34
CA ALA A 465 -3.71 20.84 -8.37
C ALA A 465 -3.41 22.32 -8.14
N LEU A 466 -3.39 22.73 -6.87
CA LEU A 466 -3.08 24.11 -6.52
C LEU A 466 -1.65 24.47 -6.94
N VAL A 467 -0.69 23.62 -6.63
CA VAL A 467 0.68 23.90 -7.03
C VAL A 467 0.74 24.03 -8.55
N GLN A 468 0.10 23.09 -9.24
CA GLN A 468 -0.01 23.07 -10.70
C GLN A 468 -0.58 24.38 -11.26
N ALA A 469 -1.71 24.83 -10.69
CA ALA A 469 -2.35 26.08 -11.08
C ALA A 469 -1.41 27.28 -10.97
N VAL A 470 -0.76 27.40 -9.81
CA VAL A 470 0.16 28.51 -9.51
C VAL A 470 1.38 28.47 -10.42
N ALA A 471 1.94 27.28 -10.62
CA ALA A 471 3.12 27.13 -11.48
C ALA A 471 2.83 27.55 -12.92
N GLY A 472 1.59 27.34 -13.37
CA GLY A 472 1.15 27.78 -14.68
C GLY A 472 1.01 29.29 -14.81
N ALA A 473 1.02 29.98 -13.67
CA ALA A 473 0.90 31.43 -13.65
C ALA A 473 2.16 32.16 -13.18
N ASN A 474 3.20 31.41 -12.80
CA ASN A 474 4.43 32.02 -12.28
C ASN A 474 5.67 31.16 -12.51
N SER A 475 6.78 31.82 -12.84
CA SER A 475 8.03 31.13 -13.14
C SER A 475 8.87 30.75 -11.91
N ASN A 476 8.63 31.43 -10.79
CA ASN A 476 9.43 31.21 -9.60
C ASN A 476 8.58 30.84 -8.40
N VAL A 477 8.30 29.54 -8.26
CA VAL A 477 7.39 29.04 -7.23
C VAL A 477 8.15 28.44 -6.05
N ILE A 478 7.77 28.87 -4.85
CA ILE A 478 8.23 28.25 -3.61
C ILE A 478 7.07 27.47 -3.01
N VAL A 479 7.26 26.17 -2.83
CA VAL A 479 6.23 25.33 -2.23
C VAL A 479 6.60 25.06 -0.77
N VAL A 480 5.68 25.35 0.14
CA VAL A 480 5.89 25.10 1.56
C VAL A 480 4.92 24.02 2.06
N VAL A 481 5.50 22.98 2.66
CA VAL A 481 4.76 21.82 3.17
C VAL A 481 4.83 21.76 4.69
N HIS A 482 3.66 21.60 5.31
CA HIS A 482 3.58 21.27 6.72
C HIS A 482 2.88 19.93 6.76
N SER A 483 3.55 18.91 7.30
CA SER A 483 3.02 17.55 7.21
C SER A 483 3.39 16.63 8.36
N VAL A 484 2.46 15.73 8.66
CA VAL A 484 2.64 14.68 9.65
C VAL A 484 3.55 13.53 9.19
N GLY A 485 4.07 13.62 7.97
CA GLY A 485 4.83 12.52 7.37
C GLY A 485 5.11 12.71 5.88
N ALA A 486 5.80 11.72 5.29
CA ALA A 486 6.15 11.77 3.86
C ALA A 486 4.95 12.08 2.97
N ILE A 487 5.18 12.91 1.96
CA ILE A 487 4.20 13.16 0.93
C ILE A 487 4.93 12.97 -0.40
N ILE A 488 4.29 12.25 -1.33
CA ILE A 488 4.86 12.06 -2.66
C ILE A 488 4.89 13.41 -3.34
N LEU A 489 6.05 13.73 -3.91
CA LEU A 489 6.33 15.07 -4.41
C LEU A 489 6.60 15.14 -5.91
N GLU A 490 6.38 14.02 -6.61
CA GLU A 490 6.77 13.90 -8.04
C GLU A 490 6.00 14.81 -8.98
N GLN A 491 4.71 15.00 -8.72
CA GLN A 491 3.89 15.91 -9.52
C GLN A 491 4.37 17.35 -9.32
N ILE A 492 4.58 17.72 -8.06
CA ILE A 492 5.10 19.06 -7.72
C ILE A 492 6.45 19.27 -8.39
N LEU A 493 7.32 18.26 -8.31
CA LEU A 493 8.66 18.39 -8.86
C LEU A 493 8.72 18.42 -10.39
N ALA A 494 7.72 17.82 -11.04
CA ALA A 494 7.61 17.83 -12.51
C ALA A 494 7.43 19.24 -13.10
N LEU A 495 7.05 20.20 -12.27
CA LEU A 495 6.83 21.58 -12.70
C LEU A 495 8.12 22.40 -12.65
N PRO A 496 8.69 22.73 -13.83
CA PRO A 496 9.96 23.47 -13.91
C PRO A 496 9.90 24.83 -13.23
N GLN A 497 8.68 25.28 -12.91
CA GLN A 497 8.47 26.57 -12.27
C GLN A 497 8.69 26.48 -10.76
N VAL A 498 8.51 25.28 -10.21
CA VAL A 498 8.76 25.03 -8.80
C VAL A 498 10.26 25.07 -8.57
N LYS A 499 10.73 26.12 -7.90
CA LYS A 499 12.16 26.36 -7.74
C LYS A 499 12.67 26.01 -6.34
N ALA A 500 11.75 25.86 -5.39
CA ALA A 500 12.12 25.60 -4.00
C ALA A 500 10.99 24.91 -3.23
N VAL A 501 11.34 23.82 -2.55
CA VAL A 501 10.42 23.16 -1.62
C VAL A 501 10.95 23.22 -0.19
N VAL A 502 10.06 23.58 0.74
CA VAL A 502 10.42 23.78 2.13
C VAL A 502 9.63 22.83 3.02
N TRP A 503 10.29 21.77 3.46
CA TRP A 503 9.70 20.78 4.38
C TRP A 503 9.63 21.35 5.79
N ALA A 504 8.59 22.13 6.07
CA ALA A 504 8.48 22.86 7.33
C ALA A 504 8.16 21.97 8.53
N GLY A 505 7.56 20.81 8.27
CA GLY A 505 7.24 19.85 9.32
C GLY A 505 6.04 20.28 10.13
N LEU A 506 6.11 20.03 11.44
CA LEU A 506 5.08 20.45 12.38
C LEU A 506 5.67 21.44 13.37
N PRO A 507 5.36 22.74 13.20
CA PRO A 507 5.99 23.83 13.94
C PRO A 507 5.26 24.27 15.22
N SER A 508 4.03 23.80 15.40
CA SER A 508 3.18 24.26 16.50
C SER A 508 2.96 25.79 16.46
N GLN A 509 2.80 26.40 17.64
CA GLN A 509 2.38 27.79 17.79
C GLN A 509 3.28 28.85 17.12
N GLU A 510 4.53 28.49 16.81
CA GLU A 510 5.50 29.43 16.27
C GLU A 510 5.74 29.29 14.76
N SER A 511 4.80 28.62 14.09
CA SER A 511 4.86 28.33 12.65
C SER A 511 5.40 29.47 11.80
N GLY A 512 4.68 30.59 11.81
CA GLY A 512 4.99 31.76 10.97
C GLY A 512 6.37 32.34 11.16
N ASN A 513 6.76 32.53 12.42
CA ASN A 513 8.06 33.12 12.75
C ASN A 513 9.23 32.25 12.32
N ALA A 514 9.18 30.97 12.71
CA ALA A 514 10.18 30.00 12.30
C ALA A 514 10.39 30.05 10.77
N LEU A 515 9.29 30.08 10.01
CA LEU A 515 9.35 30.10 8.55
C LEU A 515 10.03 31.34 7.98
N VAL A 516 9.61 32.54 8.40
CA VAL A 516 10.30 33.76 7.97
C VAL A 516 11.77 33.78 8.43
N ASP A 517 12.04 33.24 9.63
CA ASP A 517 13.43 33.03 10.04
C ASP A 517 14.22 32.40 8.89
N VAL A 518 13.69 31.29 8.37
CA VAL A 518 14.36 30.58 7.28
C VAL A 518 14.20 31.26 5.91
N LEU A 519 12.98 31.67 5.56
CA LEU A 519 12.73 32.29 4.24
C LEU A 519 13.63 33.47 3.93
N TRP A 520 13.72 34.42 4.87
CA TRP A 520 14.57 35.60 4.71
C TRP A 520 16.03 35.38 5.06
N GLY A 521 16.36 34.20 5.58
CA GLY A 521 17.75 33.82 5.82
C GLY A 521 18.38 34.46 7.04
N ASP A 522 17.57 34.75 8.05
CA ASP A 522 18.10 35.22 9.32
C ASP A 522 18.82 34.05 9.96
N VAL A 523 18.30 32.85 9.71
CA VAL A 523 19.02 31.62 10.00
C VAL A 523 18.99 30.77 8.72
N SER A 524 20.10 30.09 8.44
CA SER A 524 20.14 29.10 7.36
C SER A 524 19.42 27.85 7.84
N PRO A 525 18.62 27.20 6.96
CA PRO A 525 17.96 25.97 7.41
C PRO A 525 19.00 24.91 7.71
N SER A 526 18.73 24.06 8.69
CA SER A 526 19.71 23.06 9.11
C SER A 526 19.09 21.73 9.47
N GLY A 527 17.76 21.67 9.40
CA GLY A 527 17.03 20.41 9.58
C GLY A 527 17.35 19.37 8.52
N LYS A 528 17.23 18.10 8.90
CA LYS A 528 17.38 17.00 7.97
C LYS A 528 16.28 15.97 8.22
N LEU A 529 15.91 15.22 7.18
CA LEU A 529 14.81 14.26 7.22
C LEU A 529 15.05 13.10 8.20
N VAL A 530 14.01 12.74 8.93
CA VAL A 530 14.07 11.61 9.86
C VAL A 530 13.21 10.45 9.35
N TYR A 531 12.89 10.51 8.05
CA TYR A 531 12.18 9.46 7.32
C TYR A 531 12.37 9.68 5.81
N THR A 532 12.09 8.66 5.02
CA THR A 532 12.37 8.69 3.59
C THR A 532 11.19 9.28 2.79
N ILE A 533 11.49 10.18 1.85
CA ILE A 533 10.51 10.63 0.88
C ILE A 533 10.71 9.91 -0.46
N ALA A 534 9.81 8.95 -0.75
CA ALA A 534 9.89 8.08 -1.94
C ALA A 534 9.37 8.72 -3.22
N LYS A 535 9.85 8.23 -4.36
CA LYS A 535 9.32 8.61 -5.68
C LYS A 535 7.91 8.06 -5.89
N SER A 536 7.61 6.90 -5.30
CA SER A 536 6.27 6.31 -5.44
C SER A 536 5.82 5.60 -4.17
N PRO A 537 4.50 5.66 -3.88
CA PRO A 537 3.96 4.93 -2.73
C PRO A 537 4.35 3.46 -2.75
N ASN A 538 4.42 2.88 -3.95
CA ASN A 538 4.83 1.48 -4.15
C ASN A 538 6.23 1.14 -3.66
N ASP A 539 7.12 2.13 -3.61
CA ASP A 539 8.51 1.87 -3.21
C ASP A 539 8.66 1.49 -1.72
N TYR A 540 7.70 1.87 -0.89
CA TYR A 540 7.72 1.50 0.52
C TYR A 540 7.42 0.01 0.63
N ASN A 541 7.80 -0.63 1.75
CA ASN A 541 7.57 -2.07 1.91
C ASN A 541 6.60 -2.44 3.04
N THR A 542 6.07 -1.44 3.72
CA THR A 542 5.07 -1.70 4.73
C THR A 542 3.74 -1.10 4.35
N ARG A 543 2.67 -1.71 4.86
N ARG A 543 2.66 -1.68 4.86
CA ARG A 543 1.30 -1.25 4.68
CA ARG A 543 1.33 -1.11 4.67
C ARG A 543 0.63 -1.14 6.05
C ARG A 543 0.63 -1.14 6.02
N ILE A 544 -0.40 -0.30 6.15
CA ILE A 544 -1.37 -0.38 7.26
C ILE A 544 -2.13 -1.69 6.96
N VAL A 545 -2.14 -2.61 7.93
CA VAL A 545 -2.75 -3.93 7.75
C VAL A 545 -4.22 -3.94 8.15
N SER A 546 -5.06 -4.47 7.26
CA SER A 546 -6.52 -4.46 7.49
C SER A 546 -7.02 -5.76 8.11
N GLY A 547 -6.21 -6.82 8.02
CA GLY A 547 -6.55 -8.09 8.65
C GLY A 547 -6.10 -8.18 10.10
N GLY A 548 -6.27 -9.35 10.70
CA GLY A 548 -6.02 -9.55 12.12
C GLY A 548 -4.57 -9.59 12.56
N SER A 549 -3.64 -9.66 11.61
CA SER A 549 -2.23 -9.89 11.96
C SER A 549 -1.26 -9.11 11.08
N ASP A 550 -0.25 -8.51 11.71
CA ASP A 550 0.90 -7.97 11.00
C ASP A 550 2.12 -8.81 11.39
N SER A 551 2.65 -9.56 10.44
CA SER A 551 3.72 -10.51 10.72
C SER A 551 5.09 -9.86 10.88
N PHE A 552 5.19 -8.58 10.50
CA PHE A 552 6.44 -7.82 10.62
C PHE A 552 7.57 -8.52 9.86
N SER A 553 7.20 -9.15 8.76
CA SER A 553 8.11 -10.07 8.07
C SER A 553 9.23 -9.32 7.38
N GLU A 554 9.03 -8.02 7.15
CA GLU A 554 10.10 -7.15 6.67
C GLU A 554 11.27 -7.10 7.67
N GLY A 555 11.00 -7.49 8.92
CA GLY A 555 11.99 -7.60 9.97
C GLY A 555 12.72 -6.30 10.25
N LEU A 556 14.04 -6.35 10.18
CA LEU A 556 14.89 -5.19 10.45
C LEU A 556 14.84 -4.13 9.36
N PHE A 557 14.22 -4.47 8.23
CA PHE A 557 14.36 -3.64 7.03
C PHE A 557 13.15 -2.73 6.82
N ILE A 558 13.17 -1.57 7.48
CA ILE A 558 12.12 -0.56 7.32
C ILE A 558 12.73 0.75 6.79
N ASP A 559 11.87 1.64 6.31
CA ASP A 559 12.28 2.92 5.70
C ASP A 559 13.56 2.74 4.86
N TYR A 560 14.61 3.51 5.16
CA TYR A 560 15.80 3.57 4.31
C TYR A 560 16.63 2.29 4.30
N LYS A 561 16.38 1.40 5.27
CA LYS A 561 17.10 0.15 5.35
C LYS A 561 16.60 -0.78 4.25
N HIS A 562 15.32 -0.67 3.94
CA HIS A 562 14.73 -1.36 2.81
C HIS A 562 15.19 -0.75 1.49
N PHE A 563 15.16 0.58 1.44
CA PHE A 563 15.52 1.32 0.23
C PHE A 563 16.93 1.03 -0.21
N ASP A 564 17.86 1.01 0.75
CA ASP A 564 19.26 0.65 0.51
C ASP A 564 19.42 -0.79 0.05
N ASP A 565 18.83 -1.71 0.80
CA ASP A 565 19.00 -3.14 0.54
C ASP A 565 18.45 -3.55 -0.83
N ALA A 566 17.30 -2.99 -1.21
CA ALA A 566 16.66 -3.30 -2.49
C ALA A 566 17.13 -2.36 -3.60
N ASN A 567 18.05 -1.46 -3.27
CA ASN A 567 18.60 -0.52 -4.24
C ASN A 567 17.57 0.38 -4.95
N ILE A 568 16.54 0.79 -4.22
CA ILE A 568 15.56 1.75 -4.70
C ILE A 568 16.11 3.15 -4.45
N THR A 569 16.02 4.03 -5.45
CA THR A 569 16.42 5.43 -5.32
C THR A 569 15.24 6.29 -4.83
N PRO A 570 15.35 6.83 -3.60
CA PRO A 570 14.30 7.71 -3.13
C PRO A 570 14.39 9.07 -3.80
N ARG A 571 13.34 9.88 -3.67
CA ARG A 571 13.41 11.28 -4.03
C ARG A 571 14.39 12.00 -3.09
N TYR A 572 14.13 11.88 -1.79
CA TYR A 572 15.00 12.47 -0.77
C TYR A 572 15.18 11.44 0.34
N GLU A 573 16.44 11.12 0.63
CA GLU A 573 16.77 10.03 1.55
C GLU A 573 16.67 10.46 3.01
N PHE A 574 16.71 9.48 3.90
CA PHE A 574 16.77 9.71 5.34
C PHE A 574 18.06 10.44 5.69
N GLY A 575 17.92 11.53 6.46
CA GLY A 575 19.07 12.36 6.82
C GLY A 575 19.44 13.40 5.77
N TYR A 576 18.67 13.47 4.69
CA TYR A 576 18.85 14.50 3.67
C TYR A 576 18.34 15.87 4.15
N GLY A 577 19.05 16.92 3.74
CA GLY A 577 18.66 18.30 4.02
C GLY A 577 19.67 19.24 3.40
N LEU A 578 19.18 20.34 2.83
CA LEU A 578 20.04 21.36 2.22
C LEU A 578 20.32 22.52 3.18
N SER A 579 21.11 23.48 2.72
CA SER A 579 21.55 24.61 3.52
C SER A 579 21.79 25.83 2.64
N TYR A 580 21.80 27.03 3.21
CA TYR A 580 22.15 28.24 2.44
C TYR A 580 23.66 28.34 2.17
N THR A 581 24.44 27.48 2.83
CA THR A 581 25.87 27.37 2.60
C THR A 581 26.19 25.91 2.32
N LYS A 582 27.47 25.57 2.20
CA LYS A 582 27.89 24.17 1.98
C LYS A 582 29.09 23.80 2.86
N PHE A 583 29.35 22.49 2.95
CA PHE A 583 30.34 21.95 3.91
C PHE A 583 31.32 20.93 3.33
N ASN A 584 32.57 20.99 3.79
CA ASN A 584 33.58 20.01 3.45
C ASN A 584 33.96 19.10 4.61
N TYR A 585 34.00 17.79 4.35
CA TYR A 585 34.40 16.77 5.30
C TYR A 585 35.86 16.39 5.04
N SER A 586 36.64 16.24 6.11
CA SER A 586 38.04 15.79 5.97
C SER A 586 38.59 15.14 7.24
N ARG A 587 39.77 14.53 7.11
CA ARG A 587 40.47 13.90 8.22
CA ARG A 587 40.47 13.90 8.22
C ARG A 587 39.56 12.98 9.04
N LEU A 588 38.97 11.98 8.37
CA LEU A 588 38.18 10.97 9.07
C LEU A 588 39.11 10.02 9.84
N SER A 589 38.87 9.86 11.14
CA SER A 589 39.66 8.95 11.97
C SER A 589 38.78 7.99 12.76
N VAL A 590 39.34 6.81 13.05
CA VAL A 590 38.62 5.71 13.71
C VAL A 590 39.50 5.06 14.79
N LEU A 591 38.98 4.97 16.00
CA LEU A 591 39.68 4.31 17.11
C LEU A 591 38.76 3.38 17.87
N SER A 592 39.21 2.15 18.09
CA SER A 592 38.38 1.15 18.76
C SER A 592 39.16 0.22 19.67
N THR A 593 38.51 -0.15 20.78
CA THR A 593 38.99 -1.19 21.69
C THR A 593 37.93 -2.26 21.88
N ALA A 594 36.92 -2.26 21.01
CA ALA A 594 35.78 -3.16 21.10
C ALA A 594 36.17 -4.63 20.90
N LYS A 595 35.54 -5.51 21.69
CA LYS A 595 35.79 -6.95 21.61
C LYS A 595 34.55 -7.76 21.26
N SER A 596 34.76 -8.83 20.48
CA SER A 596 33.70 -9.73 20.07
C SER A 596 33.04 -10.45 21.25
N GLY A 597 31.86 -11.05 21.00
CA GLY A 597 31.18 -11.86 21.99
C GLY A 597 30.00 -11.18 22.62
N PRO A 598 29.33 -11.86 23.56
CA PRO A 598 28.11 -11.36 24.19
C PRO A 598 28.36 -10.27 25.24
N ALA A 599 27.33 -9.50 25.54
CA ALA A 599 27.35 -8.54 26.63
C ALA A 599 27.52 -9.28 27.95
N THR A 600 28.50 -8.86 28.73
CA THR A 600 28.93 -9.62 29.92
C THR A 600 28.59 -8.94 31.24
N GLY A 601 28.36 -7.63 31.20
CA GLY A 601 27.92 -6.90 32.39
C GLY A 601 26.58 -7.40 32.91
N ALA A 602 26.34 -7.17 34.20
CA ALA A 602 25.07 -7.51 34.85
C ALA A 602 23.99 -6.51 34.44
N VAL A 603 22.75 -6.86 34.71
CA VAL A 603 21.62 -6.08 34.21
C VAL A 603 21.32 -4.85 35.09
N VAL A 604 21.50 -3.67 34.50
CA VAL A 604 21.11 -2.39 35.11
C VAL A 604 20.09 -1.70 34.20
N PRO A 605 19.25 -0.79 34.75
CA PRO A 605 18.34 -0.02 33.90
C PRO A 605 18.91 0.24 32.50
N GLY A 606 18.33 -0.43 31.51
CA GLY A 606 18.78 -0.34 30.13
C GLY A 606 19.35 -1.64 29.59
N GLY A 607 19.56 -2.62 30.48
CA GLY A 607 20.17 -3.90 30.13
C GLY A 607 21.58 -4.05 30.66
N PRO A 608 22.27 -5.17 30.28
CA PRO A 608 23.65 -5.46 30.70
C PRO A 608 24.55 -4.22 30.69
N SER A 609 25.26 -3.99 31.79
CA SER A 609 25.93 -2.71 32.06
C SER A 609 26.92 -2.22 31.00
N ASP A 610 27.59 -3.14 30.33
CA ASP A 610 28.55 -2.77 29.29
C ASP A 610 27.94 -2.25 27.97
N LEU A 611 26.67 -2.56 27.72
CA LEU A 611 26.02 -2.23 26.43
C LEU A 611 25.99 -0.75 26.08
N PHE A 612 25.82 0.10 27.09
CA PHE A 612 25.75 1.54 26.86
C PHE A 612 27.09 2.24 27.04
N GLN A 613 28.13 1.49 27.43
CA GLN A 613 29.45 2.08 27.62
C GLN A 613 30.20 2.16 26.29
N ASN A 614 30.92 3.27 26.09
CA ASN A 614 31.64 3.52 24.84
C ASN A 614 32.81 2.56 24.59
N VAL A 615 32.92 2.09 23.34
CA VAL A 615 33.96 1.12 22.98
C VAL A 615 34.82 1.59 21.80
N ALA A 616 34.33 2.57 21.07
CA ALA A 616 35.05 3.12 19.93
C ALA A 616 34.70 4.59 19.74
N THR A 617 35.52 5.30 18.97
CA THR A 617 35.29 6.70 18.67
C THR A 617 35.66 7.04 17.23
N VAL A 618 34.76 7.78 16.58
CA VAL A 618 34.96 8.18 15.19
C VAL A 618 34.92 9.70 15.07
N THR A 619 35.81 10.24 14.23
CA THR A 619 36.08 11.67 14.14
C THR A 619 36.13 12.12 12.68
N VAL A 620 35.58 13.29 12.40
CA VAL A 620 35.71 13.93 11.10
C VAL A 620 35.68 15.45 11.29
N ASP A 621 36.38 16.18 10.42
CA ASP A 621 36.40 17.64 10.43
C ASP A 621 35.44 18.21 9.39
N ILE A 622 34.54 19.08 9.85
CA ILE A 622 33.57 19.73 8.98
C ILE A 622 33.93 21.21 8.81
N ALA A 623 34.10 21.65 7.57
CA ALA A 623 34.48 23.03 7.28
C ALA A 623 33.42 23.72 6.43
N ASN A 624 32.99 24.89 6.88
CA ASN A 624 32.00 25.69 6.16
C ASN A 624 32.61 26.33 4.91
N SER A 625 32.48 25.64 3.78
CA SER A 625 33.09 26.07 2.52
C SER A 625 32.20 27.04 1.73
N GLY A 626 31.12 27.51 2.34
CA GLY A 626 30.22 28.46 1.69
C GLY A 626 30.46 29.90 2.09
N GLN A 627 29.53 30.76 1.69
CA GLN A 627 29.67 32.21 1.88
C GLN A 627 28.80 32.81 3.02
N VAL A 628 28.03 31.96 3.70
CA VAL A 628 27.22 32.39 4.86
C VAL A 628 27.32 31.38 6.02
N THR A 629 26.92 31.82 7.22
CA THR A 629 26.89 30.96 8.41
C THR A 629 25.81 29.86 8.27
N GLY A 630 26.07 28.69 8.81
CA GLY A 630 25.08 27.62 8.80
C GLY A 630 25.52 26.37 9.54
N ALA A 631 24.54 25.62 10.03
CA ALA A 631 24.81 24.39 10.75
C ALA A 631 24.68 23.14 9.87
N GLU A 632 25.60 22.20 10.06
CA GLU A 632 25.61 20.91 9.37
C GLU A 632 25.39 19.77 10.34
N VAL A 633 24.55 18.83 9.94
CA VAL A 633 24.34 17.64 10.73
C VAL A 633 25.16 16.50 10.12
N ALA A 634 26.39 16.36 10.59
CA ALA A 634 27.26 15.27 10.14
C ALA A 634 26.80 13.93 10.71
N GLN A 635 26.74 12.91 9.87
CA GLN A 635 26.13 11.65 10.27
C GLN A 635 27.07 10.45 10.10
N LEU A 636 27.00 9.51 11.05
CA LEU A 636 27.74 8.25 10.97
C LEU A 636 26.83 7.05 10.66
N TYR A 637 27.17 6.32 9.61
CA TYR A 637 26.49 5.07 9.27
C TYR A 637 27.46 3.91 9.32
N ILE A 638 26.99 2.82 9.92
CA ILE A 638 27.80 1.62 10.08
C ILE A 638 27.27 0.44 9.28
N THR A 639 28.17 -0.17 8.51
CA THR A 639 27.96 -1.47 7.89
C THR A 639 28.61 -2.54 8.76
N TYR A 640 27.84 -3.57 9.11
CA TYR A 640 28.35 -4.70 9.90
C TYR A 640 29.26 -5.63 9.08
N PRO A 641 30.04 -6.50 9.74
CA PRO A 641 30.92 -7.42 9.00
C PRO A 641 30.19 -8.56 8.28
N SER A 642 30.83 -9.09 7.25
CA SER A 642 30.28 -10.19 6.45
C SER A 642 30.01 -11.48 7.22
N SER A 643 30.69 -11.64 8.36
CA SER A 643 30.50 -12.78 9.23
C SER A 643 29.14 -12.73 9.93
N ALA A 644 28.66 -11.53 10.21
CA ALA A 644 27.39 -11.30 10.89
C ALA A 644 26.22 -11.76 10.00
N PRO A 645 25.08 -12.13 10.63
CA PRO A 645 23.90 -12.46 9.82
C PRO A 645 23.45 -11.25 9.01
N ARG A 646 22.49 -11.49 8.11
CA ARG A 646 21.85 -10.43 7.34
C ARG A 646 21.43 -9.27 8.27
N THR A 647 22.05 -8.12 8.03
CA THR A 647 21.80 -6.90 8.78
C THR A 647 21.63 -5.78 7.74
N PRO A 648 20.78 -4.78 8.02
CA PRO A 648 20.66 -3.68 7.07
C PRO A 648 22.03 -3.09 6.71
N PRO A 649 22.24 -2.76 5.42
CA PRO A 649 23.57 -2.35 4.92
C PRO A 649 24.16 -1.15 5.66
N LYS A 650 23.40 -0.07 5.76
CA LYS A 650 23.82 1.09 6.55
C LYS A 650 22.92 1.24 7.74
N GLN A 651 23.51 1.61 8.88
CA GLN A 651 22.73 1.80 10.08
C GLN A 651 23.30 3.01 10.80
N LEU A 652 22.45 4.02 11.01
CA LEU A 652 22.86 5.25 11.71
C LEU A 652 23.31 4.92 13.11
N ARG A 653 24.53 5.34 13.46
CA ARG A 653 25.08 5.00 14.76
C ARG A 653 25.68 6.22 15.49
N GLY A 654 25.63 7.38 14.83
CA GLY A 654 26.01 8.65 15.45
C GLY A 654 25.66 9.86 14.62
N PHE A 655 25.52 11.00 15.30
CA PHE A 655 25.27 12.28 14.63
C PHE A 655 25.72 13.46 15.49
N ALA A 656 26.34 14.46 14.86
CA ALA A 656 26.68 15.71 15.51
C ALA A 656 26.20 16.87 14.64
N LYS A 657 25.86 17.98 15.28
CA LYS A 657 25.51 19.20 14.59
C LYS A 657 26.52 20.28 14.97
N LEU A 658 27.11 20.90 13.95
CA LEU A 658 28.10 21.96 14.13
C LEU A 658 27.64 23.20 13.39
N ASN A 659 27.55 24.32 14.10
CA ASN A 659 27.25 25.61 13.50
C ASN A 659 28.54 26.38 13.21
N LEU A 660 28.65 26.94 12.01
CA LEU A 660 29.95 27.45 11.56
C LEU A 660 29.83 28.72 10.73
N THR A 661 30.74 29.67 10.94
CA THR A 661 30.82 30.86 10.09
C THR A 661 31.57 30.55 8.78
N PRO A 662 31.50 31.44 7.78
CA PRO A 662 32.24 31.18 6.53
C PRO A 662 33.74 30.92 6.74
N GLY A 663 34.21 29.75 6.30
CA GLY A 663 35.62 29.36 6.41
C GLY A 663 35.96 28.62 7.69
N GLN A 664 34.99 28.57 8.61
CA GLN A 664 35.21 28.03 9.96
C GLN A 664 35.10 26.52 9.98
N SER A 665 36.00 25.90 10.73
CA SER A 665 36.13 24.46 10.76
C SER A 665 35.89 23.91 12.17
N GLY A 666 35.38 22.68 12.26
CA GLY A 666 35.14 22.03 13.56
C GLY A 666 35.18 20.51 13.48
N THR A 667 35.33 19.87 14.63
CA THR A 667 35.42 18.41 14.72
C THR A 667 34.15 17.79 15.27
N ALA A 668 33.58 16.85 14.51
CA ALA A 668 32.43 16.09 14.98
C ALA A 668 32.91 14.76 15.58
N THR A 669 32.42 14.47 16.79
CA THR A 669 32.84 13.28 17.53
C THR A 669 31.69 12.29 17.71
N PHE A 670 31.88 11.07 17.20
CA PHE A 670 30.85 10.02 17.33
C PHE A 670 31.27 8.95 18.32
N ASN A 671 30.57 8.88 19.45
CA ASN A 671 30.87 7.88 20.45
C ASN A 671 30.07 6.60 20.25
N ILE A 672 30.79 5.52 20.04
CA ILE A 672 30.19 4.24 19.74
C ILE A 672 30.03 3.42 21.01
N ARG A 673 28.80 3.24 21.47
CA ARG A 673 28.51 2.35 22.60
C ARG A 673 28.67 0.92 22.11
N ARG A 674 28.68 -0.06 23.01
CA ARG A 674 28.89 -1.45 22.61
C ARG A 674 27.72 -1.94 21.76
N ARG A 675 26.50 -1.64 22.22
CA ARG A 675 25.29 -1.97 21.49
C ARG A 675 25.38 -1.49 20.04
N ASP A 676 25.95 -0.30 19.84
CA ASP A 676 26.09 0.29 18.50
C ASP A 676 26.93 -0.53 17.55
N LEU A 677 27.46 -1.66 18.03
CA LEU A 677 28.18 -2.57 17.17
C LEU A 677 27.62 -3.97 17.33
N SER A 678 26.51 -4.06 18.07
CA SER A 678 25.90 -5.34 18.39
C SER A 678 24.68 -5.66 17.52
N TYR A 679 24.24 -6.92 17.58
CA TYR A 679 22.98 -7.37 17.03
C TYR A 679 22.42 -8.41 17.98
N TRP A 680 21.10 -8.58 17.99
CA TRP A 680 20.48 -9.59 18.84
C TRP A 680 20.59 -10.97 18.21
N ASP A 681 21.54 -11.76 18.70
CA ASP A 681 21.66 -13.15 18.34
C ASP A 681 20.53 -13.91 19.04
N THR A 682 19.62 -14.45 18.25
CA THR A 682 18.44 -15.10 18.78
C THR A 682 18.78 -16.43 19.46
N ALA A 683 19.63 -17.23 18.80
CA ALA A 683 20.03 -18.54 19.30
C ALA A 683 20.49 -18.48 20.75
N SER A 684 21.50 -17.63 21.00
CA SER A 684 22.12 -17.50 22.32
C SER A 684 21.39 -16.53 23.27
N GLN A 685 20.32 -15.90 22.78
CA GLN A 685 19.50 -15.00 23.58
C GLN A 685 20.29 -13.88 24.24
N LYS A 686 21.26 -13.32 23.50
CA LYS A 686 22.12 -12.26 24.04
C LYS A 686 22.51 -11.25 22.96
N TRP A 687 22.82 -10.03 23.39
CA TRP A 687 23.42 -9.02 22.52
C TRP A 687 24.88 -9.35 22.23
N VAL A 688 25.20 -9.49 20.95
CA VAL A 688 26.52 -9.94 20.53
C VAL A 688 27.19 -8.92 19.61
N VAL A 689 28.46 -8.62 19.87
CA VAL A 689 29.30 -7.91 18.90
C VAL A 689 29.98 -8.95 18.00
N PRO A 690 29.79 -8.84 16.68
CA PRO A 690 30.44 -9.79 15.79
C PRO A 690 31.90 -9.44 15.53
N SER A 691 32.69 -10.45 15.21
CA SER A 691 34.10 -10.27 14.81
C SER A 691 34.19 -9.85 13.33
N GLY A 692 35.33 -9.26 12.96
CA GLY A 692 35.61 -8.85 11.59
C GLY A 692 35.74 -7.35 11.34
N SER A 693 35.49 -6.94 10.09
CA SER A 693 35.67 -5.57 9.65
C SER A 693 34.31 -4.86 9.48
N PHE A 694 34.12 -3.74 10.19
CA PHE A 694 32.92 -2.91 10.05
C PHE A 694 33.16 -1.81 9.02
N GLY A 695 32.11 -1.42 8.31
CA GLY A 695 32.18 -0.27 7.42
C GLY A 695 31.76 1.02 8.13
N ILE A 696 32.56 2.07 7.92
CA ILE A 696 32.31 3.36 8.55
C ILE A 696 32.02 4.36 7.45
N SER A 697 30.80 4.87 7.45
CA SER A 697 30.38 5.83 6.46
C SER A 697 30.00 7.13 7.14
N VAL A 698 30.64 8.21 6.73
CA VAL A 698 30.39 9.51 7.34
C VAL A 698 30.04 10.52 6.26
N GLY A 699 28.94 11.23 6.46
CA GLY A 699 28.44 12.12 5.43
C GLY A 699 27.26 12.97 5.85
N ALA A 700 26.68 13.65 4.88
CA ALA A 700 25.60 14.60 5.11
C ALA A 700 24.21 13.97 5.10
N SER A 701 24.14 12.69 4.75
CA SER A 701 22.88 11.93 4.78
C SER A 701 23.17 10.44 4.72
N SER A 702 22.11 9.63 4.68
CA SER A 702 22.26 8.19 4.52
C SER A 702 22.81 7.84 3.15
N ARG A 703 22.72 8.78 2.21
CA ARG A 703 23.19 8.56 0.84
C ARG A 703 24.37 9.43 0.39
N ASP A 704 24.45 10.66 0.92
CA ASP A 704 25.57 11.56 0.64
C ASP A 704 26.81 11.26 1.52
N ILE A 705 27.40 10.08 1.32
CA ILE A 705 28.59 9.69 2.03
C ILE A 705 29.77 10.45 1.44
N ARG A 706 30.62 11.01 2.30
CA ARG A 706 31.72 11.84 1.85
C ARG A 706 33.06 11.15 2.07
N LEU A 707 33.17 10.42 3.17
CA LEU A 707 34.39 9.70 3.53
C LEU A 707 34.04 8.34 4.13
N THR A 708 34.91 7.36 3.86
CA THR A 708 34.69 5.99 4.31
C THR A 708 35.96 5.40 4.92
N SER A 709 35.79 4.49 5.87
CA SER A 709 36.90 3.77 6.50
C SER A 709 36.40 2.46 7.11
N THR A 710 37.24 1.84 7.94
CA THR A 710 36.90 0.55 8.56
C THR A 710 37.13 0.56 10.06
N LEU A 711 36.64 -0.47 10.74
CA LEU A 711 36.80 -0.66 12.18
C LEU A 711 36.88 -2.15 12.44
N SER A 712 37.89 -2.58 13.20
CA SER A 712 38.16 -4.01 13.39
C SER A 712 37.68 -4.56 14.73
N VAL A 713 37.29 -5.83 14.70
CA VAL A 713 37.00 -6.58 15.92
C VAL A 713 37.80 -7.88 15.84
N ALA A 714 38.42 -8.25 16.95
CA ALA A 714 39.32 -9.40 17.03
C ALA A 714 38.62 -10.73 16.81
N ALA B 1 4.35 -38.26 -16.13
CA ALA B 1 4.15 -38.05 -17.59
C ALA B 1 2.95 -38.83 -18.10
N VAL B 2 2.17 -38.20 -18.97
CA VAL B 2 0.96 -38.82 -19.54
C VAL B 2 0.67 -38.32 -20.97
N VAL B 3 -0.02 -39.16 -21.76
CA VAL B 3 -0.43 -38.80 -23.12
C VAL B 3 -1.92 -38.45 -23.18
N PRO B 4 -2.34 -37.64 -24.18
CA PRO B 4 -3.77 -37.41 -24.30
C PRO B 4 -4.50 -38.70 -24.68
N PRO B 5 -5.77 -38.86 -24.23
CA PRO B 5 -6.50 -40.09 -24.57
C PRO B 5 -6.84 -40.18 -26.06
N ALA B 6 -6.63 -41.36 -26.65
CA ALA B 6 -7.06 -41.64 -28.02
C ALA B 6 -8.55 -41.32 -28.21
N GLY B 7 -8.92 -40.90 -29.42
CA GLY B 7 -10.33 -40.58 -29.71
C GLY B 7 -10.79 -39.24 -29.19
N THR B 8 -9.80 -38.39 -28.87
CA THR B 8 -10.05 -37.02 -28.43
C THR B 8 -9.29 -36.08 -29.38
N PRO B 9 -9.70 -34.80 -29.46
CA PRO B 9 -9.01 -33.89 -30.38
C PRO B 9 -7.47 -33.93 -30.25
N TRP B 10 -6.96 -33.92 -29.02
CA TRP B 10 -5.51 -33.94 -28.80
C TRP B 10 -4.93 -35.32 -29.16
N GLY B 11 -5.69 -36.36 -28.84
CA GLY B 11 -5.26 -37.74 -29.10
C GLY B 11 -4.99 -37.97 -30.57
N THR B 12 -5.86 -37.43 -31.42
CA THR B 12 -5.74 -37.55 -32.87
C THR B 12 -4.58 -36.71 -33.40
N ALA B 13 -4.45 -35.50 -32.87
CA ALA B 13 -3.38 -34.58 -33.28
C ALA B 13 -2.00 -35.11 -32.90
N TYR B 14 -1.93 -35.83 -31.79
CA TYR B 14 -0.68 -36.45 -31.36
C TYR B 14 -0.22 -37.54 -32.34
N ASP B 15 -1.18 -38.31 -32.85
CA ASP B 15 -0.90 -39.36 -33.83
C ASP B 15 -0.29 -38.74 -35.06
N LYS B 16 -0.86 -37.62 -35.51
CA LYS B 16 -0.35 -36.93 -36.69
C LYS B 16 1.03 -36.31 -36.42
N ALA B 17 1.20 -35.74 -35.24
CA ALA B 17 2.44 -35.07 -34.87
C ALA B 17 3.59 -36.06 -34.81
N LYS B 18 3.33 -37.21 -34.21
CA LYS B 18 4.31 -38.30 -34.18
C LYS B 18 4.70 -38.73 -35.58
N ALA B 19 3.71 -38.95 -36.46
CA ALA B 19 4.00 -39.36 -37.84
C ALA B 19 4.91 -38.36 -38.56
N ALA B 20 4.67 -37.07 -38.35
CA ALA B 20 5.47 -36.02 -38.96
C ALA B 20 6.85 -35.92 -38.30
N LEU B 21 6.90 -36.19 -37.00
CA LEU B 21 8.18 -36.17 -36.27
C LEU B 21 9.19 -37.12 -36.90
N ALA B 22 8.73 -38.30 -37.31
CA ALA B 22 9.59 -39.35 -37.87
C ALA B 22 10.36 -38.95 -39.13
N LYS B 23 9.86 -37.94 -39.84
CA LYS B 23 10.45 -37.53 -41.12
C LYS B 23 11.51 -36.44 -40.95
N LEU B 24 11.84 -36.12 -39.69
CA LEU B 24 12.66 -34.94 -39.40
C LEU B 24 14.00 -35.27 -38.78
N ASN B 25 15.03 -34.53 -39.18
CA ASN B 25 16.35 -34.61 -38.53
C ASN B 25 16.44 -33.60 -37.37
N LEU B 26 17.60 -33.51 -36.74
CA LEU B 26 17.76 -32.63 -35.57
C LEU B 26 17.66 -31.14 -35.94
N GLN B 27 18.27 -30.76 -37.06
CA GLN B 27 18.20 -29.39 -37.57
C GLN B 27 16.76 -28.92 -37.77
N ASP B 28 15.95 -29.75 -38.41
CA ASP B 28 14.53 -29.49 -38.58
C ASP B 28 13.84 -29.31 -37.23
N LYS B 29 14.13 -30.22 -36.31
CA LYS B 29 13.53 -30.20 -34.97
C LYS B 29 13.79 -28.90 -34.20
N VAL B 30 15.05 -28.46 -34.18
CA VAL B 30 15.42 -27.27 -33.42
C VAL B 30 14.86 -25.99 -34.08
N GLY B 31 14.71 -26.01 -35.41
CA GLY B 31 14.16 -24.87 -36.16
C GLY B 31 12.68 -24.65 -35.85
N ILE B 32 12.04 -25.72 -35.42
CA ILE B 32 10.64 -25.65 -35.02
C ILE B 32 10.50 -25.10 -33.58
N VAL B 33 11.51 -25.36 -32.75
CA VAL B 33 11.45 -24.92 -31.36
C VAL B 33 12.12 -23.57 -31.13
N SER B 34 12.91 -23.13 -32.11
CA SER B 34 13.74 -21.93 -31.96
C SER B 34 13.20 -20.73 -32.74
N GLY B 35 12.94 -19.65 -32.01
CA GLY B 35 12.55 -18.38 -32.64
C GLY B 35 13.66 -17.85 -33.51
N VAL B 36 13.29 -17.28 -34.66
CA VAL B 36 14.30 -16.78 -35.61
C VAL B 36 15.09 -15.59 -35.06
N GLY B 37 14.56 -14.93 -34.01
CA GLY B 37 15.18 -13.75 -33.42
C GLY B 37 14.20 -12.60 -33.27
N TRP B 38 14.56 -11.68 -32.36
CA TRP B 38 13.79 -10.45 -32.16
C TRP B 38 13.75 -9.72 -33.49
N ASN B 39 12.53 -9.44 -33.96
CA ASN B 39 12.32 -8.84 -35.29
C ASN B 39 12.81 -9.65 -36.49
N GLY B 40 13.32 -10.86 -36.25
CA GLY B 40 13.86 -11.72 -37.32
C GLY B 40 12.92 -11.97 -38.48
N GLY B 41 11.67 -12.29 -38.19
CA GLY B 41 10.66 -12.52 -39.20
C GLY B 41 9.64 -11.40 -39.26
N PRO B 42 8.59 -11.55 -40.09
CA PRO B 42 7.56 -10.52 -40.32
C PRO B 42 6.51 -10.41 -39.22
N CYS B 43 6.47 -11.39 -38.33
CA CYS B 43 5.49 -11.42 -37.24
C CYS B 43 6.18 -11.02 -35.94
N VAL B 44 5.42 -10.95 -34.84
CA VAL B 44 5.98 -10.69 -33.53
C VAL B 44 6.87 -11.87 -33.11
N GLY B 45 6.44 -13.07 -33.46
CA GLY B 45 7.25 -14.29 -33.28
C GLY B 45 7.23 -15.17 -34.52
N ASN B 46 8.39 -15.73 -34.84
CA ASN B 46 8.55 -16.63 -35.99
C ASN B 46 9.48 -17.81 -35.69
N THR B 47 9.24 -18.94 -36.33
CA THR B 47 10.16 -20.07 -36.25
C THR B 47 10.66 -20.41 -37.64
N SER B 48 11.59 -21.37 -37.72
CA SER B 48 12.12 -21.81 -39.01
C SER B 48 11.21 -22.87 -39.62
N PRO B 49 10.80 -22.69 -40.90
CA PRO B 49 9.92 -23.65 -41.57
C PRO B 49 10.53 -25.04 -41.65
N ALA B 50 9.71 -26.02 -41.99
CA ALA B 50 10.17 -27.39 -42.17
C ALA B 50 9.51 -27.95 -43.43
N SER B 51 10.19 -27.77 -44.56
CA SER B 51 9.67 -28.11 -45.89
C SER B 51 9.18 -29.55 -46.01
N LYS B 52 9.94 -30.50 -45.43
CA LYS B 52 9.64 -31.93 -45.57
C LYS B 52 8.26 -32.36 -45.06
N ILE B 53 7.63 -31.51 -44.24
CA ILE B 53 6.28 -31.78 -43.74
C ILE B 53 5.31 -30.64 -44.03
N SER B 54 5.73 -29.72 -44.90
CA SER B 54 4.91 -28.57 -45.31
C SER B 54 4.59 -27.64 -44.13
N TYR B 55 5.44 -27.69 -43.11
CA TYR B 55 5.29 -26.82 -41.96
C TYR B 55 5.89 -25.45 -42.29
N PRO B 56 5.06 -24.39 -42.24
CA PRO B 56 5.52 -23.05 -42.57
C PRO B 56 6.31 -22.44 -41.43
N SER B 57 6.85 -21.24 -41.64
CA SER B 57 7.39 -20.45 -40.54
C SER B 57 6.20 -20.03 -39.66
N LEU B 58 6.14 -20.60 -38.46
CA LEU B 58 5.00 -20.33 -37.57
C LEU B 58 4.94 -18.84 -37.22
N CYS B 59 3.78 -18.24 -37.48
CA CYS B 59 3.58 -16.81 -37.25
C CYS B 59 2.77 -16.54 -35.97
N LEU B 60 3.41 -15.88 -35.01
CA LEU B 60 2.76 -15.58 -33.73
C LEU B 60 2.60 -14.06 -33.57
N GLN B 61 1.43 -13.61 -33.10
CA GLN B 61 1.18 -12.17 -32.97
C GLN B 61 0.47 -11.80 -31.67
N ASP B 62 0.77 -10.60 -31.14
CA ASP B 62 -0.05 -9.99 -30.09
C ASP B 62 -1.39 -9.64 -30.74
N GLY B 63 -2.49 -9.67 -29.99
CA GLY B 63 -2.49 -9.95 -28.56
C GLY B 63 -3.88 -10.31 -28.07
N PRO B 64 -4.11 -10.23 -26.75
CA PRO B 64 -5.31 -10.77 -26.11
C PRO B 64 -6.64 -10.11 -26.54
N LEU B 65 -6.57 -9.02 -27.30
CA LEU B 65 -7.77 -8.33 -27.74
C LEU B 65 -7.76 -7.90 -29.22
N GLY B 66 -6.87 -8.51 -30.00
CA GLY B 66 -6.84 -8.24 -31.43
C GLY B 66 -5.48 -8.23 -32.08
N VAL B 67 -5.49 -8.19 -33.40
CA VAL B 67 -4.28 -8.21 -34.21
C VAL B 67 -3.51 -6.89 -34.08
N ARG B 68 -2.44 -6.94 -33.31
CA ARG B 68 -1.55 -5.80 -33.15
C ARG B 68 -0.84 -5.49 -34.45
N TYR B 69 -0.49 -4.23 -34.62
CA TYR B 69 0.22 -3.72 -35.81
C TYR B 69 -0.56 -3.86 -37.11
N SER B 70 -1.85 -4.15 -37.02
CA SER B 70 -2.67 -4.23 -38.23
C SER B 70 -3.21 -2.88 -38.65
N THR B 71 -3.20 -2.62 -39.95
CA THR B 71 -3.75 -1.37 -40.47
C THR B 71 -5.27 -1.43 -40.60
N GLY B 72 -5.86 -2.62 -40.44
CA GLY B 72 -7.29 -2.81 -40.65
C GLY B 72 -7.94 -3.83 -39.75
N SER B 73 -7.68 -3.73 -38.47
CA SER B 73 -8.26 -4.67 -37.52
C SER B 73 -9.21 -4.00 -36.50
N THR B 74 -10.00 -4.83 -35.85
CA THR B 74 -10.86 -4.37 -34.77
C THR B 74 -10.05 -4.26 -33.47
N ALA B 75 -10.37 -3.25 -32.66
CA ALA B 75 -9.85 -3.20 -31.33
C ALA B 75 -10.95 -3.71 -30.43
N PHE B 76 -10.87 -4.98 -30.09
CA PHE B 76 -11.82 -5.57 -29.18
C PHE B 76 -11.62 -5.03 -27.78
N THR B 77 -12.71 -5.03 -27.00
CA THR B 77 -12.62 -4.60 -25.61
C THR B 77 -11.71 -5.54 -24.82
N PRO B 78 -10.94 -4.98 -23.86
CA PRO B 78 -10.11 -5.81 -22.97
C PRO B 78 -10.93 -6.90 -22.31
N GLY B 79 -10.26 -7.98 -21.95
CA GLY B 79 -10.90 -9.08 -21.26
C GLY B 79 -11.71 -8.66 -20.04
N VAL B 80 -11.21 -7.68 -19.29
CA VAL B 80 -11.88 -7.25 -18.07
C VAL B 80 -13.31 -6.77 -18.37
N GLN B 81 -13.47 -6.02 -19.46
CA GLN B 81 -14.82 -5.59 -19.87
C GLN B 81 -15.68 -6.79 -20.19
N ALA B 82 -15.11 -7.76 -20.90
CA ALA B 82 -15.81 -8.99 -21.27
C ALA B 82 -16.32 -9.72 -20.04
N ALA B 83 -15.49 -9.79 -19.00
CA ALA B 83 -15.88 -10.43 -17.75
C ALA B 83 -17.01 -9.67 -17.08
N SER B 84 -16.98 -8.34 -17.22
CA SER B 84 -17.94 -7.45 -16.58
C SER B 84 -19.34 -7.66 -17.08
N THR B 85 -19.48 -8.17 -18.31
CA THR B 85 -20.77 -8.52 -18.87
C THR B 85 -21.38 -9.74 -18.17
N TRP B 86 -20.51 -10.61 -17.65
CA TRP B 86 -20.92 -11.88 -17.06
C TRP B 86 -21.77 -12.66 -18.06
N ASP B 87 -21.47 -12.45 -19.35
CA ASP B 87 -22.21 -13.09 -20.42
C ASP B 87 -21.31 -14.07 -21.20
N VAL B 88 -21.45 -15.35 -20.93
CA VAL B 88 -20.58 -16.35 -21.59
C VAL B 88 -20.66 -16.29 -23.12
N ASN B 89 -21.84 -15.99 -23.65
CA ASN B 89 -22.04 -15.89 -25.09
C ASN B 89 -21.25 -14.77 -25.73
N LEU B 90 -21.23 -13.61 -25.09
CA LEU B 90 -20.43 -12.46 -25.54
C LEU B 90 -18.94 -12.74 -25.38
N ILE B 91 -18.59 -13.52 -24.38
CA ILE B 91 -17.19 -13.86 -24.13
C ILE B 91 -16.69 -14.78 -25.23
N ARG B 92 -17.49 -15.80 -25.53
CA ARG B 92 -17.17 -16.78 -26.59
C ARG B 92 -17.05 -16.14 -27.97
N GLU B 93 -18.03 -15.29 -28.30
CA GLU B 93 -18.11 -14.61 -29.61
C GLU B 93 -16.91 -13.70 -29.82
N ARG B 94 -16.56 -12.94 -28.78
CA ARG B 94 -15.35 -12.12 -28.76
C ARG B 94 -14.14 -12.98 -29.18
N GLY B 95 -14.00 -14.14 -28.55
CA GLY B 95 -12.95 -15.09 -28.92
C GLY B 95 -13.02 -15.50 -30.38
N GLN B 96 -14.21 -15.90 -30.83
CA GLN B 96 -14.40 -16.33 -32.22
C GLN B 96 -14.09 -15.21 -33.23
N PHE B 97 -14.58 -14.02 -32.94
CA PHE B 97 -14.37 -12.85 -33.78
C PHE B 97 -12.89 -12.46 -33.86
N ILE B 98 -12.16 -12.58 -32.74
CA ILE B 98 -10.71 -12.34 -32.71
C ILE B 98 -10.02 -13.37 -33.59
N GLY B 99 -10.39 -14.64 -33.40
CA GLY B 99 -9.85 -15.72 -34.21
C GLY B 99 -10.08 -15.53 -35.70
N GLU B 100 -11.22 -14.94 -36.08
CA GLU B 100 -11.51 -14.74 -37.50
C GLU B 100 -10.57 -13.69 -38.08
N GLU B 101 -10.29 -12.65 -37.30
CA GLU B 101 -9.40 -11.59 -37.75
C GLU B 101 -7.95 -12.05 -37.77
N VAL B 102 -7.58 -12.89 -36.79
CA VAL B 102 -6.23 -13.47 -36.75
C VAL B 102 -5.97 -14.36 -37.96
N LYS B 103 -6.86 -15.32 -38.21
CA LYS B 103 -6.71 -16.24 -39.33
C LYS B 103 -6.64 -15.51 -40.68
N ALA B 104 -7.54 -14.52 -40.86
CA ALA B 104 -7.65 -13.77 -42.11
C ALA B 104 -6.46 -12.86 -42.33
N SER B 105 -5.82 -12.46 -41.23
CA SER B 105 -4.55 -11.72 -41.30
C SER B 105 -3.37 -12.67 -41.62
N GLY B 106 -3.62 -13.97 -41.58
CA GLY B 106 -2.62 -14.96 -41.91
C GLY B 106 -1.71 -15.28 -40.73
N ILE B 107 -2.25 -15.17 -39.52
CA ILE B 107 -1.46 -15.44 -38.30
C ILE B 107 -1.89 -16.77 -37.71
N HIS B 108 -0.91 -17.60 -37.35
CA HIS B 108 -1.18 -18.93 -36.81
C HIS B 108 -1.52 -18.95 -35.31
N VAL B 109 -0.81 -18.13 -34.53
CA VAL B 109 -0.94 -18.15 -33.06
C VAL B 109 -1.22 -16.75 -32.50
N ILE B 110 -2.28 -16.63 -31.72
CA ILE B 110 -2.61 -15.36 -31.07
C ILE B 110 -2.23 -15.42 -29.57
N LEU B 111 -1.53 -14.38 -29.10
CA LEU B 111 -0.91 -14.40 -27.75
C LEU B 111 -1.87 -13.94 -26.66
N GLY B 112 -2.83 -14.82 -26.35
CA GLY B 112 -3.86 -14.59 -25.35
C GLY B 112 -4.87 -15.73 -25.40
N PRO B 113 -5.86 -15.76 -24.49
CA PRO B 113 -6.20 -14.76 -23.46
C PRO B 113 -5.31 -14.83 -22.22
N VAL B 114 -5.63 -14.01 -21.23
CA VAL B 114 -4.82 -13.82 -20.00
C VAL B 114 -5.54 -14.31 -18.75
N ALA B 115 -5.00 -15.33 -18.10
CA ALA B 115 -5.44 -15.76 -16.77
C ALA B 115 -4.44 -15.35 -15.66
N GLY B 116 -3.31 -14.78 -16.07
CA GLY B 116 -2.25 -14.35 -15.15
C GLY B 116 -1.59 -13.11 -15.71
N PRO B 117 -1.63 -11.98 -14.97
CA PRO B 117 -2.09 -11.85 -13.59
C PRO B 117 -3.57 -12.15 -13.37
N LEU B 118 -3.86 -12.96 -12.37
CA LEU B 118 -5.23 -13.05 -11.88
C LEU B 118 -5.66 -11.64 -11.53
N GLY B 119 -4.90 -11.00 -10.64
CA GLY B 119 -5.04 -9.58 -10.35
C GLY B 119 -5.31 -9.33 -8.89
N LYS B 120 -4.41 -9.80 -8.04
CA LYS B 120 -4.57 -9.70 -6.59
C LYS B 120 -4.50 -8.26 -6.07
N THR B 121 -3.79 -7.40 -6.80
CA THR B 121 -3.52 -6.03 -6.38
C THR B 121 -4.02 -4.99 -7.39
N PRO B 122 -4.92 -4.08 -6.96
CA PRO B 122 -5.62 -3.12 -7.82
C PRO B 122 -4.70 -2.23 -8.62
N GLN B 123 -3.54 -1.91 -8.05
CA GLN B 123 -2.53 -1.07 -8.70
C GLN B 123 -1.80 -1.80 -9.82
N GLY B 124 -1.85 -3.14 -9.82
CA GLY B 124 -1.18 -3.95 -10.84
C GLY B 124 -1.53 -3.48 -12.24
N GLY B 125 -0.51 -3.31 -13.09
CA GLY B 125 -0.65 -2.59 -14.37
C GLY B 125 -1.40 -3.33 -15.46
N ARG B 126 -1.49 -4.65 -15.30
CA ARG B 126 -1.90 -5.53 -16.38
C ARG B 126 -3.18 -6.30 -16.09
N ASN B 127 -3.71 -6.17 -14.88
CA ASN B 127 -4.93 -6.87 -14.49
C ASN B 127 -6.09 -6.67 -15.47
N TRP B 128 -6.08 -5.55 -16.18
CA TRP B 128 -7.16 -5.20 -17.07
C TRP B 128 -7.24 -6.13 -18.26
N GLU B 129 -6.09 -6.73 -18.61
CA GLU B 129 -5.99 -7.65 -19.74
C GLU B 129 -6.65 -8.98 -19.45
N GLY B 130 -6.78 -9.32 -18.17
CA GLY B 130 -7.38 -10.58 -17.76
C GLY B 130 -8.89 -10.45 -17.71
N PHE B 131 -9.51 -11.19 -16.79
CA PHE B 131 -10.97 -11.25 -16.66
C PHE B 131 -11.44 -11.02 -15.22
N GLY B 132 -10.64 -10.31 -14.42
CA GLY B 132 -11.00 -10.04 -13.03
C GLY B 132 -10.31 -10.91 -11.99
N VAL B 133 -10.70 -10.72 -10.73
CA VAL B 133 -9.94 -11.23 -9.60
C VAL B 133 -10.30 -12.66 -9.20
N ASP B 134 -11.47 -13.13 -9.63
CA ASP B 134 -11.96 -14.42 -9.20
C ASP B 134 -11.49 -15.56 -10.10
N PRO B 135 -10.99 -16.66 -9.50
CA PRO B 135 -10.42 -17.73 -10.32
C PRO B 135 -11.48 -18.52 -11.08
N TYR B 136 -12.69 -18.61 -10.53
CA TYR B 136 -13.79 -19.32 -11.19
C TYR B 136 -14.27 -18.57 -12.43
N LEU B 137 -14.64 -17.30 -12.26
CA LEU B 137 -15.07 -16.45 -13.39
C LEU B 137 -13.98 -16.35 -14.47
N THR B 138 -12.76 -16.03 -14.06
CA THR B 138 -11.61 -16.05 -14.99
C THR B 138 -11.43 -17.42 -15.64
N GLY B 139 -11.73 -18.48 -14.89
CA GLY B 139 -11.69 -19.83 -15.42
C GLY B 139 -12.70 -20.01 -16.55
N ILE B 140 -13.98 -19.94 -16.21
CA ILE B 140 -15.04 -19.95 -17.20
C ILE B 140 -14.68 -19.08 -18.42
N ALA B 141 -14.33 -17.82 -18.18
CA ALA B 141 -14.04 -16.90 -19.27
C ALA B 141 -12.89 -17.37 -20.16
N MET B 142 -11.81 -17.88 -19.56
CA MET B 142 -10.68 -18.46 -20.29
C MET B 142 -11.16 -19.57 -21.22
N GLY B 143 -12.01 -20.45 -20.66
CA GLY B 143 -12.60 -21.55 -21.42
C GLY B 143 -13.38 -21.08 -22.65
N GLN B 144 -14.28 -20.13 -22.43
CA GLN B 144 -15.13 -19.63 -23.49
C GLN B 144 -14.32 -18.93 -24.57
N THR B 145 -13.36 -18.11 -24.16
CA THR B 145 -12.54 -17.32 -25.08
C THR B 145 -11.71 -18.23 -25.99
N ILE B 146 -11.10 -19.25 -25.38
CA ILE B 146 -10.28 -20.22 -26.13
C ILE B 146 -11.12 -21.08 -27.09
N ASN B 147 -12.24 -21.60 -26.61
CA ASN B 147 -13.25 -22.22 -27.46
C ASN B 147 -13.53 -21.43 -28.75
N GLY B 148 -13.86 -20.15 -28.60
CA GLY B 148 -14.11 -19.26 -29.72
C GLY B 148 -12.94 -19.12 -30.69
N ILE B 149 -11.76 -18.80 -30.15
CA ILE B 149 -10.57 -18.60 -30.95
C ILE B 149 -10.20 -19.84 -31.77
N GLN B 150 -10.16 -21.01 -31.11
CA GLN B 150 -9.64 -22.22 -31.73
C GLN B 150 -10.66 -22.90 -32.68
N SER B 151 -11.93 -22.50 -32.56
CA SER B 151 -12.99 -22.99 -33.43
C SER B 151 -12.81 -22.47 -34.86
N VAL B 152 -12.06 -21.39 -35.00
CA VAL B 152 -11.79 -20.76 -36.28
C VAL B 152 -10.54 -21.36 -36.93
N GLY B 153 -9.86 -22.26 -36.21
CA GLY B 153 -8.60 -22.84 -36.68
C GLY B 153 -7.37 -22.04 -36.28
N VAL B 154 -7.48 -21.28 -35.20
CA VAL B 154 -6.39 -20.44 -34.71
C VAL B 154 -5.88 -20.93 -33.35
N GLN B 155 -4.56 -20.95 -33.21
CA GLN B 155 -3.94 -21.30 -31.93
C GLN B 155 -4.07 -20.16 -30.91
N ALA B 156 -4.52 -20.51 -29.72
CA ALA B 156 -4.57 -19.57 -28.60
C ALA B 156 -3.40 -19.83 -27.63
N THR B 157 -3.01 -18.81 -26.86
CA THR B 157 -1.93 -18.93 -25.88
C THR B 157 -2.34 -18.40 -24.51
N ALA B 158 -2.53 -19.30 -23.55
CA ALA B 158 -2.83 -18.88 -22.18
C ALA B 158 -1.58 -18.29 -21.54
N LYS B 159 -1.66 -17.04 -21.11
CA LYS B 159 -0.53 -16.34 -20.48
C LYS B 159 -1.05 -15.55 -19.27
N HIS B 160 -0.18 -15.15 -18.35
CA HIS B 160 1.22 -15.53 -18.29
C HIS B 160 1.39 -16.49 -17.12
N TYR B 161 2.03 -17.62 -17.39
CA TYR B 161 2.17 -18.69 -16.40
C TYR B 161 3.58 -18.62 -15.78
N ILE B 162 3.70 -18.30 -14.49
CA ILE B 162 2.61 -18.09 -13.54
C ILE B 162 3.04 -17.08 -12.45
N LEU B 163 2.06 -16.49 -11.77
CA LEU B 163 2.28 -15.55 -10.65
C LEU B 163 2.94 -14.22 -11.03
N ASN B 164 2.74 -13.77 -12.26
CA ASN B 164 3.16 -12.42 -12.67
C ASN B 164 2.14 -11.36 -12.24
N GLU B 165 2.00 -11.17 -10.91
CA GLU B 165 0.94 -10.31 -10.37
C GLU B 165 1.27 -8.81 -10.29
N GLN B 166 2.43 -8.44 -10.82
CA GLN B 166 2.84 -7.03 -10.85
C GLN B 166 3.82 -6.73 -11.98
N GLU B 167 3.84 -5.48 -12.41
CA GLU B 167 4.81 -5.03 -13.40
C GLU B 167 6.17 -4.65 -12.84
N LEU B 168 6.21 -4.12 -11.62
CA LEU B 168 7.46 -3.62 -11.03
C LEU B 168 8.47 -4.76 -10.80
N ASN B 169 9.65 -4.63 -11.41
CA ASN B 169 10.68 -5.67 -11.36
C ASN B 169 10.16 -7.07 -11.76
N ARG B 170 9.21 -7.10 -12.69
CA ARG B 170 8.63 -8.37 -13.15
C ARG B 170 9.67 -9.39 -13.61
N GLU B 171 10.76 -8.91 -14.21
CA GLU B 171 11.87 -9.77 -14.65
C GLU B 171 12.80 -10.23 -13.51
N THR B 172 12.70 -9.64 -12.32
CA THR B 172 13.62 -10.00 -11.23
C THR B 172 12.94 -10.54 -9.98
N ILE B 173 11.74 -10.08 -9.69
CA ILE B 173 11.00 -10.46 -8.48
C ILE B 173 10.67 -11.95 -8.46
N SER B 174 10.61 -12.52 -7.25
CA SER B 174 10.15 -13.90 -7.08
C SER B 174 8.80 -13.96 -6.35
N SER B 175 7.87 -14.74 -6.89
CA SER B 175 6.60 -14.99 -6.22
C SER B 175 6.67 -16.33 -5.52
N ASN B 176 6.40 -16.37 -4.21
CA ASN B 176 6.61 -17.60 -3.44
C ASN B 176 5.41 -18.08 -2.59
N PRO B 177 4.26 -18.37 -3.23
CA PRO B 177 3.09 -18.86 -2.49
C PRO B 177 3.23 -20.31 -2.05
N ASP B 178 2.42 -20.73 -1.08
CA ASP B 178 2.37 -22.14 -0.67
C ASP B 178 1.62 -22.99 -1.69
N ASP B 179 1.80 -24.31 -1.63
CA ASP B 179 1.25 -25.22 -2.63
C ASP B 179 -0.24 -24.98 -2.87
N ARG B 180 -1.01 -24.79 -1.80
CA ARG B 180 -2.45 -24.62 -1.92
C ARG B 180 -2.84 -23.33 -2.64
N THR B 181 -2.11 -22.25 -2.40
CA THR B 181 -2.39 -20.98 -3.05
C THR B 181 -2.05 -21.10 -4.55
N LEU B 182 -0.96 -21.80 -4.84
CA LEU B 182 -0.53 -22.08 -6.20
C LEU B 182 -1.63 -22.80 -7.00
N HIS B 183 -2.10 -23.94 -6.49
CA HIS B 183 -3.08 -24.79 -7.19
C HIS B 183 -4.49 -24.20 -7.17
N GLU B 184 -4.93 -23.77 -5.98
CA GLU B 184 -6.33 -23.43 -5.75
C GLU B 184 -6.73 -22.04 -6.26
N LEU B 185 -5.74 -21.16 -6.45
CA LEU B 185 -6.04 -19.79 -6.84
C LEU B 185 -5.49 -19.44 -8.21
N TYR B 186 -4.17 -19.54 -8.36
CA TYR B 186 -3.52 -18.96 -9.54
C TYR B 186 -3.46 -19.86 -10.77
N THR B 187 -3.37 -21.16 -10.53
CA THR B 187 -3.30 -22.18 -11.57
C THR B 187 -4.70 -22.56 -12.01
N TRP B 188 -5.65 -22.45 -11.07
CA TRP B 188 -7.05 -22.83 -11.30
C TRP B 188 -7.63 -22.37 -12.64
N PRO B 189 -7.51 -21.07 -12.98
CA PRO B 189 -8.05 -20.68 -14.30
C PRO B 189 -7.27 -21.28 -15.46
N PHE B 190 -5.95 -21.41 -15.34
CA PHE B 190 -5.15 -22.10 -16.36
C PHE B 190 -5.63 -23.53 -16.60
N ALA B 191 -6.19 -24.14 -15.55
CA ALA B 191 -6.78 -25.48 -15.64
C ALA B 191 -7.98 -25.48 -16.59
N ASP B 192 -8.83 -24.46 -16.48
CA ASP B 192 -9.94 -24.26 -17.41
C ASP B 192 -9.41 -24.06 -18.81
N ALA B 193 -8.30 -23.35 -18.94
CA ALA B 193 -7.70 -23.09 -20.24
C ALA B 193 -7.28 -24.41 -20.91
N VAL B 194 -6.50 -25.23 -20.20
CA VAL B 194 -6.03 -26.51 -20.76
C VAL B 194 -7.20 -27.46 -21.07
N GLN B 195 -8.22 -27.45 -20.22
CA GLN B 195 -9.37 -28.34 -20.38
C GLN B 195 -10.21 -27.95 -21.61
N ALA B 196 -10.05 -26.71 -22.06
CA ALA B 196 -10.66 -26.23 -23.29
C ALA B 196 -9.68 -26.41 -24.45
N ASN B 197 -8.73 -27.34 -24.28
CA ASN B 197 -7.76 -27.73 -25.33
C ASN B 197 -6.96 -26.56 -25.87
N VAL B 198 -6.46 -25.72 -24.96
CA VAL B 198 -5.61 -24.61 -25.35
C VAL B 198 -4.30 -25.16 -25.93
N ALA B 199 -3.92 -24.59 -27.06
CA ALA B 199 -2.76 -25.03 -27.82
C ALA B 199 -1.45 -24.76 -27.10
N SER B 200 -1.40 -23.63 -26.40
CA SER B 200 -0.15 -23.10 -25.91
C SER B 200 -0.28 -22.39 -24.57
N VAL B 201 0.86 -22.30 -23.88
CA VAL B 201 0.99 -21.54 -22.65
C VAL B 201 2.28 -20.73 -22.72
N MET B 202 2.22 -19.47 -22.29
CA MET B 202 3.42 -18.63 -22.19
C MET B 202 3.88 -18.57 -20.75
N CYS B 203 5.13 -18.92 -20.52
CA CYS B 203 5.71 -18.80 -19.16
C CYS B 203 6.19 -17.38 -18.92
N SER B 204 5.99 -16.90 -17.70
CA SER B 204 6.20 -15.49 -17.33
C SER B 204 7.67 -15.08 -17.16
N TYR B 205 7.88 -13.79 -16.94
CA TYR B 205 9.21 -13.19 -16.75
C TYR B 205 9.77 -13.36 -15.33
N ASN B 206 8.89 -13.62 -14.37
CA ASN B 206 9.27 -13.62 -12.96
C ASN B 206 9.85 -14.94 -12.47
N LYS B 207 10.38 -14.92 -11.24
CA LYS B 207 10.85 -16.11 -10.57
C LYS B 207 9.73 -16.68 -9.72
N VAL B 208 9.74 -18.00 -9.57
CA VAL B 208 8.77 -18.70 -8.73
C VAL B 208 9.57 -19.56 -7.77
N ASN B 209 9.40 -19.33 -6.47
CA ASN B 209 10.33 -19.85 -5.47
C ASN B 209 11.78 -19.79 -5.96
N THR B 210 12.18 -18.60 -6.42
CA THR B 210 13.59 -18.29 -6.78
C THR B 210 14.07 -18.85 -8.12
N THR B 211 13.22 -19.65 -8.78
CA THR B 211 13.53 -20.16 -10.11
C THR B 211 12.70 -19.41 -11.14
N TRP B 212 13.35 -18.92 -12.20
CA TRP B 212 12.62 -18.30 -13.30
C TRP B 212 11.58 -19.25 -13.88
N ALA B 213 10.40 -18.70 -14.14
CA ALA B 213 9.23 -19.47 -14.55
C ALA B 213 9.50 -20.36 -15.76
N CYS B 214 10.27 -19.84 -16.71
CA CYS B 214 10.58 -20.59 -17.93
C CYS B 214 11.74 -21.58 -17.74
N GLU B 215 12.04 -21.89 -16.49
CA GLU B 215 13.08 -22.84 -16.12
C GLU B 215 12.65 -23.70 -14.97
N ASP B 216 11.41 -23.54 -14.55
CA ASP B 216 10.93 -24.19 -13.34
C ASP B 216 10.21 -25.49 -13.65
N GLN B 217 10.93 -26.60 -13.51
CA GLN B 217 10.40 -27.93 -13.74
C GLN B 217 9.14 -28.22 -12.90
N TYR B 218 9.10 -27.70 -11.68
CA TYR B 218 7.99 -28.02 -10.80
C TYR B 218 6.67 -27.48 -11.33
N THR B 219 6.66 -26.23 -11.78
CA THR B 219 5.43 -25.62 -12.26
C THR B 219 5.19 -26.00 -13.73
N LEU B 220 6.26 -26.04 -14.52
CA LEU B 220 6.16 -26.43 -15.92
C LEU B 220 5.80 -27.91 -16.10
N GLN B 221 6.70 -28.82 -15.69
CA GLN B 221 6.46 -30.26 -15.85
C GLN B 221 5.42 -30.82 -14.90
N THR B 222 5.66 -30.65 -13.60
CA THR B 222 4.91 -31.38 -12.60
C THR B 222 3.48 -30.89 -12.43
N VAL B 223 3.30 -29.57 -12.37
CA VAL B 223 1.98 -28.99 -12.15
C VAL B 223 1.20 -28.88 -13.46
N LEU B 224 1.74 -28.15 -14.43
CA LEU B 224 1.03 -27.89 -15.70
C LEU B 224 0.91 -29.13 -16.59
N LYS B 225 2.05 -29.64 -17.07
CA LYS B 225 2.03 -30.78 -17.99
C LYS B 225 1.55 -32.09 -17.35
N ASP B 226 2.09 -32.47 -16.19
CA ASP B 226 1.70 -33.73 -15.55
C ASP B 226 0.36 -33.67 -14.81
N GLN B 227 0.21 -32.71 -13.89
CA GLN B 227 -1.01 -32.64 -13.07
C GLN B 227 -2.20 -32.03 -13.79
N LEU B 228 -1.98 -31.05 -14.66
CA LEU B 228 -3.08 -30.48 -15.44
C LEU B 228 -3.27 -31.20 -16.79
N GLY B 229 -2.34 -32.09 -17.12
CA GLY B 229 -2.46 -32.93 -18.31
C GLY B 229 -2.33 -32.17 -19.61
N PHE B 230 -1.50 -31.13 -19.59
CA PHE B 230 -1.35 -30.22 -20.73
C PHE B 230 -0.55 -30.85 -21.87
N PRO B 231 -1.23 -31.15 -23.02
CA PRO B 231 -0.60 -31.78 -24.17
C PRO B 231 0.00 -30.79 -25.18
N GLY B 232 -0.26 -29.50 -24.99
CA GLY B 232 0.28 -28.48 -25.88
C GLY B 232 1.70 -28.09 -25.55
N TYR B 233 2.17 -27.02 -26.18
CA TYR B 233 3.54 -26.53 -25.97
C TYR B 233 3.62 -25.25 -25.13
N VAL B 234 4.74 -25.11 -24.43
CA VAL B 234 5.02 -23.96 -23.56
C VAL B 234 6.07 -23.07 -24.23
N MET B 235 5.73 -21.80 -24.48
CA MET B 235 6.67 -20.82 -25.04
C MET B 235 7.10 -19.81 -23.97
N THR B 236 8.22 -19.11 -24.21
CA THR B 236 8.67 -18.08 -23.27
C THR B 236 7.95 -16.76 -23.58
N ASP B 237 7.85 -15.90 -22.57
CA ASP B 237 7.52 -14.51 -22.84
C ASP B 237 8.78 -13.95 -23.52
N TRP B 238 8.69 -12.74 -24.07
CA TRP B 238 9.73 -12.29 -24.98
C TRP B 238 11.06 -12.03 -24.30
N ASN B 239 11.98 -12.97 -24.54
CA ASN B 239 13.29 -13.03 -23.87
C ASN B 239 13.19 -13.35 -22.37
N ALA B 240 12.19 -14.14 -21.99
CA ALA B 240 12.03 -14.57 -20.61
C ALA B 240 12.88 -15.81 -20.29
N GLN B 241 13.71 -16.21 -21.25
CA GLN B 241 14.55 -17.40 -21.11
C GLN B 241 15.94 -17.01 -20.58
N HIS B 242 16.49 -17.84 -19.72
CA HIS B 242 17.82 -17.56 -19.15
C HIS B 242 18.88 -18.62 -19.43
N THR B 243 18.45 -19.87 -19.69
CA THR B 243 19.39 -20.96 -19.95
C THR B 243 19.04 -21.77 -21.17
N THR B 244 20.08 -22.32 -21.80
CA THR B 244 19.96 -23.27 -22.89
C THR B 244 19.45 -24.60 -22.32
N VAL B 245 20.21 -25.17 -21.39
CA VAL B 245 20.01 -26.56 -20.98
C VAL B 245 18.87 -26.77 -19.97
N GLN B 246 18.85 -25.97 -18.91
CA GLN B 246 17.87 -26.20 -17.86
CA GLN B 246 17.87 -26.13 -17.82
C GLN B 246 16.44 -25.85 -18.28
N SER B 247 16.27 -24.83 -19.12
CA SER B 247 14.94 -24.52 -19.61
C SER B 247 14.40 -25.71 -20.43
N ALA B 248 15.23 -26.23 -21.32
CA ALA B 248 14.91 -27.47 -22.06
C ALA B 248 14.48 -28.59 -21.12
N ASN B 249 15.31 -28.92 -20.15
CA ASN B 249 15.06 -30.08 -19.29
C ASN B 249 13.93 -29.86 -18.28
N SER B 250 13.53 -28.60 -18.08
CA SER B 250 12.44 -28.26 -17.17
C SER B 250 11.05 -28.31 -17.83
N GLY B 251 11.02 -28.24 -19.15
CA GLY B 251 9.78 -28.42 -19.89
C GLY B 251 9.45 -27.32 -20.88
N LEU B 252 10.38 -26.37 -21.06
CA LEU B 252 10.19 -25.33 -22.07
C LEU B 252 10.09 -25.98 -23.45
N ASP B 253 9.24 -25.43 -24.32
CA ASP B 253 9.07 -26.02 -25.66
C ASP B 253 9.48 -25.10 -26.80
N MET B 254 9.42 -23.79 -26.57
CA MET B 254 9.63 -22.79 -27.62
C MET B 254 10.26 -21.50 -27.13
N SER B 255 11.40 -21.15 -27.74
CA SER B 255 12.20 -19.99 -27.38
C SER B 255 11.78 -18.75 -28.16
N MET B 256 11.13 -17.81 -27.49
CA MET B 256 10.58 -16.62 -28.14
C MET B 256 11.18 -15.33 -27.59
N PRO B 257 11.58 -14.41 -28.49
CA PRO B 257 11.50 -14.60 -29.95
C PRO B 257 12.76 -15.23 -30.57
N GLY B 258 13.66 -15.72 -29.73
CA GLY B 258 14.90 -16.34 -30.21
C GLY B 258 16.15 -15.62 -29.75
N THR B 259 16.10 -14.30 -29.73
CA THR B 259 17.18 -13.46 -29.21
C THR B 259 16.58 -12.34 -28.37
N ASP B 260 17.44 -11.41 -27.95
CA ASP B 260 17.01 -10.21 -27.21
C ASP B 260 16.92 -9.02 -28.15
N PHE B 261 16.55 -7.86 -27.60
CA PHE B 261 16.38 -6.62 -28.39
C PHE B 261 17.51 -6.40 -29.39
N ASN B 262 18.73 -6.78 -29.01
CA ASN B 262 19.93 -6.48 -29.79
C ASN B 262 20.39 -7.61 -30.69
N GLY B 263 19.87 -8.81 -30.45
CA GLY B 263 20.22 -9.95 -31.27
C GLY B 263 21.20 -10.90 -30.60
N ASN B 264 21.41 -10.69 -29.30
CA ASN B 264 22.23 -11.58 -28.48
C ASN B 264 21.31 -12.46 -27.65
N ASN B 265 21.90 -13.28 -26.77
CA ASN B 265 21.15 -14.22 -25.92
C ASN B 265 20.37 -15.29 -26.70
N ARG B 266 20.93 -15.74 -27.81
CA ARG B 266 20.35 -16.86 -28.55
C ARG B 266 20.59 -18.17 -27.79
N LEU B 267 19.66 -18.51 -26.90
CA LEU B 267 19.84 -19.65 -26.00
C LEU B 267 19.52 -21.00 -26.63
N TRP B 268 18.64 -20.99 -27.63
CA TRP B 268 18.41 -22.19 -28.43
C TRP B 268 19.00 -21.96 -29.81
N GLY B 269 18.29 -22.34 -30.87
CA GLY B 269 18.92 -22.43 -32.18
C GLY B 269 20.16 -23.34 -32.05
N PRO B 270 21.29 -22.91 -32.64
CA PRO B 270 22.56 -23.66 -32.63
C PRO B 270 23.02 -24.08 -31.22
N ALA B 271 22.81 -23.21 -30.24
CA ALA B 271 23.13 -23.55 -28.86
C ALA B 271 22.37 -24.82 -28.41
N LEU B 272 21.12 -24.97 -28.86
CA LEU B 272 20.31 -26.14 -28.51
C LEU B 272 20.81 -27.41 -29.21
N THR B 273 21.09 -27.28 -30.51
CA THR B 273 21.74 -28.32 -31.30
C THR B 273 23.02 -28.78 -30.60
N ASN B 274 23.82 -27.80 -30.16
CA ASN B 274 25.02 -28.08 -29.39
C ASN B 274 24.71 -28.81 -28.11
N ALA B 275 23.63 -28.43 -27.44
CA ALA B 275 23.27 -29.02 -26.14
C ALA B 275 22.93 -30.51 -26.23
N VAL B 276 22.42 -30.95 -27.38
CA VAL B 276 22.01 -32.34 -27.53
C VAL B 276 23.16 -33.20 -28.07
N ASN B 277 24.04 -32.57 -28.85
CA ASN B 277 25.31 -33.17 -29.25
C ASN B 277 26.22 -33.40 -28.05
N SER B 278 26.03 -32.57 -27.03
CA SER B 278 26.84 -32.63 -25.83
C SER B 278 26.19 -33.57 -24.79
N ASN B 279 25.03 -34.12 -25.16
CA ASN B 279 24.24 -34.98 -24.29
C ASN B 279 23.64 -34.27 -23.07
N GLN B 280 23.69 -32.94 -23.09
CA GLN B 280 23.15 -32.11 -22.00
C GLN B 280 21.63 -32.12 -21.98
N VAL B 281 21.03 -32.18 -23.17
CA VAL B 281 19.60 -32.30 -23.31
C VAL B 281 19.36 -33.53 -24.17
N PRO B 282 18.58 -34.51 -23.68
CA PRO B 282 18.36 -35.70 -24.49
C PRO B 282 17.45 -35.42 -25.69
N THR B 283 17.71 -36.12 -26.79
CA THR B 283 16.94 -36.04 -28.02
C THR B 283 15.45 -36.28 -27.78
N SER B 284 15.13 -37.14 -26.82
CA SER B 284 13.74 -37.46 -26.50
C SER B 284 12.97 -36.23 -25.99
N ARG B 285 13.67 -35.35 -25.26
CA ARG B 285 13.08 -34.13 -24.74
C ARG B 285 12.77 -33.16 -25.87
N VAL B 286 13.73 -32.95 -26.77
CA VAL B 286 13.50 -32.13 -27.96
C VAL B 286 12.37 -32.72 -28.79
N ASP B 287 12.38 -34.04 -28.99
CA ASP B 287 11.32 -34.74 -29.73
C ASP B 287 9.95 -34.40 -29.17
N ASP B 288 9.88 -34.34 -27.84
CA ASP B 288 8.64 -34.03 -27.12
C ASP B 288 8.18 -32.60 -27.37
N MET B 289 9.15 -31.67 -27.48
CA MET B 289 8.86 -30.26 -27.75
C MET B 289 8.15 -30.12 -29.08
N VAL B 290 8.62 -30.90 -30.05
CA VAL B 290 8.14 -30.83 -31.41
C VAL B 290 6.77 -31.49 -31.48
N THR B 291 6.62 -32.62 -30.79
CA THR B 291 5.35 -33.32 -30.71
C THR B 291 4.26 -32.36 -30.23
N ARG B 292 4.57 -31.62 -29.18
CA ARG B 292 3.67 -30.63 -28.59
C ARG B 292 3.31 -29.50 -29.58
N ILE B 293 4.34 -28.91 -30.18
CA ILE B 293 4.15 -27.85 -31.20
C ILE B 293 3.36 -28.35 -32.42
N LEU B 294 3.81 -29.47 -33.00
CA LEU B 294 3.17 -30.00 -34.21
C LEU B 294 1.74 -30.45 -33.99
N ALA B 295 1.46 -30.97 -32.80
CA ALA B 295 0.11 -31.41 -32.45
C ALA B 295 -0.82 -30.23 -32.31
N ALA B 296 -0.33 -29.11 -31.78
CA ALA B 296 -1.15 -27.90 -31.70
C ALA B 296 -1.56 -27.46 -33.10
N TRP B 297 -0.63 -27.57 -34.05
CA TRP B 297 -0.84 -27.27 -35.46
C TRP B 297 -1.91 -28.19 -36.06
N TYR B 298 -1.86 -29.47 -35.72
CA TYR B 298 -2.81 -30.46 -36.23
C TYR B 298 -4.14 -30.39 -35.49
N LEU B 299 -4.10 -29.98 -34.22
CA LEU B 299 -5.29 -29.81 -33.38
C LEU B 299 -6.24 -28.78 -33.98
N THR B 300 -5.65 -27.77 -34.61
CA THR B 300 -6.40 -26.63 -35.14
C THR B 300 -6.53 -26.66 -36.66
N GLY B 301 -6.06 -27.73 -37.29
CA GLY B 301 -6.24 -27.93 -38.72
C GLY B 301 -5.48 -26.97 -39.59
N GLN B 302 -4.34 -26.48 -39.11
CA GLN B 302 -3.56 -25.50 -39.85
C GLN B 302 -2.69 -26.19 -40.91
N ASP B 303 -2.70 -27.52 -40.86
CA ASP B 303 -2.02 -28.34 -41.83
C ASP B 303 -2.80 -28.38 -43.15
N GLN B 304 -4.12 -28.15 -43.08
CA GLN B 304 -4.97 -28.20 -44.26
C GLN B 304 -4.65 -27.05 -45.23
N ALA B 305 -4.99 -27.26 -46.49
CA ALA B 305 -4.54 -26.43 -47.63
C ALA B 305 -4.91 -24.94 -47.63
N GLY B 306 -6.00 -24.55 -46.98
CA GLY B 306 -6.52 -23.20 -47.13
C GLY B 306 -5.93 -21.99 -46.39
N TYR B 307 -4.97 -22.20 -45.49
CA TYR B 307 -4.53 -21.10 -44.60
C TYR B 307 -4.03 -19.87 -45.36
N PRO B 308 -4.56 -18.68 -44.99
CA PRO B 308 -4.16 -17.43 -45.65
C PRO B 308 -2.74 -17.03 -45.31
N SER B 309 -2.08 -16.34 -46.24
CA SER B 309 -0.72 -15.88 -46.05
C SER B 309 -0.72 -14.63 -45.17
N PHE B 310 0.42 -14.36 -44.52
CA PHE B 310 0.55 -13.23 -43.59
C PHE B 310 0.44 -11.88 -44.29
N ASN B 311 -0.56 -11.10 -43.90
CA ASN B 311 -0.74 -9.73 -44.37
C ASN B 311 -1.60 -8.98 -43.36
N ILE B 312 -0.96 -8.07 -42.62
CA ILE B 312 -1.62 -7.36 -41.53
C ILE B 312 -2.16 -6.00 -41.97
N SER B 313 -2.09 -5.73 -43.27
CA SER B 313 -2.74 -4.55 -43.82
C SER B 313 -4.03 -4.90 -44.55
N ARG B 314 -4.49 -6.14 -44.41
CA ARG B 314 -5.79 -6.56 -44.96
C ARG B 314 -6.92 -6.10 -44.03
N ASN B 315 -7.99 -5.57 -44.60
CA ASN B 315 -9.14 -5.19 -43.79
C ASN B 315 -9.98 -6.42 -43.43
N VAL B 316 -9.92 -6.79 -42.16
CA VAL B 316 -10.52 -8.03 -41.70
C VAL B 316 -11.62 -7.73 -40.67
N GLN B 317 -11.99 -6.46 -40.56
CA GLN B 317 -12.93 -6.00 -39.54
C GLN B 317 -14.31 -6.63 -39.62
N GLY B 318 -14.81 -6.84 -40.84
CA GLY B 318 -16.15 -7.38 -41.07
C GLY B 318 -17.19 -6.54 -40.37
N ASN B 319 -18.15 -7.18 -39.71
CA ASN B 319 -19.05 -6.46 -38.79
C ASN B 319 -18.84 -6.93 -37.35
N HIS B 320 -17.58 -7.26 -37.01
CA HIS B 320 -17.22 -7.73 -35.66
C HIS B 320 -17.46 -6.66 -34.57
N LYS B 321 -17.59 -5.39 -34.98
CA LYS B 321 -17.91 -4.31 -34.04
C LYS B 321 -19.16 -4.53 -33.18
N THR B 322 -20.06 -5.40 -33.62
CA THR B 322 -21.25 -5.71 -32.84
C THR B 322 -20.86 -6.31 -31.49
N ASN B 323 -19.86 -7.21 -31.49
CA ASN B 323 -19.37 -7.78 -30.24
C ASN B 323 -18.79 -6.71 -29.33
N VAL B 324 -18.00 -5.82 -29.91
CA VAL B 324 -17.38 -4.74 -29.16
C VAL B 324 -18.47 -3.83 -28.61
N ARG B 325 -19.44 -3.48 -29.46
CA ARG B 325 -20.56 -2.62 -29.05
C ARG B 325 -21.29 -3.24 -27.87
N ALA B 326 -21.61 -4.53 -27.99
CA ALA B 326 -22.39 -5.23 -26.98
C ALA B 326 -21.66 -5.39 -25.65
N ILE B 327 -20.34 -5.55 -25.69
CA ILE B 327 -19.56 -5.74 -24.46
C ILE B 327 -19.21 -4.40 -23.80
N ALA B 328 -18.77 -3.44 -24.61
CA ALA B 328 -18.64 -2.06 -24.15
C ALA B 328 -19.91 -1.68 -23.39
N ARG B 329 -21.06 -2.02 -23.97
CA ARG B 329 -22.37 -1.65 -23.43
C ARG B 329 -22.79 -2.48 -22.21
N ASP B 330 -22.79 -3.81 -22.35
CA ASP B 330 -23.25 -4.66 -21.26
C ASP B 330 -22.20 -4.88 -20.16
N GLY B 331 -21.02 -4.30 -20.35
CA GLY B 331 -19.95 -4.36 -19.36
C GLY B 331 -19.97 -3.18 -18.40
N ILE B 332 -20.78 -2.18 -18.72
CA ILE B 332 -20.94 -0.99 -17.87
C ILE B 332 -21.61 -1.40 -16.57
N VAL B 333 -21.07 -0.91 -15.46
CA VAL B 333 -21.65 -1.15 -14.13
C VAL B 333 -22.22 0.17 -13.62
N LEU B 334 -23.46 0.13 -13.17
CA LEU B 334 -24.09 1.29 -12.55
C LEU B 334 -23.88 1.14 -11.05
N LEU B 335 -23.20 2.12 -10.46
CA LEU B 335 -22.82 2.04 -9.04
C LEU B 335 -23.79 2.79 -8.13
N LYS B 336 -24.35 3.90 -8.63
CA LYS B 336 -25.28 4.72 -7.86
C LYS B 336 -26.29 5.43 -8.77
N ASN B 337 -27.57 5.36 -8.41
CA ASN B 337 -28.59 6.09 -9.17
C ASN B 337 -29.70 6.61 -8.27
N ASP B 338 -29.56 7.86 -7.85
CA ASP B 338 -30.50 8.49 -6.91
C ASP B 338 -31.62 9.20 -7.61
N ALA B 339 -32.82 9.06 -7.04
CA ALA B 339 -34.03 9.74 -7.55
C ALA B 339 -34.20 9.55 -9.06
N ASN B 340 -33.81 8.39 -9.56
CA ASN B 340 -33.95 8.04 -10.98
C ASN B 340 -33.37 9.08 -11.93
N ILE B 341 -32.28 9.76 -11.53
CA ILE B 341 -31.63 10.73 -12.42
C ILE B 341 -31.32 10.09 -13.79
N LEU B 342 -31.01 8.80 -13.77
CA LEU B 342 -30.81 8.00 -14.97
C LEU B 342 -31.93 6.97 -15.10
N PRO B 343 -32.40 6.70 -16.32
CA PRO B 343 -31.95 7.28 -17.59
C PRO B 343 -32.39 8.74 -17.75
N LEU B 344 -31.67 9.48 -18.57
CA LEU B 344 -32.05 10.84 -18.94
C LEU B 344 -33.37 10.83 -19.70
N LYS B 345 -34.14 11.91 -19.58
CA LYS B 345 -35.41 12.05 -20.30
C LYS B 345 -35.66 13.50 -20.72
N LYS B 346 -35.24 13.83 -21.93
CA LYS B 346 -35.47 15.13 -22.57
C LYS B 346 -35.20 16.35 -21.67
N PRO B 347 -34.01 16.44 -21.06
CA PRO B 347 -33.75 17.63 -20.23
C PRO B 347 -33.42 18.83 -21.11
N ALA B 348 -33.61 20.04 -20.58
CA ALA B 348 -33.38 21.26 -21.36
C ALA B 348 -31.91 21.45 -21.77
N SER B 349 -30.98 21.15 -20.87
CA SER B 349 -29.56 21.32 -21.14
C SER B 349 -28.69 20.31 -20.42
N ILE B 350 -27.59 19.92 -21.07
CA ILE B 350 -26.60 18.99 -20.53
C ILE B 350 -25.21 19.61 -20.61
N ALA B 351 -24.46 19.52 -19.52
CA ALA B 351 -23.05 19.89 -19.52
C ALA B 351 -22.16 18.65 -19.58
N VAL B 352 -21.15 18.68 -20.45
CA VAL B 352 -20.15 17.62 -20.54
C VAL B 352 -18.77 18.17 -20.13
N VAL B 353 -18.20 17.62 -19.05
CA VAL B 353 -16.95 18.13 -18.48
C VAL B 353 -15.85 17.05 -18.41
N GLY B 354 -14.64 17.40 -18.87
CA GLY B 354 -13.47 16.53 -18.74
C GLY B 354 -12.68 16.36 -20.02
N SER B 355 -11.36 16.30 -19.91
CA SER B 355 -10.51 15.99 -21.06
C SER B 355 -10.84 14.61 -21.62
N ALA B 356 -11.34 13.73 -20.76
CA ALA B 356 -11.63 12.35 -21.12
C ALA B 356 -12.93 12.21 -21.92
N ALA B 357 -13.63 13.32 -22.11
CA ALA B 357 -14.89 13.33 -22.86
C ALA B 357 -14.65 13.37 -24.38
N ILE B 358 -13.56 13.98 -24.81
CA ILE B 358 -13.30 14.17 -26.24
C ILE B 358 -12.24 13.23 -26.79
N ILE B 359 -12.04 13.24 -28.10
CA ILE B 359 -10.99 12.49 -28.75
C ILE B 359 -9.63 13.07 -28.34
N GLY B 360 -8.73 12.22 -27.84
CA GLY B 360 -7.35 12.63 -27.65
C GLY B 360 -6.38 11.69 -28.35
N ASN B 361 -5.09 11.87 -28.04
CA ASN B 361 -4.00 11.10 -28.62
C ASN B 361 -4.08 9.59 -28.40
N HIS B 362 -4.84 9.18 -27.37
CA HIS B 362 -5.08 7.76 -27.11
C HIS B 362 -5.99 7.19 -28.20
N ALA B 363 -7.13 7.83 -28.42
CA ALA B 363 -8.09 7.41 -29.43
C ALA B 363 -7.56 7.57 -30.85
N ARG B 364 -6.71 8.58 -31.07
CA ARG B 364 -6.21 8.90 -32.40
C ARG B 364 -5.11 7.97 -32.93
N ASN B 365 -4.59 7.09 -32.09
CA ASN B 365 -3.41 6.29 -32.41
C ASN B 365 -2.21 7.19 -32.68
N SER B 366 -2.12 8.31 -31.96
CA SER B 366 -1.06 9.30 -32.15
C SER B 366 0.35 8.71 -31.97
N PRO B 367 1.32 9.17 -32.79
CA PRO B 367 2.68 8.61 -32.75
C PRO B 367 3.45 8.92 -31.46
N SER B 368 2.98 9.89 -30.68
CA SER B 368 3.56 10.16 -29.37
C SER B 368 2.84 9.37 -28.28
N CYS B 369 2.01 8.41 -28.70
CA CYS B 369 1.23 7.58 -27.79
C CYS B 369 1.20 6.13 -28.27
N ASN B 370 2.38 5.59 -28.58
CA ASN B 370 2.52 4.21 -29.08
C ASN B 370 2.18 3.14 -28.04
N ASP B 371 1.66 2.01 -28.52
CA ASP B 371 1.15 0.93 -27.65
C ASP B 371 0.11 1.47 -26.67
N LYS B 372 -0.55 2.56 -27.08
CA LYS B 372 -1.56 3.29 -26.26
C LYS B 372 -0.98 3.90 -24.98
N GLY B 373 0.34 4.09 -24.96
CA GLY B 373 1.07 4.61 -23.79
C GLY B 373 0.78 6.06 -23.43
N CYS B 374 -0.47 6.35 -23.13
CA CYS B 374 -0.91 7.69 -22.72
C CYS B 374 -2.37 7.69 -22.30
N ASP B 375 -2.72 8.60 -21.38
CA ASP B 375 -4.10 8.89 -21.05
C ASP B 375 -4.44 10.31 -21.50
N ASP B 376 -4.68 10.47 -22.80
CA ASP B 376 -5.01 11.77 -23.36
C ASP B 376 -6.32 11.67 -24.17
N GLY B 377 -7.37 12.23 -23.61
CA GLY B 377 -8.71 12.16 -24.20
C GLY B 377 -9.45 10.94 -23.70
N ALA B 378 -10.45 10.51 -24.46
CA ALA B 378 -11.23 9.32 -24.13
C ALA B 378 -10.36 8.06 -24.07
N LEU B 379 -10.60 7.26 -23.04
CA LEU B 379 -9.77 6.11 -22.71
C LEU B 379 -10.54 4.81 -22.94
N GLY B 380 -9.94 3.92 -23.73
CA GLY B 380 -10.58 2.66 -24.12
C GLY B 380 -9.93 1.38 -23.64
N MET B 381 -8.60 1.42 -23.44
CA MET B 381 -7.83 0.31 -22.89
C MET B 381 -6.55 0.84 -22.23
N GLY B 382 -5.83 0.00 -21.51
CA GLY B 382 -4.53 0.37 -20.99
C GLY B 382 -3.46 0.32 -22.08
N TRP B 383 -2.20 0.36 -21.65
CA TRP B 383 -1.08 0.39 -22.59
C TRP B 383 -0.23 -0.87 -22.55
N GLY B 384 0.67 -0.98 -23.52
CA GLY B 384 1.61 -2.10 -23.59
C GLY B 384 1.38 -3.00 -24.76
N SER B 385 1.81 -4.25 -24.62
CA SER B 385 1.71 -5.24 -25.69
C SER B 385 0.28 -5.76 -25.91
N GLY B 386 -0.61 -5.54 -24.95
CA GLY B 386 -2.00 -6.00 -25.04
C GLY B 386 -2.94 -4.95 -25.58
N ALA B 387 -2.37 -3.94 -26.24
CA ALA B 387 -3.14 -2.89 -26.89
C ALA B 387 -2.93 -2.93 -28.41
N VAL B 388 -3.92 -2.43 -29.16
CA VAL B 388 -3.82 -2.34 -30.62
C VAL B 388 -4.24 -0.94 -31.08
N ASN B 389 -3.98 -0.63 -32.34
CA ASN B 389 -4.45 0.61 -32.96
C ASN B 389 -5.96 0.60 -33.17
N TYR B 390 -6.59 1.74 -32.96
CA TYR B 390 -8.03 1.87 -33.15
C TYR B 390 -8.35 2.13 -34.62
N PRO B 391 -9.27 1.33 -35.21
CA PRO B 391 -9.71 1.62 -36.58
C PRO B 391 -10.52 2.92 -36.64
N TYR B 392 -11.32 3.17 -35.59
CA TYR B 392 -12.11 4.39 -35.38
C TYR B 392 -12.35 4.49 -33.86
N PHE B 393 -12.87 5.62 -33.39
CA PHE B 393 -13.23 5.75 -32.00
C PHE B 393 -14.44 6.66 -31.84
N VAL B 394 -15.39 6.25 -31.00
CA VAL B 394 -16.55 7.06 -30.67
C VAL B 394 -16.35 7.73 -29.31
N ALA B 395 -15.93 8.99 -29.33
CA ALA B 395 -15.76 9.77 -28.10
C ALA B 395 -17.14 9.96 -27.48
N PRO B 396 -17.22 9.85 -26.15
CA PRO B 396 -18.49 9.99 -25.45
C PRO B 396 -19.19 11.35 -25.72
N TYR B 397 -18.41 12.42 -25.86
CA TYR B 397 -19.00 13.74 -26.14
C TYR B 397 -19.77 13.71 -27.45
N ASP B 398 -19.06 13.38 -28.53
CA ASP B 398 -19.64 13.33 -29.86
C ASP B 398 -20.95 12.53 -29.89
N ALA B 399 -20.98 11.40 -29.19
CA ALA B 399 -22.17 10.56 -29.13
C ALA B 399 -23.31 11.21 -28.34
N ILE B 400 -22.98 11.87 -27.24
CA ILE B 400 -23.97 12.54 -26.39
C ILE B 400 -24.52 13.78 -27.10
N ASN B 401 -23.64 14.52 -27.76
CA ASN B 401 -24.02 15.72 -28.49
C ASN B 401 -25.02 15.36 -29.57
N THR B 402 -24.71 14.34 -30.35
CA THR B 402 -25.59 13.92 -31.43
C THR B 402 -26.97 13.50 -30.92
N ARG B 403 -26.99 12.65 -29.88
CA ARG B 403 -28.24 12.16 -29.33
C ARG B 403 -29.07 13.30 -28.76
N ALA B 404 -28.45 14.10 -27.88
CA ALA B 404 -29.10 15.23 -27.23
C ALA B 404 -29.64 16.22 -28.25
N SER B 405 -28.77 16.74 -29.12
CA SER B 405 -29.17 17.70 -30.15
C SER B 405 -30.38 17.23 -30.96
N SER B 406 -30.44 15.93 -31.23
CA SER B 406 -31.56 15.36 -31.98
C SER B 406 -32.88 15.48 -31.23
N GLN B 407 -32.82 15.51 -29.89
CA GLN B 407 -34.03 15.62 -29.08
C GLN B 407 -34.27 17.02 -28.51
N GLY B 408 -33.59 18.01 -29.08
CA GLY B 408 -33.77 19.41 -28.70
C GLY B 408 -32.96 19.91 -27.51
N THR B 409 -32.24 19.01 -26.82
CA THR B 409 -31.41 19.39 -25.68
C THR B 409 -30.15 20.15 -26.13
N GLN B 410 -29.81 21.23 -25.43
CA GLN B 410 -28.59 21.97 -25.73
C GLN B 410 -27.44 21.55 -24.82
N VAL B 411 -26.31 21.23 -25.43
CA VAL B 411 -25.16 20.68 -24.73
C VAL B 411 -24.05 21.74 -24.67
N THR B 412 -23.34 21.76 -23.54
CA THR B 412 -22.25 22.70 -23.29
C THR B 412 -21.00 21.92 -22.87
N LEU B 413 -19.95 22.00 -23.69
CA LEU B 413 -18.72 21.25 -23.45
C LEU B 413 -17.65 22.06 -22.72
N SER B 414 -17.01 21.41 -21.75
CA SER B 414 -15.73 21.87 -21.22
C SER B 414 -14.79 20.69 -21.42
N ASN B 415 -13.89 20.82 -22.39
CA ASN B 415 -13.07 19.70 -22.84
C ASN B 415 -11.67 19.62 -22.20
N THR B 416 -11.44 20.43 -21.17
CA THR B 416 -10.25 20.29 -20.33
C THR B 416 -10.64 19.79 -18.93
N ASP B 417 -9.65 19.63 -18.07
CA ASP B 417 -9.88 19.26 -16.67
C ASP B 417 -9.78 20.48 -15.76
N ASN B 418 -9.80 21.66 -16.39
CA ASN B 418 -9.82 22.94 -15.68
C ASN B 418 -11.11 23.08 -14.86
N THR B 419 -10.93 23.26 -13.56
CA THR B 419 -12.05 23.27 -12.60
C THR B 419 -13.11 24.35 -12.88
N SER B 420 -12.66 25.59 -13.08
CA SER B 420 -13.60 26.69 -13.27
C SER B 420 -14.24 26.69 -14.66
N SER B 421 -13.48 26.26 -15.67
CA SER B 421 -14.05 26.00 -16.99
C SER B 421 -15.22 25.03 -16.87
N GLY B 422 -15.01 23.98 -16.08
CA GLY B 422 -16.03 22.97 -15.81
C GLY B 422 -17.11 23.51 -14.91
N ALA B 423 -16.73 24.45 -14.04
CA ALA B 423 -17.70 25.10 -13.17
C ALA B 423 -18.64 25.97 -14.01
N SER B 424 -18.05 26.76 -14.91
CA SER B 424 -18.78 27.67 -15.81
C SER B 424 -19.70 26.94 -16.76
N ALA B 425 -19.23 25.80 -17.28
CA ALA B 425 -19.99 25.00 -18.23
C ALA B 425 -21.19 24.34 -17.54
N ALA B 426 -21.01 23.94 -16.29
CA ALA B 426 -22.04 23.21 -15.55
C ALA B 426 -23.12 24.14 -14.99
N ARG B 427 -22.75 25.40 -14.74
CA ARG B 427 -23.65 26.37 -14.10
C ARG B 427 -24.95 26.63 -14.86
N GLY B 428 -26.07 26.29 -14.20
CA GLY B 428 -27.41 26.60 -14.72
C GLY B 428 -27.99 25.56 -15.66
N LYS B 429 -27.27 24.45 -15.84
CA LYS B 429 -27.69 23.37 -16.73
C LYS B 429 -28.45 22.27 -15.97
N ASP B 430 -29.29 21.53 -16.69
CA ASP B 430 -30.17 20.54 -16.06
C ASP B 430 -29.42 19.41 -15.35
N VAL B 431 -28.47 18.80 -16.06
CA VAL B 431 -27.55 17.82 -15.47
C VAL B 431 -26.14 18.08 -16.00
N ALA B 432 -25.14 17.74 -15.20
CA ALA B 432 -23.77 17.86 -15.60
C ALA B 432 -23.11 16.48 -15.56
N ILE B 433 -22.54 16.07 -16.69
CA ILE B 433 -21.86 14.79 -16.76
C ILE B 433 -20.36 15.01 -16.83
N VAL B 434 -19.65 14.45 -15.86
CA VAL B 434 -18.21 14.68 -15.72
C VAL B 434 -17.42 13.36 -15.87
N PHE B 435 -16.37 13.42 -16.67
CA PHE B 435 -15.66 12.24 -17.10
C PHE B 435 -14.28 12.17 -16.45
N ILE B 436 -14.06 11.10 -15.68
CA ILE B 436 -12.77 10.89 -15.01
C ILE B 436 -12.21 9.51 -15.36
N THR B 437 -10.91 9.35 -15.16
CA THR B 437 -10.18 8.19 -15.67
C THR B 437 -9.07 7.72 -14.76
N ALA B 438 -8.63 6.49 -14.99
CA ALA B 438 -7.39 5.97 -14.43
C ALA B 438 -6.80 4.92 -15.36
N ASP B 439 -5.49 5.03 -15.61
CA ASP B 439 -4.79 4.19 -16.57
C ASP B 439 -3.64 3.43 -15.92
N SER B 440 -3.24 2.34 -16.55
CA SER B 440 -2.10 1.52 -16.17
C SER B 440 -1.68 0.74 -17.41
N GLY B 441 -0.68 -0.12 -17.28
CA GLY B 441 -0.23 -0.92 -18.41
C GLY B 441 1.02 -1.72 -18.13
N GLU B 442 1.64 -2.21 -19.19
CA GLU B 442 2.85 -3.03 -19.11
C GLU B 442 4.07 -2.19 -18.66
N GLY B 443 4.89 -2.79 -17.80
CA GLY B 443 6.00 -2.08 -17.14
C GLY B 443 7.04 -1.39 -17.99
N TYR B 444 7.22 -1.84 -19.23
CA TYR B 444 8.23 -1.23 -20.11
C TYR B 444 7.88 0.19 -20.58
N ILE B 445 6.66 0.64 -20.26
CA ILE B 445 6.23 2.02 -20.55
C ILE B 445 5.86 2.74 -19.25
N THR B 446 6.39 3.95 -19.09
CA THR B 446 6.06 4.80 -17.93
C THR B 446 5.20 5.98 -18.40
N VAL B 447 3.93 5.96 -18.00
CA VAL B 447 3.02 7.05 -18.37
C VAL B 447 2.69 7.89 -17.14
N GLU B 448 2.90 9.20 -17.28
CA GLU B 448 2.63 10.19 -16.23
C GLU B 448 3.14 9.74 -14.85
N GLY B 449 4.36 9.19 -14.85
CA GLY B 449 5.05 8.77 -13.64
C GLY B 449 4.65 7.40 -13.12
N ASN B 450 3.76 6.72 -13.84
CA ASN B 450 3.34 5.37 -13.44
C ASN B 450 4.09 4.36 -14.28
N ALA B 451 5.10 3.73 -13.68
CA ALA B 451 5.92 2.75 -14.38
C ALA B 451 5.21 1.39 -14.39
N GLY B 452 4.24 1.26 -15.29
CA GLY B 452 3.42 0.04 -15.37
C GLY B 452 2.26 0.06 -14.40
N ASP B 453 2.50 -0.39 -13.16
CA ASP B 453 1.48 -0.41 -12.12
C ASP B 453 1.13 1.02 -11.73
N ARG B 454 -0.06 1.22 -11.16
CA ARG B 454 -0.48 2.53 -10.67
C ARG B 454 0.24 2.88 -9.35
N ASN B 455 0.54 4.16 -9.20
CA ASN B 455 1.14 4.69 -7.98
C ASN B 455 0.12 4.77 -6.84
N ASN B 456 -1.13 5.02 -7.19
CA ASN B 456 -2.20 5.21 -6.22
C ASN B 456 -3.56 4.86 -6.85
N LEU B 457 -4.60 4.83 -6.03
CA LEU B 457 -5.94 4.45 -6.47
C LEU B 457 -6.87 5.67 -6.63
N ASP B 458 -6.28 6.84 -6.87
CA ASP B 458 -7.05 8.06 -7.12
C ASP B 458 -7.25 8.33 -8.61
N PRO B 459 -8.28 9.13 -8.96
CA PRO B 459 -8.48 9.60 -10.33
C PRO B 459 -7.28 10.32 -10.92
N TRP B 460 -7.09 10.19 -12.23
CA TRP B 460 -6.00 10.87 -12.92
C TRP B 460 -6.35 12.32 -13.19
N HIS B 461 -5.38 13.06 -13.73
CA HIS B 461 -5.54 14.48 -14.07
C HIS B 461 -6.42 15.27 -13.09
N ASN B 462 -6.23 15.01 -11.79
CA ASN B 462 -6.94 15.70 -10.72
C ASN B 462 -8.46 15.61 -10.82
N GLY B 463 -8.95 14.42 -11.14
CA GLY B 463 -10.36 14.14 -11.28
C GLY B 463 -11.19 14.46 -10.06
N ASN B 464 -10.63 14.21 -8.87
CA ASN B 464 -11.32 14.54 -7.62
C ASN B 464 -11.72 16.01 -7.54
N ALA B 465 -10.80 16.87 -7.92
CA ALA B 465 -11.00 18.32 -7.86
C ALA B 465 -11.98 18.76 -8.94
N LEU B 466 -11.94 18.07 -10.09
CA LEU B 466 -12.86 18.39 -11.17
C LEU B 466 -14.31 18.13 -10.78
N VAL B 467 -14.54 16.96 -10.19
CA VAL B 467 -15.87 16.61 -9.72
C VAL B 467 -16.30 17.58 -8.62
N GLN B 468 -15.41 17.82 -7.65
CA GLN B 468 -15.67 18.76 -6.55
C GLN B 468 -16.13 20.11 -7.09
N ALA B 469 -15.35 20.68 -8.03
CA ALA B 469 -15.67 21.97 -8.66
C ALA B 469 -17.06 21.97 -9.33
N VAL B 470 -17.31 20.97 -10.18
CA VAL B 470 -18.60 20.82 -10.85
C VAL B 470 -19.74 20.70 -9.83
N ALA B 471 -19.56 19.85 -8.83
CA ALA B 471 -20.60 19.66 -7.81
C ALA B 471 -20.97 20.96 -7.09
N GLY B 472 -20.03 21.89 -7.00
CA GLY B 472 -20.29 23.20 -6.41
C GLY B 472 -21.01 24.15 -7.34
N ALA B 473 -21.09 23.79 -8.62
CA ALA B 473 -21.75 24.61 -9.64
C ALA B 473 -23.10 24.07 -10.09
N ASN B 474 -23.43 22.84 -9.67
CA ASN B 474 -24.61 22.14 -10.16
C ASN B 474 -25.10 21.08 -9.18
N SER B 475 -26.40 21.03 -8.94
CA SER B 475 -26.97 20.09 -7.97
C SER B 475 -27.23 18.69 -8.48
N ASN B 476 -27.01 18.47 -9.77
CA ASN B 476 -27.30 17.17 -10.38
C ASN B 476 -26.15 16.68 -11.26
N VAL B 477 -25.27 15.91 -10.65
CA VAL B 477 -24.05 15.47 -11.33
C VAL B 477 -24.00 13.96 -11.46
N ILE B 478 -23.80 13.52 -12.71
CA ILE B 478 -23.51 12.14 -13.05
C ILE B 478 -22.00 12.05 -13.34
N VAL B 479 -21.33 11.10 -12.69
CA VAL B 479 -19.89 10.87 -12.87
C VAL B 479 -19.66 9.62 -13.71
N VAL B 480 -18.92 9.76 -14.80
CA VAL B 480 -18.58 8.62 -15.64
C VAL B 480 -17.10 8.29 -15.48
N VAL B 481 -16.82 7.03 -15.14
CA VAL B 481 -15.46 6.54 -14.92
C VAL B 481 -15.08 5.47 -15.96
N HIS B 482 -14.01 5.73 -16.70
CA HIS B 482 -13.37 4.73 -17.55
C HIS B 482 -12.03 4.41 -16.94
N SER B 483 -11.83 3.15 -16.55
CA SER B 483 -10.66 2.82 -15.72
C SER B 483 -10.17 1.37 -15.81
N VAL B 484 -8.84 1.23 -15.67
CA VAL B 484 -8.13 -0.06 -15.68
C VAL B 484 -8.28 -0.87 -14.39
N GLY B 485 -9.02 -0.33 -13.43
CA GLY B 485 -9.21 -1.00 -12.14
C GLY B 485 -9.88 -0.10 -11.12
N ALA B 486 -10.09 -0.64 -9.91
CA ALA B 486 -10.72 0.06 -8.79
C ALA B 486 -10.10 1.42 -8.54
N ILE B 487 -10.97 2.40 -8.30
CA ILE B 487 -10.60 3.74 -7.92
C ILE B 487 -11.36 4.04 -6.63
N ILE B 488 -10.66 4.58 -5.63
CA ILE B 488 -11.30 5.01 -4.38
C ILE B 488 -12.23 6.19 -4.69
N LEU B 489 -13.49 6.08 -4.28
CA LEU B 489 -14.52 7.05 -4.69
C LEU B 489 -15.08 7.94 -3.56
N GLU B 490 -14.49 7.84 -2.37
CA GLU B 490 -15.05 8.46 -1.17
C GLU B 490 -15.23 9.97 -1.25
N GLN B 491 -14.31 10.64 -1.91
CA GLN B 491 -14.39 12.08 -2.03
C GLN B 491 -15.52 12.47 -2.95
N ILE B 492 -15.66 11.72 -4.04
CA ILE B 492 -16.76 11.89 -5.00
C ILE B 492 -18.11 11.64 -4.33
N LEU B 493 -18.20 10.53 -3.60
CA LEU B 493 -19.44 10.11 -2.96
C LEU B 493 -19.85 10.97 -1.76
N ALA B 494 -18.90 11.74 -1.21
CA ALA B 494 -19.19 12.64 -0.10
C ALA B 494 -19.83 13.94 -0.58
N LEU B 495 -19.89 14.12 -1.90
CA LEU B 495 -20.57 15.26 -2.49
C LEU B 495 -22.05 14.93 -2.66
N PRO B 496 -22.94 15.70 -2.00
CA PRO B 496 -24.40 15.49 -2.10
C PRO B 496 -24.94 15.66 -3.51
N GLN B 497 -24.28 16.51 -4.30
CA GLN B 497 -24.73 16.83 -5.66
C GLN B 497 -24.49 15.68 -6.64
N VAL B 498 -23.63 14.73 -6.25
CA VAL B 498 -23.34 13.56 -7.08
C VAL B 498 -24.42 12.50 -6.88
N LYS B 499 -25.31 12.38 -7.87
CA LYS B 499 -26.50 11.54 -7.76
C LYS B 499 -26.33 10.20 -8.46
N ALA B 500 -25.40 10.15 -9.41
CA ALA B 500 -25.16 8.94 -10.18
C ALA B 500 -23.68 8.77 -10.50
N VAL B 501 -23.23 7.51 -10.48
CA VAL B 501 -21.87 7.13 -10.86
C VAL B 501 -21.93 5.97 -11.83
N VAL B 502 -21.39 6.18 -13.03
CA VAL B 502 -21.37 5.16 -14.06
C VAL B 502 -19.95 4.63 -14.25
N TRP B 503 -19.72 3.41 -13.78
CA TRP B 503 -18.45 2.70 -13.94
C TRP B 503 -18.40 2.07 -15.34
N ALA B 504 -17.88 2.84 -16.29
CA ALA B 504 -17.90 2.42 -17.70
C ALA B 504 -16.86 1.39 -18.08
N GLY B 505 -15.83 1.21 -17.25
CA GLY B 505 -14.74 0.26 -17.52
C GLY B 505 -13.92 0.59 -18.77
N LEU B 506 -13.74 -0.40 -19.64
CA LEU B 506 -12.88 -0.29 -20.82
C LEU B 506 -13.59 -0.71 -22.14
N PRO B 507 -14.23 0.26 -22.82
CA PRO B 507 -15.09 0.06 -23.99
C PRO B 507 -14.40 0.01 -25.33
N SER B 508 -13.09 0.29 -25.37
CA SER B 508 -12.36 0.32 -26.63
C SER B 508 -13.01 1.31 -27.61
N GLN B 509 -13.10 0.93 -28.88
CA GLN B 509 -13.50 1.84 -29.97
C GLN B 509 -14.97 2.26 -29.94
N GLU B 510 -15.77 1.58 -29.14
CA GLU B 510 -17.21 1.80 -29.08
C GLU B 510 -17.67 2.67 -27.92
N SER B 511 -16.72 3.31 -27.25
CA SER B 511 -16.95 4.04 -25.99
C SER B 511 -18.25 4.81 -25.86
N GLY B 512 -18.39 5.85 -26.67
CA GLY B 512 -19.52 6.76 -26.59
C GLY B 512 -20.89 6.18 -26.89
N ASN B 513 -20.96 5.28 -27.90
CA ASN B 513 -22.22 4.63 -28.25
C ASN B 513 -22.73 3.78 -27.10
N ALA B 514 -21.84 2.97 -26.54
CA ALA B 514 -22.19 2.10 -25.44
C ALA B 514 -22.69 2.92 -24.26
N LEU B 515 -22.05 4.06 -24.01
CA LEU B 515 -22.43 4.91 -22.89
C LEU B 515 -23.81 5.51 -23.12
N VAL B 516 -24.00 6.11 -24.30
CA VAL B 516 -25.27 6.73 -24.67
C VAL B 516 -26.40 5.71 -24.49
N ASP B 517 -26.14 4.47 -24.93
CA ASP B 517 -27.08 3.35 -24.78
C ASP B 517 -27.62 3.21 -23.36
N VAL B 518 -26.73 3.32 -22.38
CA VAL B 518 -27.12 3.19 -20.98
C VAL B 518 -27.70 4.52 -20.45
N LEU B 519 -27.04 5.63 -20.76
CA LEU B 519 -27.45 6.95 -20.30
C LEU B 519 -28.92 7.26 -20.60
N TRP B 520 -29.32 7.09 -21.86
CA TRP B 520 -30.70 7.29 -22.27
C TRP B 520 -31.62 6.08 -22.01
N GLY B 521 -31.02 4.93 -21.74
CA GLY B 521 -31.80 3.75 -21.37
C GLY B 521 -32.38 2.97 -22.52
N ASP B 522 -31.80 3.12 -23.72
CA ASP B 522 -32.13 2.25 -24.85
C ASP B 522 -31.97 0.78 -24.42
N VAL B 523 -31.04 0.58 -23.49
CA VAL B 523 -30.86 -0.68 -22.76
C VAL B 523 -30.63 -0.31 -21.29
N SER B 524 -31.12 -1.14 -20.38
CA SER B 524 -30.77 -1.00 -18.96
C SER B 524 -29.36 -1.55 -18.72
N PRO B 525 -28.58 -0.87 -17.84
CA PRO B 525 -27.24 -1.38 -17.52
C PRO B 525 -27.35 -2.73 -16.80
N SER B 526 -26.36 -3.60 -16.99
CA SER B 526 -26.51 -4.96 -16.52
C SER B 526 -25.22 -5.63 -16.12
N GLY B 527 -24.11 -4.93 -16.31
CA GLY B 527 -22.80 -5.40 -15.85
C GLY B 527 -22.67 -5.38 -14.34
N LYS B 528 -21.71 -6.17 -13.84
CA LYS B 528 -21.40 -6.20 -12.42
C LYS B 528 -19.90 -6.21 -12.18
N LEU B 529 -19.49 -5.55 -11.10
CA LEU B 529 -18.09 -5.43 -10.72
C LEU B 529 -17.38 -6.77 -10.60
N VAL B 530 -16.16 -6.85 -11.14
CA VAL B 530 -15.36 -8.09 -11.10
C VAL B 530 -14.14 -7.93 -10.19
N TYR B 531 -14.17 -6.86 -9.39
CA TYR B 531 -13.22 -6.59 -8.30
C TYR B 531 -13.89 -5.68 -7.24
N THR B 532 -13.37 -5.69 -6.02
CA THR B 532 -13.92 -4.93 -4.91
C THR B 532 -13.46 -3.48 -4.98
N ILE B 533 -14.40 -2.55 -4.83
CA ILE B 533 -14.08 -1.12 -4.64
C ILE B 533 -14.13 -0.73 -3.15
N ALA B 534 -12.96 -0.49 -2.56
CA ALA B 534 -12.86 -0.19 -1.13
C ALA B 534 -13.14 1.27 -0.79
N LYS B 535 -13.42 1.53 0.49
CA LYS B 535 -13.51 2.90 1.01
C LYS B 535 -12.11 3.52 1.20
N SER B 536 -11.14 2.70 1.60
CA SER B 536 -9.77 3.17 1.79
C SER B 536 -8.77 2.22 1.12
N PRO B 537 -7.68 2.78 0.56
CA PRO B 537 -6.62 1.93 -0.02
C PRO B 537 -6.01 0.98 1.00
N ASN B 538 -6.06 1.36 2.28
CA ASN B 538 -5.54 0.51 3.35
C ASN B 538 -6.39 -0.73 3.61
N ASP B 539 -7.60 -0.76 3.08
CA ASP B 539 -8.44 -1.95 3.25
C ASP B 539 -7.95 -3.16 2.44
N TYR B 540 -7.35 -2.91 1.27
CA TYR B 540 -6.73 -3.97 0.48
C TYR B 540 -5.58 -4.63 1.25
N ASN B 541 -5.41 -5.94 1.07
CA ASN B 541 -4.39 -6.67 1.79
C ASN B 541 -3.12 -7.01 1.01
N THR B 542 -3.06 -6.61 -0.26
CA THR B 542 -1.87 -6.85 -1.08
C THR B 542 -1.30 -5.53 -1.58
N ARG B 543 -0.03 -5.57 -1.96
N ARG B 543 -0.01 -5.52 -1.89
CA ARG B 543 0.72 -4.38 -2.32
CA ARG B 543 0.65 -4.30 -2.35
C ARG B 543 1.57 -4.67 -3.55
C ARG B 543 1.57 -4.65 -3.51
N ILE B 544 2.02 -3.63 -4.23
CA ILE B 544 3.06 -3.80 -5.24
C ILE B 544 4.40 -3.96 -4.48
N VAL B 545 4.99 -5.15 -4.54
CA VAL B 545 6.22 -5.45 -3.78
C VAL B 545 7.46 -4.87 -4.46
N SER B 546 8.21 -4.06 -3.71
CA SER B 546 9.38 -3.35 -4.25
C SER B 546 10.71 -4.03 -3.90
N GLY B 547 10.65 -4.95 -2.94
CA GLY B 547 11.79 -5.82 -2.61
C GLY B 547 11.92 -6.92 -3.66
N GLY B 548 12.67 -7.97 -3.34
CA GLY B 548 12.90 -9.05 -4.32
C GLY B 548 12.08 -10.31 -4.12
N SER B 549 11.11 -10.26 -3.20
CA SER B 549 10.31 -11.42 -2.86
C SER B 549 8.90 -11.06 -2.50
N ASP B 550 7.95 -11.73 -3.16
CA ASP B 550 6.57 -11.69 -2.75
C ASP B 550 6.21 -13.05 -2.17
N SER B 551 5.93 -13.06 -0.88
CA SER B 551 5.69 -14.32 -0.18
C SER B 551 4.26 -14.81 -0.38
N PHE B 552 3.40 -13.96 -0.91
CA PHE B 552 1.99 -14.30 -1.12
C PHE B 552 1.32 -14.78 0.17
N SER B 553 1.66 -14.16 1.30
CA SER B 553 1.21 -14.66 2.61
C SER B 553 -0.29 -14.51 2.82
N GLU B 554 -0.91 -13.59 2.11
CA GLU B 554 -2.37 -13.49 2.08
C GLU B 554 -3.00 -14.82 1.65
N GLY B 555 -2.26 -15.62 0.90
CA GLY B 555 -2.70 -16.96 0.48
C GLY B 555 -3.95 -16.93 -0.41
N LEU B 556 -4.94 -17.71 -0.01
CA LEU B 556 -6.20 -17.82 -0.73
C LEU B 556 -7.09 -16.56 -0.61
N PHE B 557 -6.73 -15.63 0.26
CA PHE B 557 -7.61 -14.53 0.59
C PHE B 557 -7.23 -13.25 -0.15
N ILE B 558 -7.82 -13.06 -1.33
CA ILE B 558 -7.57 -11.86 -2.13
C ILE B 558 -8.87 -11.15 -2.47
N ASP B 559 -8.84 -9.82 -2.52
CA ASP B 559 -10.01 -9.02 -2.92
C ASP B 559 -11.17 -9.29 -1.94
N TYR B 560 -12.32 -9.68 -2.46
CA TYR B 560 -13.52 -9.82 -1.64
C TYR B 560 -13.41 -10.90 -0.57
N LYS B 561 -12.53 -11.87 -0.80
CA LYS B 561 -12.33 -12.98 0.14
C LYS B 561 -11.73 -12.47 1.43
N HIS B 562 -10.68 -11.65 1.32
CA HIS B 562 -10.15 -10.91 2.45
C HIS B 562 -11.24 -10.06 3.13
N PHE B 563 -11.86 -9.18 2.35
CA PHE B 563 -12.90 -8.28 2.84
C PHE B 563 -13.98 -8.98 3.66
N ASP B 564 -14.41 -10.15 3.20
CA ASP B 564 -15.43 -10.95 3.90
C ASP B 564 -14.83 -11.59 5.16
N ASP B 565 -13.62 -12.09 5.02
CA ASP B 565 -12.92 -12.76 6.11
C ASP B 565 -12.62 -11.79 7.26
N ALA B 566 -12.05 -10.64 6.92
CA ALA B 566 -11.62 -9.65 7.92
C ALA B 566 -12.75 -8.71 8.30
N ASN B 567 -13.92 -8.95 7.71
CA ASN B 567 -15.14 -8.24 8.06
C ASN B 567 -15.10 -6.76 7.69
N ILE B 568 -14.45 -6.46 6.56
CA ILE B 568 -14.35 -5.09 6.07
C ILE B 568 -15.47 -4.77 5.08
N THR B 569 -16.23 -3.72 5.38
CA THR B 569 -17.28 -3.24 4.48
C THR B 569 -16.67 -2.45 3.33
N PRO B 570 -16.88 -2.92 2.08
CA PRO B 570 -16.40 -2.17 0.93
C PRO B 570 -17.37 -1.07 0.55
N ARG B 571 -16.92 -0.13 -0.27
CA ARG B 571 -17.84 0.80 -0.90
C ARG B 571 -18.77 0.00 -1.82
N TYR B 572 -18.21 -0.67 -2.83
CA TYR B 572 -18.97 -1.52 -3.74
C TYR B 572 -18.32 -2.89 -3.87
N GLU B 573 -19.08 -3.92 -3.46
CA GLU B 573 -18.56 -5.28 -3.33
C GLU B 573 -18.32 -5.99 -4.68
N PHE B 574 -17.57 -7.09 -4.65
CA PHE B 574 -17.42 -7.94 -5.83
C PHE B 574 -18.80 -8.40 -6.31
N GLY B 575 -19.01 -8.30 -7.62
CA GLY B 575 -20.25 -8.77 -8.24
C GLY B 575 -21.45 -7.88 -8.00
N TYR B 576 -21.18 -6.63 -7.60
CA TYR B 576 -22.20 -5.59 -7.38
C TYR B 576 -22.49 -4.81 -8.65
N GLY B 577 -23.73 -4.38 -8.82
CA GLY B 577 -24.11 -3.47 -9.92
C GLY B 577 -25.60 -3.20 -9.90
N LEU B 578 -26.00 -2.01 -10.39
CA LEU B 578 -27.43 -1.63 -10.44
C LEU B 578 -28.09 -1.77 -11.85
N SER B 579 -29.41 -1.62 -11.89
CA SER B 579 -30.16 -1.62 -13.16
C SER B 579 -31.31 -0.60 -13.10
N TYR B 580 -31.98 -0.34 -14.22
CA TYR B 580 -33.12 0.59 -14.21
C TYR B 580 -34.40 -0.09 -13.75
N THR B 581 -34.30 -1.38 -13.43
CA THR B 581 -35.41 -2.12 -12.86
C THR B 581 -34.94 -2.84 -11.58
N LYS B 582 -35.79 -3.68 -10.99
CA LYS B 582 -35.35 -4.55 -9.89
C LYS B 582 -35.70 -6.01 -10.13
N PHE B 583 -35.17 -6.88 -9.27
CA PHE B 583 -35.25 -8.33 -9.48
C PHE B 583 -35.56 -9.09 -8.21
N ASN B 584 -36.58 -9.94 -8.30
CA ASN B 584 -36.99 -10.76 -7.17
C ASN B 584 -36.49 -12.19 -7.33
N TYR B 585 -35.90 -12.72 -6.26
CA TYR B 585 -35.40 -14.08 -6.25
C TYR B 585 -36.37 -14.96 -5.50
N SER B 586 -36.54 -16.21 -5.94
CA SER B 586 -37.44 -17.14 -5.28
C SER B 586 -37.10 -18.59 -5.62
N ARG B 587 -37.68 -19.51 -4.87
CA ARG B 587 -37.58 -20.96 -5.11
C ARG B 587 -36.16 -21.46 -5.37
N LEU B 588 -35.33 -21.36 -4.35
CA LEU B 588 -33.98 -21.91 -4.43
C LEU B 588 -34.09 -23.43 -4.42
N SER B 589 -33.30 -24.09 -5.26
CA SER B 589 -33.29 -25.55 -5.30
C SER B 589 -31.88 -26.12 -5.46
N VAL B 590 -31.63 -27.21 -4.74
CA VAL B 590 -30.32 -27.83 -4.70
C VAL B 590 -30.49 -29.32 -4.84
N LEU B 591 -29.76 -29.91 -5.78
CA LEU B 591 -29.68 -31.36 -5.93
C LEU B 591 -28.22 -31.77 -6.12
N SER B 592 -27.80 -32.82 -5.40
CA SER B 592 -26.40 -33.23 -5.41
C SER B 592 -26.19 -34.73 -5.27
N THR B 593 -25.22 -35.25 -6.01
CA THR B 593 -24.83 -36.66 -5.93
C THR B 593 -23.35 -36.76 -5.58
N ALA B 594 -22.76 -35.64 -5.16
CA ALA B 594 -21.33 -35.59 -4.91
C ALA B 594 -20.92 -36.46 -3.73
N LYS B 595 -19.98 -37.37 -4.02
CA LYS B 595 -19.36 -38.21 -2.99
C LYS B 595 -18.07 -37.55 -2.51
N SER B 596 -17.81 -37.65 -1.22
CA SER B 596 -16.62 -37.07 -0.59
C SER B 596 -15.34 -37.76 -1.02
N GLY B 597 -14.20 -37.11 -0.77
CA GLY B 597 -12.89 -37.71 -0.99
C GLY B 597 -12.06 -37.05 -2.09
N PRO B 598 -10.97 -37.72 -2.50
CA PRO B 598 -10.17 -37.23 -3.61
C PRO B 598 -10.73 -37.65 -4.97
N ALA B 599 -10.53 -36.81 -5.98
CA ALA B 599 -10.90 -37.15 -7.35
C ALA B 599 -10.15 -38.40 -7.77
N THR B 600 -10.81 -39.28 -8.53
CA THR B 600 -10.25 -40.60 -8.85
C THR B 600 -9.95 -40.84 -10.32
N GLY B 601 -10.45 -39.97 -11.19
CA GLY B 601 -10.26 -40.13 -12.64
C GLY B 601 -8.80 -40.07 -13.09
N ALA B 602 -8.54 -40.69 -14.25
CA ALA B 602 -7.24 -40.61 -14.91
C ALA B 602 -6.98 -39.19 -15.40
N VAL B 603 -5.70 -38.83 -15.55
CA VAL B 603 -5.33 -37.45 -15.84
C VAL B 603 -5.42 -37.16 -17.32
N VAL B 604 -6.40 -36.33 -17.67
CA VAL B 604 -6.60 -35.85 -19.03
C VAL B 604 -6.40 -34.33 -19.01
N PRO B 605 -6.50 -33.65 -20.17
CA PRO B 605 -6.43 -32.19 -20.12
C PRO B 605 -7.36 -31.59 -19.05
N GLY B 606 -6.80 -30.72 -18.21
CA GLY B 606 -7.55 -30.13 -17.10
C GLY B 606 -7.26 -30.78 -15.77
N GLY B 607 -6.91 -32.08 -15.80
CA GLY B 607 -6.61 -32.85 -14.59
C GLY B 607 -7.45 -34.12 -14.54
N PRO B 608 -7.44 -34.82 -13.39
CA PRO B 608 -8.25 -36.03 -13.21
C PRO B 608 -9.66 -35.88 -13.78
N SER B 609 -9.97 -36.65 -14.82
CA SER B 609 -11.20 -36.49 -15.62
C SER B 609 -12.48 -36.12 -14.88
N ASP B 610 -12.66 -36.66 -13.68
CA ASP B 610 -13.88 -36.43 -12.88
C ASP B 610 -14.00 -35.02 -12.30
N LEU B 611 -12.92 -34.23 -12.34
CA LEU B 611 -12.94 -32.88 -11.77
C LEU B 611 -13.84 -31.89 -12.53
N PHE B 612 -13.90 -32.02 -13.86
CA PHE B 612 -14.71 -31.11 -14.68
C PHE B 612 -16.13 -31.60 -14.94
N GLN B 613 -16.43 -32.83 -14.53
CA GLN B 613 -17.80 -33.36 -14.63
C GLN B 613 -18.69 -32.76 -13.55
N ASN B 614 -19.96 -32.54 -13.87
CA ASN B 614 -20.93 -32.04 -12.89
C ASN B 614 -21.28 -33.10 -11.85
N VAL B 615 -21.50 -32.64 -10.62
CA VAL B 615 -21.83 -33.52 -9.50
C VAL B 615 -23.04 -33.02 -8.72
N ALA B 616 -23.50 -31.82 -9.07
CA ALA B 616 -24.61 -31.16 -8.38
C ALA B 616 -25.22 -30.05 -9.23
N THR B 617 -26.42 -29.61 -8.85
CA THR B 617 -27.11 -28.52 -9.53
C THR B 617 -27.79 -27.59 -8.54
N VAL B 618 -27.65 -26.29 -8.79
CA VAL B 618 -28.35 -25.27 -8.03
C VAL B 618 -29.24 -24.44 -8.97
N THR B 619 -30.52 -24.38 -8.62
CA THR B 619 -31.50 -23.61 -9.35
C THR B 619 -32.08 -22.47 -8.49
N VAL B 620 -32.38 -21.35 -9.15
CA VAL B 620 -33.08 -20.23 -8.50
C VAL B 620 -33.89 -19.45 -9.52
N ASP B 621 -35.12 -19.10 -9.15
CA ASP B 621 -36.00 -18.33 -10.01
C ASP B 621 -35.83 -16.84 -9.82
N ILE B 622 -35.88 -16.11 -10.94
CA ILE B 622 -35.71 -14.66 -10.94
C ILE B 622 -36.85 -14.03 -11.74
N ALA B 623 -37.39 -12.95 -11.21
CA ALA B 623 -38.44 -12.20 -11.89
C ALA B 623 -38.13 -10.72 -11.92
N ASN B 624 -38.41 -10.08 -13.04
CA ASN B 624 -38.32 -8.64 -13.16
C ASN B 624 -39.54 -8.04 -12.48
N SER B 625 -39.35 -7.56 -11.25
CA SER B 625 -40.43 -6.96 -10.46
C SER B 625 -40.41 -5.44 -10.56
N GLY B 626 -39.81 -4.93 -11.63
CA GLY B 626 -39.77 -3.50 -11.88
C GLY B 626 -40.58 -3.08 -13.07
N GLN B 627 -40.30 -1.89 -13.58
CA GLN B 627 -41.15 -1.23 -14.58
C GLN B 627 -40.59 -1.23 -16.01
N VAL B 628 -39.31 -1.60 -16.14
CA VAL B 628 -38.67 -1.63 -17.45
C VAL B 628 -37.87 -2.93 -17.66
N THR B 629 -37.67 -3.28 -18.93
CA THR B 629 -36.88 -4.45 -19.28
C THR B 629 -35.43 -4.24 -18.83
N GLY B 630 -34.87 -5.28 -18.20
CA GLY B 630 -33.45 -5.34 -17.86
C GLY B 630 -32.97 -6.76 -17.58
N ALA B 631 -31.67 -6.97 -17.77
CA ALA B 631 -31.03 -8.25 -17.49
C ALA B 631 -30.36 -8.27 -16.11
N GLU B 632 -30.43 -9.42 -15.44
CA GLU B 632 -29.88 -9.59 -14.10
C GLU B 632 -28.82 -10.69 -14.11
N VAL B 633 -27.75 -10.46 -13.35
CA VAL B 633 -26.71 -11.48 -13.19
C VAL B 633 -26.87 -12.14 -11.83
N ALA B 634 -27.31 -13.40 -11.85
CA ALA B 634 -27.47 -14.17 -10.62
C ALA B 634 -26.15 -14.83 -10.30
N GLN B 635 -25.83 -14.93 -9.01
CA GLN B 635 -24.55 -15.47 -8.59
C GLN B 635 -24.66 -16.50 -7.49
N LEU B 636 -23.96 -17.62 -7.68
CA LEU B 636 -23.81 -18.62 -6.64
C LEU B 636 -22.48 -18.46 -5.93
N TYR B 637 -22.56 -18.43 -4.60
CA TYR B 637 -21.40 -18.42 -3.72
C TYR B 637 -21.54 -19.60 -2.76
N ILE B 638 -20.45 -20.37 -2.61
CA ILE B 638 -20.43 -21.57 -1.78
C ILE B 638 -19.55 -21.39 -0.54
N THR B 639 -20.05 -21.87 0.60
CA THR B 639 -19.27 -21.92 1.82
C THR B 639 -18.91 -23.37 2.11
N TYR B 640 -17.64 -23.61 2.42
CA TYR B 640 -17.16 -24.98 2.66
C TYR B 640 -17.58 -25.51 4.03
N PRO B 641 -17.66 -26.85 4.17
CA PRO B 641 -18.13 -27.45 5.42
C PRO B 641 -17.12 -27.34 6.55
N SER B 642 -17.55 -27.70 7.76
CA SER B 642 -16.68 -27.72 8.94
C SER B 642 -15.42 -28.55 8.71
N SER B 643 -15.60 -29.71 8.09
CA SER B 643 -14.50 -30.67 7.87
C SER B 643 -13.39 -30.13 6.96
N ALA B 644 -13.53 -28.89 6.48
CA ALA B 644 -12.56 -28.29 5.57
C ALA B 644 -11.47 -27.50 6.31
N PRO B 645 -10.25 -27.42 5.71
CA PRO B 645 -9.22 -26.51 6.23
C PRO B 645 -9.70 -25.06 6.09
N ARG B 646 -8.94 -24.10 6.64
CA ARG B 646 -9.29 -22.69 6.51
C ARG B 646 -9.47 -22.30 5.03
N THR B 647 -10.70 -21.92 4.68
CA THR B 647 -11.05 -21.57 3.31
C THR B 647 -11.91 -20.30 3.36
N PRO B 648 -11.85 -19.45 2.31
CA PRO B 648 -12.70 -18.24 2.28
C PRO B 648 -14.18 -18.55 2.55
N PRO B 649 -14.90 -17.61 3.20
CA PRO B 649 -16.31 -17.85 3.54
C PRO B 649 -17.20 -17.98 2.31
N LYS B 650 -16.99 -17.15 1.30
CA LYS B 650 -17.74 -17.25 0.06
C LYS B 650 -16.81 -17.33 -1.14
N GLN B 651 -17.06 -18.32 -1.98
CA GLN B 651 -16.40 -18.42 -3.27
C GLN B 651 -17.44 -18.48 -4.38
N LEU B 652 -17.31 -17.60 -5.37
CA LEU B 652 -18.14 -17.67 -6.58
C LEU B 652 -17.94 -19.04 -7.23
N ARG B 653 -19.04 -19.77 -7.38
CA ARG B 653 -19.01 -21.09 -8.03
C ARG B 653 -20.07 -21.23 -9.13
N GLY B 654 -20.63 -20.10 -9.56
CA GLY B 654 -21.59 -20.09 -10.65
C GLY B 654 -22.20 -18.73 -10.90
N PHE B 655 -22.78 -18.55 -12.09
CA PHE B 655 -23.45 -17.30 -12.46
C PHE B 655 -24.27 -17.46 -13.74
N ALA B 656 -25.34 -16.68 -13.85
CA ALA B 656 -26.20 -16.74 -15.03
C ALA B 656 -26.90 -15.41 -15.27
N LYS B 657 -27.01 -15.03 -16.53
CA LYS B 657 -27.61 -13.74 -16.89
C LYS B 657 -28.95 -13.94 -17.61
N LEU B 658 -30.00 -13.38 -17.03
CA LEU B 658 -31.36 -13.51 -17.55
C LEU B 658 -31.85 -12.14 -17.95
N ASN B 659 -32.21 -11.99 -19.22
CA ASN B 659 -32.82 -10.77 -19.69
C ASN B 659 -34.33 -10.91 -19.61
N LEU B 660 -34.96 -10.08 -18.78
CA LEU B 660 -36.40 -10.20 -18.48
C LEU B 660 -37.21 -8.93 -18.73
N THR B 661 -38.42 -9.12 -19.24
CA THR B 661 -39.34 -8.02 -19.48
C THR B 661 -40.07 -7.76 -18.16
N PRO B 662 -40.72 -6.59 -18.03
CA PRO B 662 -41.32 -6.34 -16.72
C PRO B 662 -42.37 -7.40 -16.42
N GLY B 663 -42.26 -8.02 -15.25
CA GLY B 663 -43.19 -9.05 -14.82
C GLY B 663 -42.69 -10.44 -15.18
N GLN B 664 -41.74 -10.51 -16.10
CA GLN B 664 -41.24 -11.78 -16.60
C GLN B 664 -40.36 -12.53 -15.59
N SER B 665 -40.58 -13.83 -15.53
CA SER B 665 -39.84 -14.72 -14.67
C SER B 665 -38.86 -15.55 -15.50
N GLY B 666 -37.83 -16.08 -14.84
CA GLY B 666 -36.85 -16.95 -15.48
C GLY B 666 -36.21 -17.88 -14.47
N THR B 667 -35.51 -18.89 -14.96
CA THR B 667 -34.85 -19.88 -14.11
C THR B 667 -33.35 -19.89 -14.35
N ALA B 668 -32.58 -19.56 -13.32
CA ALA B 668 -31.13 -19.63 -13.37
C ALA B 668 -30.64 -21.00 -12.92
N THR B 669 -29.79 -21.62 -13.73
CA THR B 669 -29.24 -22.93 -13.39
C THR B 669 -27.74 -22.87 -13.24
N PHE B 670 -27.23 -23.33 -12.10
CA PHE B 670 -25.80 -23.40 -11.87
C PHE B 670 -25.36 -24.87 -11.81
N ASN B 671 -24.49 -25.26 -12.73
CA ASN B 671 -23.95 -26.60 -12.74
C ASN B 671 -22.68 -26.64 -11.91
N ILE B 672 -22.61 -27.62 -11.00
CA ILE B 672 -21.47 -27.73 -10.11
C ILE B 672 -20.53 -28.85 -10.55
N ARG B 673 -19.37 -28.47 -11.04
CA ARG B 673 -18.33 -29.42 -11.36
C ARG B 673 -17.71 -29.91 -10.05
N ARG B 674 -17.11 -31.10 -10.05
CA ARG B 674 -16.51 -31.66 -8.85
C ARG B 674 -15.48 -30.70 -8.24
N ARG B 675 -14.71 -30.06 -9.11
CA ARG B 675 -13.66 -29.15 -8.70
C ARG B 675 -14.24 -27.99 -7.90
N ASP B 676 -15.46 -27.58 -8.26
CA ASP B 676 -16.14 -26.48 -7.59
C ASP B 676 -16.44 -26.77 -6.12
N LEU B 677 -16.32 -28.03 -5.72
CA LEU B 677 -16.53 -28.43 -4.34
C LEU B 677 -15.25 -28.98 -3.71
N SER B 678 -14.14 -28.78 -4.40
CA SER B 678 -12.86 -29.33 -4.00
C SER B 678 -11.92 -28.28 -3.41
N TYR B 679 -10.93 -28.76 -2.66
CA TYR B 679 -9.79 -27.93 -2.30
C TYR B 679 -8.54 -28.75 -2.58
N TRP B 680 -7.41 -28.09 -2.74
CA TRP B 680 -6.14 -28.80 -2.85
C TRP B 680 -5.69 -29.23 -1.46
N ASP B 681 -5.42 -30.52 -1.30
CA ASP B 681 -4.91 -31.06 -0.06
C ASP B 681 -3.41 -31.25 -0.19
N THR B 682 -2.66 -30.35 0.43
CA THR B 682 -1.20 -30.36 0.30
C THR B 682 -0.57 -31.65 0.84
N ALA B 683 -1.13 -32.15 1.94
CA ALA B 683 -0.64 -33.38 2.55
C ALA B 683 -0.74 -34.57 1.59
N SER B 684 -1.94 -34.80 1.04
CA SER B 684 -2.17 -35.95 0.18
C SER B 684 -1.84 -35.70 -1.29
N GLN B 685 -1.56 -34.44 -1.63
CA GLN B 685 -1.31 -34.02 -3.02
C GLN B 685 -2.45 -34.42 -3.97
N LYS B 686 -3.68 -34.14 -3.53
CA LYS B 686 -4.89 -34.46 -4.30
C LYS B 686 -5.92 -33.36 -4.18
N TRP B 687 -6.75 -33.22 -5.21
CA TRP B 687 -7.93 -32.36 -5.14
C TRP B 687 -9.03 -33.12 -4.44
N VAL B 688 -9.51 -32.58 -3.32
CA VAL B 688 -10.38 -33.30 -2.42
C VAL B 688 -11.73 -32.60 -2.22
N VAL B 689 -12.81 -33.37 -2.20
CA VAL B 689 -14.11 -32.89 -1.74
C VAL B 689 -14.29 -33.30 -0.27
N PRO B 690 -14.51 -32.32 0.62
CA PRO B 690 -14.72 -32.64 2.03
C PRO B 690 -16.17 -33.03 2.29
N SER B 691 -16.40 -33.88 3.28
CA SER B 691 -17.75 -34.34 3.61
C SER B 691 -18.50 -33.30 4.44
N GLY B 692 -19.80 -33.51 4.60
CA GLY B 692 -20.62 -32.62 5.43
C GLY B 692 -21.49 -31.71 4.60
N SER B 693 -21.85 -30.57 5.19
CA SER B 693 -22.79 -29.64 4.59
C SER B 693 -22.10 -28.39 4.06
N PHE B 694 -22.30 -28.09 2.78
CA PHE B 694 -21.77 -26.87 2.16
C PHE B 694 -22.82 -25.77 2.26
N GLY B 695 -22.38 -24.57 2.58
CA GLY B 695 -23.26 -23.40 2.54
C GLY B 695 -23.57 -22.98 1.11
N ILE B 696 -24.86 -22.75 0.83
CA ILE B 696 -25.28 -22.29 -0.48
C ILE B 696 -25.91 -20.91 -0.36
N SER B 697 -25.30 -19.93 -1.03
CA SER B 697 -25.82 -18.56 -1.02
C SER B 697 -26.01 -18.08 -2.45
N VAL B 698 -27.16 -17.47 -2.70
CA VAL B 698 -27.49 -16.98 -4.03
C VAL B 698 -28.07 -15.58 -3.93
N GLY B 699 -27.60 -14.68 -4.79
CA GLY B 699 -28.10 -13.31 -4.81
C GLY B 699 -27.54 -12.47 -5.94
N ALA B 700 -27.73 -11.15 -5.83
CA ALA B 700 -27.27 -10.18 -6.84
C ALA B 700 -25.82 -9.70 -6.73
N SER B 701 -25.10 -10.16 -5.70
CA SER B 701 -23.68 -9.82 -5.50
C SER B 701 -23.09 -10.74 -4.43
N SER B 702 -21.80 -10.56 -4.13
CA SER B 702 -21.17 -11.34 -3.06
C SER B 702 -21.72 -10.99 -1.69
N ARG B 703 -22.40 -9.84 -1.60
CA ARG B 703 -23.01 -9.39 -0.35
C ARG B 703 -24.52 -9.22 -0.38
N ASP B 704 -25.08 -8.94 -1.56
CA ASP B 704 -26.52 -8.85 -1.74
C ASP B 704 -27.08 -10.26 -1.96
N ILE B 705 -27.11 -11.03 -0.86
CA ILE B 705 -27.62 -12.41 -0.88
C ILE B 705 -29.12 -12.36 -0.63
N ARG B 706 -29.87 -13.08 -1.47
CA ARG B 706 -31.32 -13.10 -1.35
C ARG B 706 -31.81 -14.38 -0.70
N LEU B 707 -31.11 -15.47 -0.95
CA LEU B 707 -31.54 -16.78 -0.48
C LEU B 707 -30.35 -17.66 -0.12
N THR B 708 -30.56 -18.54 0.86
CA THR B 708 -29.53 -19.48 1.32
C THR B 708 -30.07 -20.90 1.48
N SER B 709 -29.20 -21.88 1.28
CA SER B 709 -29.56 -23.28 1.47
C SER B 709 -28.31 -24.06 1.83
N THR B 710 -28.41 -25.39 1.79
CA THR B 710 -27.28 -26.24 2.10
C THR B 710 -27.19 -27.40 1.12
N LEU B 711 -25.97 -27.70 0.69
CA LEU B 711 -25.68 -28.85 -0.16
C LEU B 711 -24.86 -29.83 0.65
N SER B 712 -25.37 -31.05 0.85
CA SER B 712 -24.67 -32.02 1.69
C SER B 712 -23.93 -33.11 0.91
N VAL B 713 -22.75 -33.43 1.40
CA VAL B 713 -21.89 -34.48 0.86
C VAL B 713 -21.56 -35.42 2.02
N ALA B 714 -21.67 -36.73 1.80
CA ALA B 714 -21.39 -37.70 2.87
C ALA B 714 -20.32 -38.72 2.47
#